data_5FPZ
# 
_entry.id   5FPZ 
# 
_audit_conform.dict_name       mmcif_pdbx.dic 
_audit_conform.dict_version    5.383 
_audit_conform.dict_location   http://mmcif.pdb.org/dictionaries/ascii/mmcif_pdbx.dic 
# 
loop_
_database_2.database_id 
_database_2.database_code 
_database_2.pdbx_database_accession 
_database_2.pdbx_DOI 
PDB   5FPZ         pdb_00005fpz 10.2210/pdb5fpz/pdb 
PDBE  EBI-65702    ?            ?                   
WWPDB D_1290065702 ?            ?                   
# 
loop_
_pdbx_audit_revision_history.ordinal 
_pdbx_audit_revision_history.data_content_type 
_pdbx_audit_revision_history.major_revision 
_pdbx_audit_revision_history.minor_revision 
_pdbx_audit_revision_history.revision_date 
1 'Structure model' 1 0 2016-05-04 
2 'Structure model' 1 1 2016-06-01 
3 'Structure model' 1 2 2016-06-15 
4 'Structure model' 1 3 2024-01-10 
# 
_pdbx_audit_revision_details.ordinal             1 
_pdbx_audit_revision_details.revision_ordinal    1 
_pdbx_audit_revision_details.data_content_type   'Structure model' 
_pdbx_audit_revision_details.provider            repository 
_pdbx_audit_revision_details.type                'Initial release' 
_pdbx_audit_revision_details.description         ? 
_pdbx_audit_revision_details.details             ? 
# 
loop_
_pdbx_audit_revision_group.ordinal 
_pdbx_audit_revision_group.revision_ordinal 
_pdbx_audit_revision_group.data_content_type 
_pdbx_audit_revision_group.group 
1 2 'Structure model' 'Database references'    
2 3 'Structure model' 'Database references'    
3 4 'Structure model' 'Data collection'        
4 4 'Structure model' 'Database references'    
5 4 'Structure model' 'Derived calculations'   
6 4 'Structure model' Other                    
7 4 'Structure model' 'Refinement description' 
# 
loop_
_pdbx_audit_revision_category.ordinal 
_pdbx_audit_revision_category.revision_ordinal 
_pdbx_audit_revision_category.data_content_type 
_pdbx_audit_revision_category.category 
1 4 'Structure model' chem_comp_atom                
2 4 'Structure model' chem_comp_bond                
3 4 'Structure model' database_2                    
4 4 'Structure model' pdbx_database_status          
5 4 'Structure model' pdbx_initial_refinement_model 
6 4 'Structure model' pdbx_struct_conn_angle        
7 4 'Structure model' struct_conn                   
8 4 'Structure model' struct_site                   
# 
loop_
_pdbx_audit_revision_item.ordinal 
_pdbx_audit_revision_item.revision_ordinal 
_pdbx_audit_revision_item.data_content_type 
_pdbx_audit_revision_item.item 
1  4 'Structure model' '_database_2.pdbx_DOI'                        
2  4 'Structure model' '_database_2.pdbx_database_accession'         
3  4 'Structure model' '_pdbx_database_status.status_code_sf'        
4  4 'Structure model' '_pdbx_struct_conn_angle.ptnr1_auth_comp_id'  
5  4 'Structure model' '_pdbx_struct_conn_angle.ptnr1_auth_seq_id'   
6  4 'Structure model' '_pdbx_struct_conn_angle.ptnr1_label_asym_id' 
7  4 'Structure model' '_pdbx_struct_conn_angle.ptnr1_label_atom_id' 
8  4 'Structure model' '_pdbx_struct_conn_angle.ptnr1_label_comp_id' 
9  4 'Structure model' '_pdbx_struct_conn_angle.ptnr1_label_seq_id'  
10 4 'Structure model' '_pdbx_struct_conn_angle.ptnr3_auth_comp_id'  
11 4 'Structure model' '_pdbx_struct_conn_angle.ptnr3_auth_seq_id'   
12 4 'Structure model' '_pdbx_struct_conn_angle.ptnr3_label_asym_id' 
13 4 'Structure model' '_pdbx_struct_conn_angle.ptnr3_label_atom_id' 
14 4 'Structure model' '_pdbx_struct_conn_angle.ptnr3_label_comp_id' 
15 4 'Structure model' '_pdbx_struct_conn_angle.ptnr3_label_seq_id'  
16 4 'Structure model' '_pdbx_struct_conn_angle.value'               
17 4 'Structure model' '_struct_conn.pdbx_dist_value'                
18 4 'Structure model' '_struct_conn.ptnr1_auth_comp_id'             
19 4 'Structure model' '_struct_conn.ptnr1_auth_seq_id'              
20 4 'Structure model' '_struct_conn.ptnr1_label_asym_id'            
21 4 'Structure model' '_struct_conn.ptnr1_label_atom_id'            
22 4 'Structure model' '_struct_conn.ptnr1_label_comp_id'            
23 4 'Structure model' '_struct_conn.ptnr1_label_seq_id'             
24 4 'Structure model' '_struct_conn.ptnr2_auth_comp_id'             
25 4 'Structure model' '_struct_conn.ptnr2_auth_seq_id'              
26 4 'Structure model' '_struct_conn.ptnr2_label_asym_id'            
27 4 'Structure model' '_struct_conn.ptnr2_label_atom_id'            
28 4 'Structure model' '_struct_conn.ptnr2_label_comp_id'            
29 4 'Structure model' '_struct_conn.ptnr2_label_seq_id'             
30 4 'Structure model' '_struct_site.pdbx_auth_asym_id'              
31 4 'Structure model' '_struct_site.pdbx_auth_comp_id'              
32 4 'Structure model' '_struct_site.pdbx_auth_seq_id'               
# 
_pdbx_database_status.status_code                     REL 
_pdbx_database_status.entry_id                        5FPZ 
_pdbx_database_status.deposit_site                    PDBE 
_pdbx_database_status.process_site                    PDBE 
_pdbx_database_status.SG_entry                        . 
_pdbx_database_status.recvd_initial_deposition_date   2015-12-03 
_pdbx_database_status.pdb_format_compatible           Y 
_pdbx_database_status.status_code_sf                  REL 
_pdbx_database_status.status_code_mr                  ? 
_pdbx_database_status.status_code_cs                  ? 
_pdbx_database_status.methods_development_category    ? 
_pdbx_database_status.status_code_nmr_data            ? 
# 
loop_
_pdbx_database_related.db_name 
_pdbx_database_related.db_id 
_pdbx_database_related.content_type 
_pdbx_database_related.details 
PDB 5FPX unspecified 'THE STRUCTURE OF KDGF FROM YERSINIA ENTEROCOLITICA.' 
PDB 5FQ0 unspecified 'THE STRUCTURE OF KDGF FROM HALOMONAS SP.'            
# 
loop_
_audit_author.name 
_audit_author.pdbx_ordinal 
'Hobbs, J.K.'    1  
'Lee, S.M.'      2  
'Robb, M.'       3  
'Hof, F.'        4  
'Barr, C.'       5  
'Abe, K.T.'      6  
'Hehemann, J.H.' 7  
'McLean, R.'     8  
'Abbott, D.W.'   9  
'Boraston, A.B.' 10 
# 
_citation.id                        primary 
_citation.title                     
'Kdgf, the Missing Link in the Microbial Metabolism of Uronate Sugars from Pectin and Alginate.' 
_citation.journal_abbrev            Proc.Natl.Acad.Sci.USA 
_citation.journal_volume            113 
_citation.page_first                6188 
_citation.page_last                 ? 
_citation.year                      2016 
_citation.journal_id_ASTM           PNASA6 
_citation.country                   US 
_citation.journal_id_ISSN           0027-8424 
_citation.journal_id_CSD            0040 
_citation.book_publisher            ? 
_citation.pdbx_database_id_PubMed   27185956 
_citation.pdbx_database_id_DOI      10.1073/PNAS.1524214113 
# 
loop_
_citation_author.citation_id 
_citation_author.name 
_citation_author.ordinal 
_citation_author.identifier_ORCID 
primary 'Hobbs, J.K.'    1  ? 
primary 'Lee, S.M.'      2  ? 
primary 'Robb, M.'       3  ? 
primary 'Hof, F.'        4  ? 
primary 'Barr, C.'       5  ? 
primary 'Abe, K.T.'      6  ? 
primary 'Hehemann, J.'   7  ? 
primary 'Mclean, R.'     8  ? 
primary 'Abbott, D.W.'   9  ? 
primary 'Boraston, A.B.' 10 ? 
# 
loop_
_entity.id 
_entity.type 
_entity.src_method 
_entity.pdbx_description 
_entity.formula_weight 
_entity.pdbx_number_of_molecules 
_entity.pdbx_ec 
_entity.pdbx_mutation 
_entity.pdbx_fragment 
_entity.details 
1 polymer     nat 'PECTIN DEGRADATION PROTEIN' 12486.178 1   ? ? ? ? 
2 non-polymer syn 'NICKEL (II) ION'            58.693    1   ? ? ? ? 
3 non-polymer syn 'MALONIC ACID'               104.061   1   ? ? ? ? 
4 water       nat water                        18.015    196 ? ? ? ? 
# 
_entity_name_com.entity_id   1 
_entity_name_com.name        KDGF 
# 
_entity_poly.entity_id                      1 
_entity_poly.type                           'polypeptide(L)' 
_entity_poly.nstd_linkage                   no 
_entity_poly.nstd_monomer                   no 
_entity_poly.pdbx_seq_one_letter_code       
;SKMFFINDETPWEELGNGIKRKVMTWSDDLMMVCVHFDKGAIGVAHKHDIHDQIAYVAAGSFEVEIEGQKRILKAGDAYR
AVKNEMHGAVSLEDNSILIDTFNPKRDDFL
;
_entity_poly.pdbx_seq_one_letter_code_can   
;SKMFFINDETPWEELGNGIKRKVMTWSDDLMMVCVHFDKGAIGVAHKHDIHDQIAYVAAGSFEVEIEGQKRILKAGDAYR
AVKNEMHGAVSLEDNSILIDTFNPKRDDFL
;
_entity_poly.pdbx_strand_id                 A 
_entity_poly.pdbx_target_identifier         ? 
# 
loop_
_pdbx_entity_nonpoly.entity_id 
_pdbx_entity_nonpoly.name 
_pdbx_entity_nonpoly.comp_id 
2 'NICKEL (II) ION' NI  
3 'MALONIC ACID'    MLA 
4 water             HOH 
# 
loop_
_entity_poly_seq.entity_id 
_entity_poly_seq.num 
_entity_poly_seq.mon_id 
_entity_poly_seq.hetero 
1 1   SER n 
1 2   LYS n 
1 3   MET n 
1 4   PHE n 
1 5   PHE n 
1 6   ILE n 
1 7   ASN n 
1 8   ASP n 
1 9   GLU n 
1 10  THR n 
1 11  PRO n 
1 12  TRP n 
1 13  GLU n 
1 14  GLU n 
1 15  LEU n 
1 16  GLY n 
1 17  ASN n 
1 18  GLY n 
1 19  ILE n 
1 20  LYS n 
1 21  ARG n 
1 22  LYS n 
1 23  VAL n 
1 24  MET n 
1 25  THR n 
1 26  TRP n 
1 27  SER n 
1 28  ASP n 
1 29  ASP n 
1 30  LEU n 
1 31  MET n 
1 32  MET n 
1 33  VAL n 
1 34  CYS n 
1 35  VAL n 
1 36  HIS n 
1 37  PHE n 
1 38  ASP n 
1 39  LYS n 
1 40  GLY n 
1 41  ALA n 
1 42  ILE n 
1 43  GLY n 
1 44  VAL n 
1 45  ALA n 
1 46  HIS n 
1 47  LYS n 
1 48  HIS n 
1 49  ASP n 
1 50  ILE n 
1 51  HIS n 
1 52  ASP n 
1 53  GLN n 
1 54  ILE n 
1 55  ALA n 
1 56  TYR n 
1 57  VAL n 
1 58  ALA n 
1 59  ALA n 
1 60  GLY n 
1 61  SER n 
1 62  PHE n 
1 63  GLU n 
1 64  VAL n 
1 65  GLU n 
1 66  ILE n 
1 67  GLU n 
1 68  GLY n 
1 69  GLN n 
1 70  LYS n 
1 71  ARG n 
1 72  ILE n 
1 73  LEU n 
1 74  LYS n 
1 75  ALA n 
1 76  GLY n 
1 77  ASP n 
1 78  ALA n 
1 79  TYR n 
1 80  ARG n 
1 81  ALA n 
1 82  VAL n 
1 83  LYS n 
1 84  ASN n 
1 85  GLU n 
1 86  MET n 
1 87  HIS n 
1 88  GLY n 
1 89  ALA n 
1 90  VAL n 
1 91  SER n 
1 92  LEU n 
1 93  GLU n 
1 94  ASP n 
1 95  ASN n 
1 96  SER n 
1 97  ILE n 
1 98  LEU n 
1 99  ILE n 
1 100 ASP n 
1 101 THR n 
1 102 PHE n 
1 103 ASN n 
1 104 PRO n 
1 105 LYS n 
1 106 ARG n 
1 107 ASP n 
1 108 ASP n 
1 109 PHE n 
1 110 LEU n 
# 
_entity_src_nat.entity_id                  1 
_entity_src_nat.pdbx_src_id                1 
_entity_src_nat.pdbx_alt_source_flag       sample 
_entity_src_nat.pdbx_beg_seq_num           ? 
_entity_src_nat.pdbx_end_seq_num           ? 
_entity_src_nat.common_name                ? 
_entity_src_nat.pdbx_organism_scientific   'YERSINIA ENTEROCOLITICA' 
_entity_src_nat.pdbx_ncbi_taxonomy_id      393305 
_entity_src_nat.genus                      ? 
_entity_src_nat.species                    ? 
_entity_src_nat.strain                     'SUBSP. ENTEROCOLITICA 8081' 
_entity_src_nat.tissue                     ? 
_entity_src_nat.tissue_fraction            ? 
_entity_src_nat.pdbx_secretion             ? 
_entity_src_nat.pdbx_fragment              ? 
_entity_src_nat.pdbx_variant               ? 
_entity_src_nat.pdbx_cell_line             ? 
_entity_src_nat.pdbx_atcc                  9610D 
_entity_src_nat.pdbx_cellular_location     ? 
_entity_src_nat.pdbx_organ                 ? 
_entity_src_nat.pdbx_organelle             ? 
_entity_src_nat.pdbx_cell                  ? 
_entity_src_nat.pdbx_plasmid_name          ? 
_entity_src_nat.pdbx_plasmid_details       ? 
_entity_src_nat.details                    ? 
# 
loop_
_chem_comp.id 
_chem_comp.type 
_chem_comp.mon_nstd_flag 
_chem_comp.name 
_chem_comp.pdbx_synonyms 
_chem_comp.formula 
_chem_comp.formula_weight 
ALA 'L-peptide linking' y ALANINE           ?                                                                    'C3 H7 N O2'     
89.093  
ARG 'L-peptide linking' y ARGININE          ?                                                                    'C6 H15 N4 O2 1' 
175.209 
ASN 'L-peptide linking' y ASPARAGINE        ?                                                                    'C4 H8 N2 O3'    
132.118 
ASP 'L-peptide linking' y 'ASPARTIC ACID'   ?                                                                    'C4 H7 N O4'     
133.103 
CYS 'L-peptide linking' y CYSTEINE          ?                                                                    'C3 H7 N O2 S'   
121.158 
GLN 'L-peptide linking' y GLUTAMINE         ?                                                                    'C5 H10 N2 O3'   
146.144 
GLU 'L-peptide linking' y 'GLUTAMIC ACID'   ?                                                                    'C5 H9 N O4'     
147.129 
GLY 'peptide linking'   y GLYCINE           ?                                                                    'C2 H5 N O2'     
75.067  
HIS 'L-peptide linking' y HISTIDINE         ?                                                                    'C6 H10 N3 O2 1' 
156.162 
HOH non-polymer         . WATER             ?                                                                    'H2 O'           
18.015  
ILE 'L-peptide linking' y ISOLEUCINE        ?                                                                    'C6 H13 N O2'    
131.173 
LEU 'L-peptide linking' y LEUCINE           ?                                                                    'C6 H13 N O2'    
131.173 
LYS 'L-peptide linking' y LYSINE            ?                                                                    'C6 H15 N2 O2 1' 
147.195 
MET 'L-peptide linking' y METHIONINE        ?                                                                    'C5 H11 N O2 S'  
149.211 
MLA non-polymer         . 'MALONIC ACID'    'DICARBOXYLIC ACID C3; PROPANEDIOLIC ACID; METHANEDICARBOXYLIC ACID' 'C3 H4 O4'       
104.061 
NI  non-polymer         . 'NICKEL (II) ION' ?                                                                    'Ni 2'           
58.693  
PHE 'L-peptide linking' y PHENYLALANINE     ?                                                                    'C9 H11 N O2'    
165.189 
PRO 'L-peptide linking' y PROLINE           ?                                                                    'C5 H9 N O2'     
115.130 
SER 'L-peptide linking' y SERINE            ?                                                                    'C3 H7 N O3'     
105.093 
THR 'L-peptide linking' y THREONINE         ?                                                                    'C4 H9 N O3'     
119.119 
TRP 'L-peptide linking' y TRYPTOPHAN        ?                                                                    'C11 H12 N2 O2'  
204.225 
TYR 'L-peptide linking' y TYROSINE          ?                                                                    'C9 H11 N O3'    
181.189 
VAL 'L-peptide linking' y VALINE            ?                                                                    'C5 H11 N O2'    
117.146 
# 
loop_
_pdbx_poly_seq_scheme.asym_id 
_pdbx_poly_seq_scheme.entity_id 
_pdbx_poly_seq_scheme.seq_id 
_pdbx_poly_seq_scheme.mon_id 
_pdbx_poly_seq_scheme.ndb_seq_num 
_pdbx_poly_seq_scheme.pdb_seq_num 
_pdbx_poly_seq_scheme.auth_seq_num 
_pdbx_poly_seq_scheme.pdb_mon_id 
_pdbx_poly_seq_scheme.auth_mon_id 
_pdbx_poly_seq_scheme.pdb_strand_id 
_pdbx_poly_seq_scheme.pdb_ins_code 
_pdbx_poly_seq_scheme.hetero 
A 1 1   SER 1   1   1   SER SER A . n 
A 1 2   LYS 2   2   2   LYS LYS A . n 
A 1 3   MET 3   3   3   MET MET A . n 
A 1 4   PHE 4   4   4   PHE PHE A . n 
A 1 5   PHE 5   5   5   PHE PHE A . n 
A 1 6   ILE 6   6   6   ILE ILE A . n 
A 1 7   ASN 7   7   7   ASN ASN A . n 
A 1 8   ASP 8   8   8   ASP ASP A . n 
A 1 9   GLU 9   9   9   GLU GLU A . n 
A 1 10  THR 10  10  10  THR THR A . n 
A 1 11  PRO 11  11  11  PRO PRO A . n 
A 1 12  TRP 12  12  12  TRP TRP A . n 
A 1 13  GLU 13  13  13  GLU GLU A . n 
A 1 14  GLU 14  14  14  GLU GLU A . n 
A 1 15  LEU 15  15  15  LEU LEU A . n 
A 1 16  GLY 16  16  16  GLY GLY A . n 
A 1 17  ASN 17  17  17  ASN ASN A . n 
A 1 18  GLY 18  18  18  GLY GLY A . n 
A 1 19  ILE 19  19  19  ILE ILE A . n 
A 1 20  LYS 20  20  20  LYS LYS A . n 
A 1 21  ARG 21  21  21  ARG ARG A . n 
A 1 22  LYS 22  22  22  LYS LYS A . n 
A 1 23  VAL 23  23  23  VAL VAL A . n 
A 1 24  MET 24  24  24  MET MET A . n 
A 1 25  THR 25  25  25  THR THR A . n 
A 1 26  TRP 26  26  26  TRP TRP A . n 
A 1 27  SER 27  27  27  SER SER A . n 
A 1 28  ASP 28  28  28  ASP ASP A . n 
A 1 29  ASP 29  29  29  ASP ASP A . n 
A 1 30  LEU 30  30  30  LEU LEU A . n 
A 1 31  MET 31  31  31  MET MET A . n 
A 1 32  MET 32  32  32  MET MET A . n 
A 1 33  VAL 33  33  33  VAL VAL A . n 
A 1 34  CYS 34  34  34  CYS CYS A . n 
A 1 35  VAL 35  35  35  VAL VAL A . n 
A 1 36  HIS 36  36  36  HIS HIS A . n 
A 1 37  PHE 37  37  37  PHE PHE A . n 
A 1 38  ASP 38  38  38  ASP ASP A . n 
A 1 39  LYS 39  39  39  LYS LYS A . n 
A 1 40  GLY 40  40  40  GLY GLY A . n 
A 1 41  ALA 41  41  41  ALA ALA A . n 
A 1 42  ILE 42  42  42  ILE ILE A . n 
A 1 43  GLY 43  43  43  GLY GLY A . n 
A 1 44  VAL 44  44  44  VAL VAL A . n 
A 1 45  ALA 45  45  45  ALA ALA A . n 
A 1 46  HIS 46  46  46  HIS HIS A . n 
A 1 47  LYS 47  47  47  LYS LYS A . n 
A 1 48  HIS 48  48  48  HIS HIS A . n 
A 1 49  ASP 49  49  49  ASP ASP A . n 
A 1 50  ILE 50  50  50  ILE ILE A . n 
A 1 51  HIS 51  51  51  HIS HIS A . n 
A 1 52  ASP 52  52  52  ASP ASP A . n 
A 1 53  GLN 53  53  53  GLN GLN A . n 
A 1 54  ILE 54  54  54  ILE ILE A . n 
A 1 55  ALA 55  55  55  ALA ALA A . n 
A 1 56  TYR 56  56  56  TYR TYR A . n 
A 1 57  VAL 57  57  57  VAL VAL A . n 
A 1 58  ALA 58  58  58  ALA ALA A . n 
A 1 59  ALA 59  59  59  ALA ALA A . n 
A 1 60  GLY 60  60  60  GLY GLY A . n 
A 1 61  SER 61  61  61  SER SER A . n 
A 1 62  PHE 62  62  62  PHE PHE A . n 
A 1 63  GLU 63  63  63  GLU GLU A . n 
A 1 64  VAL 64  64  64  VAL VAL A . n 
A 1 65  GLU 65  65  65  GLU GLU A . n 
A 1 66  ILE 66  66  66  ILE ILE A . n 
A 1 67  GLU 67  67  67  GLU GLU A . n 
A 1 68  GLY 68  68  68  GLY GLY A . n 
A 1 69  GLN 69  69  69  GLN GLN A . n 
A 1 70  LYS 70  70  70  LYS LYS A . n 
A 1 71  ARG 71  71  71  ARG ARG A . n 
A 1 72  ILE 72  72  72  ILE ILE A . n 
A 1 73  LEU 73  73  73  LEU LEU A . n 
A 1 74  LYS 74  74  74  LYS LYS A . n 
A 1 75  ALA 75  75  75  ALA ALA A . n 
A 1 76  GLY 76  76  76  GLY GLY A . n 
A 1 77  ASP 77  77  77  ASP ASP A . n 
A 1 78  ALA 78  78  78  ALA ALA A . n 
A 1 79  TYR 79  79  79  TYR TYR A . n 
A 1 80  ARG 80  80  80  ARG ARG A . n 
A 1 81  ALA 81  81  81  ALA ALA A . n 
A 1 82  VAL 82  82  82  VAL VAL A . n 
A 1 83  LYS 83  83  83  LYS LYS A . n 
A 1 84  ASN 84  84  84  ASN ASN A . n 
A 1 85  GLU 85  85  85  GLU GLU A . n 
A 1 86  MET 86  86  86  MET MET A . n 
A 1 87  HIS 87  87  87  HIS HIS A . n 
A 1 88  GLY 88  88  88  GLY GLY A . n 
A 1 89  ALA 89  89  89  ALA ALA A . n 
A 1 90  VAL 90  90  90  VAL VAL A . n 
A 1 91  SER 91  91  91  SER SER A . n 
A 1 92  LEU 92  92  92  LEU LEU A . n 
A 1 93  GLU 93  93  93  GLU GLU A . n 
A 1 94  ASP 94  94  94  ASP ASP A . n 
A 1 95  ASN 95  95  95  ASN ASN A . n 
A 1 96  SER 96  96  96  SER SER A . n 
A 1 97  ILE 97  97  97  ILE ILE A . n 
A 1 98  LEU 98  98  98  LEU LEU A . n 
A 1 99  ILE 99  99  99  ILE ILE A . n 
A 1 100 ASP 100 100 100 ASP ASP A . n 
A 1 101 THR 101 101 101 THR THR A . n 
A 1 102 PHE 102 102 102 PHE PHE A . n 
A 1 103 ASN 103 103 103 ASN ASN A . n 
A 1 104 PRO 104 104 104 PRO PRO A . n 
A 1 105 LYS 105 105 105 LYS LYS A . n 
A 1 106 ARG 106 106 106 ARG ARG A . n 
A 1 107 ASP 107 107 107 ASP ASP A . n 
A 1 108 ASP 108 108 108 ASP ASP A . n 
A 1 109 PHE 109 109 109 PHE PHE A . n 
A 1 110 LEU 110 110 110 LEU LEU A . n 
# 
loop_
_pdbx_nonpoly_scheme.asym_id 
_pdbx_nonpoly_scheme.entity_id 
_pdbx_nonpoly_scheme.mon_id 
_pdbx_nonpoly_scheme.ndb_seq_num 
_pdbx_nonpoly_scheme.pdb_seq_num 
_pdbx_nonpoly_scheme.auth_seq_num 
_pdbx_nonpoly_scheme.pdb_mon_id 
_pdbx_nonpoly_scheme.auth_mon_id 
_pdbx_nonpoly_scheme.pdb_strand_id 
_pdbx_nonpoly_scheme.pdb_ins_code 
B 2 NI  1   1111 1111 NI  NI  A . 
C 3 MLA 1   1112 1112 MLA MLA A . 
D 4 HOH 1   2001 2001 HOH HOH A . 
D 4 HOH 2   2002 2002 HOH HOH A . 
D 4 HOH 3   2003 2003 HOH HOH A . 
D 4 HOH 4   2004 2004 HOH HOH A . 
D 4 HOH 5   2005 2005 HOH HOH A . 
D 4 HOH 6   2006 2006 HOH HOH A . 
D 4 HOH 7   2007 2007 HOH HOH A . 
D 4 HOH 8   2008 2008 HOH HOH A . 
D 4 HOH 9   2009 2009 HOH HOH A . 
D 4 HOH 10  2010 2010 HOH HOH A . 
D 4 HOH 11  2011 2011 HOH HOH A . 
D 4 HOH 12  2012 2012 HOH HOH A . 
D 4 HOH 13  2013 2013 HOH HOH A . 
D 4 HOH 14  2014 2014 HOH HOH A . 
D 4 HOH 15  2015 2015 HOH HOH A . 
D 4 HOH 16  2016 2016 HOH HOH A . 
D 4 HOH 17  2017 2017 HOH HOH A . 
D 4 HOH 18  2018 2018 HOH HOH A . 
D 4 HOH 19  2019 2019 HOH HOH A . 
D 4 HOH 20  2020 2020 HOH HOH A . 
D 4 HOH 21  2021 2021 HOH HOH A . 
D 4 HOH 22  2022 2022 HOH HOH A . 
D 4 HOH 23  2023 2023 HOH HOH A . 
D 4 HOH 24  2024 2024 HOH HOH A . 
D 4 HOH 25  2025 2025 HOH HOH A . 
D 4 HOH 26  2026 2026 HOH HOH A . 
D 4 HOH 27  2027 2027 HOH HOH A . 
D 4 HOH 28  2028 2028 HOH HOH A . 
D 4 HOH 29  2029 2029 HOH HOH A . 
D 4 HOH 30  2030 2030 HOH HOH A . 
D 4 HOH 31  2031 2031 HOH HOH A . 
D 4 HOH 32  2032 2032 HOH HOH A . 
D 4 HOH 33  2033 2033 HOH HOH A . 
D 4 HOH 34  2034 2034 HOH HOH A . 
D 4 HOH 35  2035 2035 HOH HOH A . 
D 4 HOH 36  2036 2036 HOH HOH A . 
D 4 HOH 37  2037 2037 HOH HOH A . 
D 4 HOH 38  2038 2038 HOH HOH A . 
D 4 HOH 39  2039 2039 HOH HOH A . 
D 4 HOH 40  2040 2040 HOH HOH A . 
D 4 HOH 41  2041 2041 HOH HOH A . 
D 4 HOH 42  2042 2042 HOH HOH A . 
D 4 HOH 43  2043 2043 HOH HOH A . 
D 4 HOH 44  2044 2044 HOH HOH A . 
D 4 HOH 45  2045 2045 HOH HOH A . 
D 4 HOH 46  2046 2046 HOH HOH A . 
D 4 HOH 47  2047 2047 HOH HOH A . 
D 4 HOH 48  2048 2048 HOH HOH A . 
D 4 HOH 49  2049 2049 HOH HOH A . 
D 4 HOH 50  2050 2050 HOH HOH A . 
D 4 HOH 51  2051 2051 HOH HOH A . 
D 4 HOH 52  2052 2052 HOH HOH A . 
D 4 HOH 53  2053 2053 HOH HOH A . 
D 4 HOH 54  2054 2054 HOH HOH A . 
D 4 HOH 55  2055 2055 HOH HOH A . 
D 4 HOH 56  2056 2056 HOH HOH A . 
D 4 HOH 57  2057 2057 HOH HOH A . 
D 4 HOH 58  2058 2058 HOH HOH A . 
D 4 HOH 59  2059 2059 HOH HOH A . 
D 4 HOH 60  2060 2060 HOH HOH A . 
D 4 HOH 61  2061 2061 HOH HOH A . 
D 4 HOH 62  2062 2062 HOH HOH A . 
D 4 HOH 63  2063 2063 HOH HOH A . 
D 4 HOH 64  2064 2064 HOH HOH A . 
D 4 HOH 65  2065 2065 HOH HOH A . 
D 4 HOH 66  2066 2066 HOH HOH A . 
D 4 HOH 67  2067 2067 HOH HOH A . 
D 4 HOH 68  2068 2068 HOH HOH A . 
D 4 HOH 69  2069 2069 HOH HOH A . 
D 4 HOH 70  2070 2070 HOH HOH A . 
D 4 HOH 71  2071 2071 HOH HOH A . 
D 4 HOH 72  2072 2072 HOH HOH A . 
D 4 HOH 73  2073 2073 HOH HOH A . 
D 4 HOH 74  2074 2074 HOH HOH A . 
D 4 HOH 75  2075 2075 HOH HOH A . 
D 4 HOH 76  2076 2076 HOH HOH A . 
D 4 HOH 77  2077 2077 HOH HOH A . 
D 4 HOH 78  2078 2078 HOH HOH A . 
D 4 HOH 79  2079 2079 HOH HOH A . 
D 4 HOH 80  2080 2080 HOH HOH A . 
D 4 HOH 81  2081 2081 HOH HOH A . 
D 4 HOH 82  2082 2082 HOH HOH A . 
D 4 HOH 83  2083 2083 HOH HOH A . 
D 4 HOH 84  2084 2084 HOH HOH A . 
D 4 HOH 85  2085 2085 HOH HOH A . 
D 4 HOH 86  2086 2086 HOH HOH A . 
D 4 HOH 87  2087 2087 HOH HOH A . 
D 4 HOH 88  2088 2088 HOH HOH A . 
D 4 HOH 89  2089 2089 HOH HOH A . 
D 4 HOH 90  2090 2090 HOH HOH A . 
D 4 HOH 91  2091 2091 HOH HOH A . 
D 4 HOH 92  2092 2092 HOH HOH A . 
D 4 HOH 93  2093 2093 HOH HOH A . 
D 4 HOH 94  2094 2094 HOH HOH A . 
D 4 HOH 95  2095 2095 HOH HOH A . 
D 4 HOH 96  2096 2096 HOH HOH A . 
D 4 HOH 97  2097 2097 HOH HOH A . 
D 4 HOH 98  2098 2098 HOH HOH A . 
D 4 HOH 99  2099 2099 HOH HOH A . 
D 4 HOH 100 2100 2100 HOH HOH A . 
D 4 HOH 101 2101 2101 HOH HOH A . 
D 4 HOH 102 2102 2102 HOH HOH A . 
D 4 HOH 103 2103 2103 HOH HOH A . 
D 4 HOH 104 2104 2104 HOH HOH A . 
D 4 HOH 105 2105 2105 HOH HOH A . 
D 4 HOH 106 2106 2106 HOH HOH A . 
D 4 HOH 107 2107 2107 HOH HOH A . 
D 4 HOH 108 2108 2108 HOH HOH A . 
D 4 HOH 109 2109 2109 HOH HOH A . 
D 4 HOH 110 2110 2110 HOH HOH A . 
D 4 HOH 111 2111 2111 HOH HOH A . 
D 4 HOH 112 2112 2112 HOH HOH A . 
D 4 HOH 113 2113 2113 HOH HOH A . 
D 4 HOH 114 2114 2114 HOH HOH A . 
D 4 HOH 115 2115 2115 HOH HOH A . 
D 4 HOH 116 2116 2116 HOH HOH A . 
D 4 HOH 117 2117 2117 HOH HOH A . 
D 4 HOH 118 2118 2118 HOH HOH A . 
D 4 HOH 119 2119 2119 HOH HOH A . 
D 4 HOH 120 2120 2120 HOH HOH A . 
D 4 HOH 121 2121 2121 HOH HOH A . 
D 4 HOH 122 2122 2122 HOH HOH A . 
D 4 HOH 123 2123 2123 HOH HOH A . 
D 4 HOH 124 2124 2124 HOH HOH A . 
D 4 HOH 125 2125 2125 HOH HOH A . 
D 4 HOH 126 2126 2126 HOH HOH A . 
D 4 HOH 127 2127 2127 HOH HOH A . 
D 4 HOH 128 2128 2128 HOH HOH A . 
D 4 HOH 129 2129 2129 HOH HOH A . 
D 4 HOH 130 2130 2130 HOH HOH A . 
D 4 HOH 131 2131 2131 HOH HOH A . 
D 4 HOH 132 2132 2132 HOH HOH A . 
D 4 HOH 133 2133 2133 HOH HOH A . 
D 4 HOH 134 2134 2134 HOH HOH A . 
D 4 HOH 135 2135 2135 HOH HOH A . 
D 4 HOH 136 2136 2136 HOH HOH A . 
D 4 HOH 137 2137 2137 HOH HOH A . 
D 4 HOH 138 2138 2138 HOH HOH A . 
D 4 HOH 139 2139 2139 HOH HOH A . 
D 4 HOH 140 2140 2140 HOH HOH A . 
D 4 HOH 141 2141 2141 HOH HOH A . 
D 4 HOH 142 2142 2142 HOH HOH A . 
D 4 HOH 143 2143 2143 HOH HOH A . 
D 4 HOH 144 2144 2144 HOH HOH A . 
D 4 HOH 145 2145 2145 HOH HOH A . 
D 4 HOH 146 2146 2146 HOH HOH A . 
D 4 HOH 147 2147 2147 HOH HOH A . 
D 4 HOH 148 2148 2148 HOH HOH A . 
D 4 HOH 149 2149 2149 HOH HOH A . 
D 4 HOH 150 2150 2150 HOH HOH A . 
D 4 HOH 151 2151 2151 HOH HOH A . 
D 4 HOH 152 2152 2152 HOH HOH A . 
D 4 HOH 153 2153 2153 HOH HOH A . 
D 4 HOH 154 2154 2154 HOH HOH A . 
D 4 HOH 155 2155 2155 HOH HOH A . 
D 4 HOH 156 2156 2156 HOH HOH A . 
D 4 HOH 157 2157 2157 HOH HOH A . 
D 4 HOH 158 2158 2158 HOH HOH A . 
D 4 HOH 159 2159 2159 HOH HOH A . 
D 4 HOH 160 2160 2160 HOH HOH A . 
D 4 HOH 161 2161 2161 HOH HOH A . 
D 4 HOH 162 2162 2162 HOH HOH A . 
D 4 HOH 163 2163 2163 HOH HOH A . 
D 4 HOH 164 2164 2164 HOH HOH A . 
D 4 HOH 165 2165 2165 HOH HOH A . 
D 4 HOH 166 2166 2166 HOH HOH A . 
D 4 HOH 167 2167 2167 HOH HOH A . 
D 4 HOH 168 2168 2168 HOH HOH A . 
D 4 HOH 169 2169 2169 HOH HOH A . 
D 4 HOH 170 2170 2170 HOH HOH A . 
D 4 HOH 171 2171 2171 HOH HOH A . 
D 4 HOH 172 2172 2172 HOH HOH A . 
D 4 HOH 173 2173 2173 HOH HOH A . 
D 4 HOH 174 2174 2174 HOH HOH A . 
D 4 HOH 175 2175 2175 HOH HOH A . 
D 4 HOH 176 2176 2176 HOH HOH A . 
D 4 HOH 177 2177 2177 HOH HOH A . 
D 4 HOH 178 2178 2178 HOH HOH A . 
D 4 HOH 179 2179 2179 HOH HOH A . 
D 4 HOH 180 2180 2180 HOH HOH A . 
D 4 HOH 181 2181 2181 HOH HOH A . 
D 4 HOH 182 2182 2182 HOH HOH A . 
D 4 HOH 183 2183 2183 HOH HOH A . 
D 4 HOH 184 2184 2184 HOH HOH A . 
D 4 HOH 185 2185 2185 HOH HOH A . 
D 4 HOH 186 2186 2186 HOH HOH A . 
D 4 HOH 187 2187 2187 HOH HOH A . 
D 4 HOH 188 2188 2188 HOH HOH A . 
D 4 HOH 189 2189 2189 HOH HOH A . 
D 4 HOH 190 2190 2190 HOH HOH A . 
D 4 HOH 191 2191 2191 HOH HOH A . 
D 4 HOH 192 2192 2192 HOH HOH A . 
D 4 HOH 193 2193 2193 HOH HOH A . 
D 4 HOH 194 2194 2194 HOH HOH A . 
D 4 HOH 195 2195 2195 HOH HOH A . 
D 4 HOH 196 2196 2196 HOH HOH A . 
# 
loop_
_software.name 
_software.classification 
_software.version 
_software.citation_id 
_software.pdbx_ordinal 
REFMAC refinement 5.8.0073 ? 1 
PHASER phasing    .        ? 2 
# 
_cell.entry_id           5FPZ 
_cell.length_a           60.190 
_cell.length_b           60.190 
_cell.length_c           67.831 
_cell.angle_alpha        90.00 
_cell.angle_beta         90.00 
_cell.angle_gamma        120.00 
_cell.Z_PDB              6 
_cell.pdbx_unique_axis   ? 
# 
_symmetry.entry_id                         5FPZ 
_symmetry.space_group_name_H-M             'P 32 2 1' 
_symmetry.pdbx_full_space_group_name_H-M   ? 
_symmetry.cell_setting                     ? 
_symmetry.Int_Tables_number                154 
# 
_exptl.entry_id          5FPZ 
_exptl.method            'X-RAY DIFFRACTION' 
_exptl.crystals_number   ? 
# 
_exptl_crystal.id                    1 
_exptl_crystal.density_meas          ? 
_exptl_crystal.density_Matthews      2.84 
_exptl_crystal.density_percent_sol   56.70 
_exptl_crystal.description           NONE 
# 
_diffrn.id                     1 
_diffrn.ambient_temp           113 
_diffrn.ambient_temp_details   ? 
_diffrn.crystal_id             1 
# 
_diffrn_detector.diffrn_id              1 
_diffrn_detector.detector               CCD 
_diffrn_detector.type                   MARRESEARCH 
_diffrn_detector.pdbx_collection_date   ? 
_diffrn_detector.details                ? 
# 
_diffrn_radiation.diffrn_id                        1 
_diffrn_radiation.wavelength_id                    1 
_diffrn_radiation.pdbx_monochromatic_or_laue_m_l   M 
_diffrn_radiation.monochromator                    ? 
_diffrn_radiation.pdbx_diffrn_protocol             'SINGLE WAVELENGTH' 
_diffrn_radiation.pdbx_scattering_type             x-ray 
# 
_diffrn_radiation_wavelength.id           1 
_diffrn_radiation_wavelength.wavelength   0.979490 
_diffrn_radiation_wavelength.wt           1.0 
# 
_diffrn_source.diffrn_id                   1 
_diffrn_source.source                      SYNCHROTRON 
_diffrn_source.type                        'CLSI BEAMLINE 08ID-1' 
_diffrn_source.pdbx_synchrotron_site       CLSI 
_diffrn_source.pdbx_synchrotron_beamline   08ID-1 
_diffrn_source.pdbx_wavelength             0.979490 
_diffrn_source.pdbx_wavelength_list        ? 
# 
_reflns.pdbx_diffrn_id               1 
_reflns.pdbx_ordinal                 1 
_reflns.entry_id                     5FPZ 
_reflns.observed_criterion_sigma_I   2.0 
_reflns.observed_criterion_sigma_F   ? 
_reflns.d_resolution_low             53.00 
_reflns.d_resolution_high            1.50 
_reflns.number_obs                   23188 
_reflns.number_all                   ? 
_reflns.percent_possible_obs         99.8 
_reflns.pdbx_Rmerge_I_obs            0.06 
_reflns.pdbx_Rsym_value              ? 
_reflns.pdbx_netI_over_sigmaI        13.30 
_reflns.B_iso_Wilson_estimate        ? 
_reflns.pdbx_redundancy              4.9 
# 
_reflns_shell.pdbx_diffrn_id         1 
_reflns_shell.pdbx_ordinal           1 
_reflns_shell.d_res_high             1.50 
_reflns_shell.d_res_low              1.54 
_reflns_shell.percent_possible_all   100.0 
_reflns_shell.Rmerge_I_obs           0.40 
_reflns_shell.pdbx_Rsym_value        ? 
_reflns_shell.meanI_over_sigI_obs    2.70 
_reflns_shell.pdbx_redundancy        4.0 
# 
_refine.pdbx_refine_id                           'X-RAY DIFFRACTION' 
_refine.entry_id                                 5FPZ 
_refine.pdbx_diffrn_id                           1 
_refine.pdbx_TLS_residual_ADP_flag               ? 
_refine.ls_number_reflns_obs                     21989 
_refine.ls_number_reflns_all                     ? 
_refine.pdbx_ls_sigma_I                          ? 
_refine.pdbx_ls_sigma_F                          . 
_refine.pdbx_data_cutoff_high_absF               ? 
_refine.pdbx_data_cutoff_low_absF                ? 
_refine.pdbx_data_cutoff_high_rms_absF           ? 
_refine.ls_d_res_low                             52.13 
_refine.ls_d_res_high                            1.50 
_refine.ls_percent_reflns_obs                    99.72 
_refine.ls_R_factor_obs                          0.17139 
_refine.ls_R_factor_all                          ? 
_refine.ls_R_factor_R_work                       0.16975 
_refine.ls_R_factor_R_free                       0.20488 
_refine.ls_R_factor_R_free_error                 ? 
_refine.ls_R_factor_R_free_error_details         ? 
_refine.ls_percent_reflns_R_free                 5.1 
_refine.ls_number_reflns_R_free                  1185 
_refine.ls_number_parameters                     ? 
_refine.ls_number_restraints                     ? 
_refine.occupancy_min                            ? 
_refine.occupancy_max                            ? 
_refine.correlation_coeff_Fo_to_Fc               0.972 
_refine.correlation_coeff_Fo_to_Fc_free          0.961 
_refine.B_iso_mean                               18.722 
_refine.aniso_B[1][1]                            -0.07 
_refine.aniso_B[2][2]                            -0.07 
_refine.aniso_B[3][3]                            0.22 
_refine.aniso_B[1][2]                            -0.03 
_refine.aniso_B[1][3]                            0.00 
_refine.aniso_B[2][3]                            0.00 
_refine.solvent_model_details                    MASK 
_refine.solvent_model_param_ksol                 ? 
_refine.solvent_model_param_bsol                 ? 
_refine.pdbx_solvent_vdw_probe_radii             1.20 
_refine.pdbx_solvent_ion_probe_radii             0.80 
_refine.pdbx_solvent_shrinkage_radii             0.80 
_refine.pdbx_ls_cross_valid_method               THROUGHOUT 
_refine.details                                  'HYDROGENS HAVE BEEN ADDED IN THE RIDING POSITIONS. U VALUES REFINED INDIVIDUALLY' 
_refine.pdbx_starting_model                      'PDB ENTRY 5FPX' 
_refine.pdbx_method_to_determine_struct          'MOLECULAR REPLACEMENT' 
_refine.pdbx_isotropic_thermal_model             ? 
_refine.pdbx_stereochemistry_target_values       'MAXIMUM LIKELIHOOD' 
_refine.pdbx_stereochem_target_val_spec_case     ? 
_refine.pdbx_R_Free_selection_details            RANDOM 
_refine.pdbx_overall_ESU_R                       0.064 
_refine.pdbx_overall_ESU_R_Free                  0.069 
_refine.overall_SU_ML                            0.038 
_refine.pdbx_overall_phase_error                 ? 
_refine.overall_SU_B                             1.027 
_refine.overall_SU_R_Cruickshank_DPI             ? 
_refine.pdbx_overall_SU_R_free_Cruickshank_DPI   ? 
_refine.pdbx_overall_SU_R_Blow_DPI               ? 
_refine.pdbx_overall_SU_R_free_Blow_DPI          ? 
# 
_refine_hist.pdbx_refine_id                   'X-RAY DIFFRACTION' 
_refine_hist.cycle_id                         LAST 
_refine_hist.pdbx_number_atoms_protein        876 
_refine_hist.pdbx_number_atoms_nucleic_acid   0 
_refine_hist.pdbx_number_atoms_ligand         8 
_refine_hist.number_atoms_solvent             196 
_refine_hist.number_atoms_total               1080 
_refine_hist.d_res_high                       1.50 
_refine_hist.d_res_low                        52.13 
# 
loop_
_refine_ls_restr.type 
_refine_ls_restr.dev_ideal 
_refine_ls_restr.dev_ideal_target 
_refine_ls_restr.weight 
_refine_ls_restr.number 
_refine_ls_restr.pdbx_refine_id 
_refine_ls_restr.pdbx_restraint_function 
r_bond_refined_d             0.009  0.019  ? 904  'X-RAY DIFFRACTION' ? 
r_bond_other_d               0.002  0.020  ? 864  'X-RAY DIFFRACTION' ? 
r_angle_refined_deg          1.417  1.938  ? 1217 'X-RAY DIFFRACTION' ? 
r_angle_other_deg            0.750  3.002  ? 1976 'X-RAY DIFFRACTION' ? 
r_dihedral_angle_1_deg       7.271  5.000  ? 111  'X-RAY DIFFRACTION' ? 
r_dihedral_angle_2_deg       34.723 24.889 ? 45   'X-RAY DIFFRACTION' ? 
r_dihedral_angle_3_deg       10.044 15.000 ? 162  'X-RAY DIFFRACTION' ? 
r_dihedral_angle_4_deg       23.160 15.000 ? 4    'X-RAY DIFFRACTION' ? 
r_chiral_restr               0.092  0.200  ? 129  'X-RAY DIFFRACTION' ? 
r_gen_planes_refined         0.006  0.020  ? 1030 'X-RAY DIFFRACTION' ? 
r_gen_planes_other           0.001  0.020  ? 208  'X-RAY DIFFRACTION' ? 
r_nbd_refined                ?      ?      ? ?    'X-RAY DIFFRACTION' ? 
r_nbd_other                  ?      ?      ? ?    'X-RAY DIFFRACTION' ? 
r_nbtor_refined              ?      ?      ? ?    'X-RAY DIFFRACTION' ? 
r_nbtor_other                ?      ?      ? ?    'X-RAY DIFFRACTION' ? 
r_xyhbond_nbd_refined        ?      ?      ? ?    'X-RAY DIFFRACTION' ? 
r_xyhbond_nbd_other          ?      ?      ? ?    'X-RAY DIFFRACTION' ? 
r_metal_ion_refined          ?      ?      ? ?    'X-RAY DIFFRACTION' ? 
r_metal_ion_other            ?      ?      ? ?    'X-RAY DIFFRACTION' ? 
r_symmetry_vdw_refined       ?      ?      ? ?    'X-RAY DIFFRACTION' ? 
r_symmetry_vdw_other         ?      ?      ? ?    'X-RAY DIFFRACTION' ? 
r_symmetry_hbond_refined     ?      ?      ? ?    'X-RAY DIFFRACTION' ? 
r_symmetry_hbond_other       ?      ?      ? ?    'X-RAY DIFFRACTION' ? 
r_symmetry_metal_ion_refined ?      ?      ? ?    'X-RAY DIFFRACTION' ? 
r_symmetry_metal_ion_other   ?      ?      ? ?    'X-RAY DIFFRACTION' ? 
r_mcbond_it                  1.102  1.519  ? 441  'X-RAY DIFFRACTION' ? 
r_mcbond_other               1.085  1.515  ? 440  'X-RAY DIFFRACTION' ? 
r_mcangle_it                 1.788  2.271  ? 550  'X-RAY DIFFRACTION' ? 
r_mcangle_other              ?      ?      ? ?    'X-RAY DIFFRACTION' ? 
r_scbond_it                  1.926  1.768  ? 463  'X-RAY DIFFRACTION' ? 
r_scbond_other               ?      ?      ? ?    'X-RAY DIFFRACTION' ? 
r_scangle_it                 ?      ?      ? ?    'X-RAY DIFFRACTION' ? 
r_scangle_other              ?      ?      ? ?    'X-RAY DIFFRACTION' ? 
r_long_range_B_refined       ?      ?      ? ?    'X-RAY DIFFRACTION' ? 
r_long_range_B_other         ?      ?      ? ?    'X-RAY DIFFRACTION' ? 
r_rigid_bond_restr           ?      ?      ? ?    'X-RAY DIFFRACTION' ? 
r_sphericity_free            ?      ?      ? ?    'X-RAY DIFFRACTION' ? 
r_sphericity_bonded          ?      ?      ? ?    'X-RAY DIFFRACTION' ? 
# 
_refine_ls_shell.pdbx_refine_id                   'X-RAY DIFFRACTION' 
_refine_ls_shell.pdbx_total_number_of_bins_used   20 
_refine_ls_shell.d_res_high                       1.500 
_refine_ls_shell.d_res_low                        1.539 
_refine_ls_shell.number_reflns_R_work             1602 
_refine_ls_shell.R_factor_R_work                  0.553 
_refine_ls_shell.percent_reflns_obs               100.00 
_refine_ls_shell.R_factor_R_free                  0.613 
_refine_ls_shell.R_factor_R_free_error            ? 
_refine_ls_shell.percent_reflns_R_free            ? 
_refine_ls_shell.number_reflns_R_free             92 
_refine_ls_shell.number_reflns_all                ? 
_refine_ls_shell.R_factor_all                     ? 
# 
_struct.entry_id                  5FPZ 
_struct.title                     'The structure of KdgF from Yersinia enterocolitica with malonate bound in the active site.' 
_struct.pdbx_model_details        ? 
_struct.pdbx_CASP_flag            ? 
_struct.pdbx_model_type_details   ? 
# 
_struct_keywords.entry_id        5FPZ 
_struct_keywords.pdbx_keywords   HYDROLASE 
_struct_keywords.text            'HYDROLASE, KDGF, PECTIN, ALGINATE, URONATE SUGAR METABOLISM, CUPIN' 
# 
loop_
_struct_asym.id 
_struct_asym.pdbx_blank_PDB_chainid_flag 
_struct_asym.pdbx_modified 
_struct_asym.entity_id 
_struct_asym.details 
A N N 1 ? 
B N N 2 ? 
C N N 3 ? 
D N N 4 ? 
# 
_struct_ref.id                         1 
_struct_ref.db_name                    UNP 
_struct_ref.db_code                    A1JMF7_YERE8 
_struct_ref.entity_id                  1 
_struct_ref.pdbx_seq_one_letter_code   ? 
_struct_ref.pdbx_align_begin           ? 
_struct_ref.pdbx_db_accession          A1JMF7 
_struct_ref.pdbx_db_isoform            ? 
# 
_struct_ref_seq.align_id                      1 
_struct_ref_seq.ref_id                        1 
_struct_ref_seq.pdbx_PDB_id_code              5FPZ 
_struct_ref_seq.pdbx_strand_id                A 
_struct_ref_seq.seq_align_beg                 2 
_struct_ref_seq.pdbx_seq_align_beg_ins_code   ? 
_struct_ref_seq.seq_align_end                 110 
_struct_ref_seq.pdbx_seq_align_end_ins_code   ? 
_struct_ref_seq.pdbx_db_accession             A1JMF7 
_struct_ref_seq.db_align_beg                  2 
_struct_ref_seq.pdbx_db_align_beg_ins_code    ? 
_struct_ref_seq.db_align_end                  110 
_struct_ref_seq.pdbx_db_align_end_ins_code    ? 
_struct_ref_seq.pdbx_auth_seq_align_beg       2 
_struct_ref_seq.pdbx_auth_seq_align_end       110 
# 
_struct_ref_seq_dif.align_id                     1 
_struct_ref_seq_dif.pdbx_pdb_id_code             5FPZ 
_struct_ref_seq_dif.mon_id                       SER 
_struct_ref_seq_dif.pdbx_pdb_strand_id           A 
_struct_ref_seq_dif.seq_num                      1 
_struct_ref_seq_dif.pdbx_pdb_ins_code            ? 
_struct_ref_seq_dif.pdbx_seq_db_name             UNP 
_struct_ref_seq_dif.pdbx_seq_db_accession_code   A1JMF7 
_struct_ref_seq_dif.db_mon_id                    ? 
_struct_ref_seq_dif.pdbx_seq_db_seq_num          ? 
_struct_ref_seq_dif.details                      'expression tag' 
_struct_ref_seq_dif.pdbx_auth_seq_num            1 
_struct_ref_seq_dif.pdbx_ordinal                 1 
# 
_pdbx_struct_assembly.id                   1 
_pdbx_struct_assembly.details              author_and_software_defined_assembly 
_pdbx_struct_assembly.method_details       PISA 
_pdbx_struct_assembly.oligomeric_details   dimeric 
_pdbx_struct_assembly.oligomeric_count     2 
# 
loop_
_pdbx_struct_assembly_prop.biol_id 
_pdbx_struct_assembly_prop.type 
_pdbx_struct_assembly_prop.value 
_pdbx_struct_assembly_prop.details 
1 'ABSA (A^2)' 4190  ? 
1 MORE         -60.9 ? 
1 'SSA (A^2)'  9820  ? 
# 
_pdbx_struct_assembly_gen.assembly_id       1 
_pdbx_struct_assembly_gen.oper_expression   1,2 
_pdbx_struct_assembly_gen.asym_id_list      A,B,C,D 
# 
loop_
_pdbx_struct_oper_list.id 
_pdbx_struct_oper_list.type 
_pdbx_struct_oper_list.name 
_pdbx_struct_oper_list.symmetry_operation 
_pdbx_struct_oper_list.matrix[1][1] 
_pdbx_struct_oper_list.matrix[1][2] 
_pdbx_struct_oper_list.matrix[1][3] 
_pdbx_struct_oper_list.vector[1] 
_pdbx_struct_oper_list.matrix[2][1] 
_pdbx_struct_oper_list.matrix[2][2] 
_pdbx_struct_oper_list.matrix[2][3] 
_pdbx_struct_oper_list.vector[2] 
_pdbx_struct_oper_list.matrix[3][1] 
_pdbx_struct_oper_list.matrix[3][2] 
_pdbx_struct_oper_list.matrix[3][3] 
_pdbx_struct_oper_list.vector[3] 
1 'identity operation'         1_555 x,y,z          1.0000000000 0.0000000000  0.0000000000 0.0000000000 0.0000000000  1.0000000000  0.0000000000  0.0000000000  0.0000000000 0.0000000000  1.0000000000  0.0000000000  
2 'crystal symmetry operation' 6_554 -x,-x+y,-z-1/3 0.7029236557 -0.6869714273 0.1843057034 7.0289409174 -0.6869714273 -0.7228708754 -0.0743502222 15.4344684023 0.1843057034 -0.0743502222 -0.9800527803 -7.4154567593 
# 
_struct_biol.id   1 
# 
loop_
_struct_conf.conf_type_id 
_struct_conf.id 
_struct_conf.pdbx_PDB_helix_id 
_struct_conf.beg_label_comp_id 
_struct_conf.beg_label_asym_id 
_struct_conf.beg_label_seq_id 
_struct_conf.pdbx_beg_PDB_ins_code 
_struct_conf.end_label_comp_id 
_struct_conf.end_label_asym_id 
_struct_conf.end_label_seq_id 
_struct_conf.pdbx_end_PDB_ins_code 
_struct_conf.beg_auth_comp_id 
_struct_conf.beg_auth_asym_id 
_struct_conf.beg_auth_seq_id 
_struct_conf.end_auth_comp_id 
_struct_conf.end_auth_asym_id 
_struct_conf.end_auth_seq_id 
_struct_conf.pdbx_PDB_helix_class 
_struct_conf.details 
_struct_conf.pdbx_PDB_helix_length 
HELX_P HELX_P1 1 ILE A 6   ? THR A 10  ? ILE A 6   THR A 10  5 ? 5 
HELX_P HELX_P2 2 ARG A 106 ? LEU A 110 ? ARG A 106 LEU A 110 5 ? 5 
# 
_struct_conf_type.id          HELX_P 
_struct_conf_type.criteria    ? 
_struct_conf_type.reference   ? 
# 
loop_
_struct_conn.id 
_struct_conn.conn_type_id 
_struct_conn.pdbx_leaving_atom_flag 
_struct_conn.pdbx_PDB_id 
_struct_conn.ptnr1_label_asym_id 
_struct_conn.ptnr1_label_comp_id 
_struct_conn.ptnr1_label_seq_id 
_struct_conn.ptnr1_label_atom_id 
_struct_conn.pdbx_ptnr1_label_alt_id 
_struct_conn.pdbx_ptnr1_PDB_ins_code 
_struct_conn.pdbx_ptnr1_standard_comp_id 
_struct_conn.ptnr1_symmetry 
_struct_conn.ptnr2_label_asym_id 
_struct_conn.ptnr2_label_comp_id 
_struct_conn.ptnr2_label_seq_id 
_struct_conn.ptnr2_label_atom_id 
_struct_conn.pdbx_ptnr2_label_alt_id 
_struct_conn.pdbx_ptnr2_PDB_ins_code 
_struct_conn.ptnr1_auth_asym_id 
_struct_conn.ptnr1_auth_comp_id 
_struct_conn.ptnr1_auth_seq_id 
_struct_conn.ptnr2_auth_asym_id 
_struct_conn.ptnr2_auth_comp_id 
_struct_conn.ptnr2_auth_seq_id 
_struct_conn.ptnr2_symmetry 
_struct_conn.pdbx_ptnr3_label_atom_id 
_struct_conn.pdbx_ptnr3_label_seq_id 
_struct_conn.pdbx_ptnr3_label_comp_id 
_struct_conn.pdbx_ptnr3_label_asym_id 
_struct_conn.pdbx_ptnr3_label_alt_id 
_struct_conn.pdbx_ptnr3_PDB_ins_code 
_struct_conn.details 
_struct_conn.pdbx_dist_value 
_struct_conn.pdbx_value_order 
_struct_conn.pdbx_role 
metalc1 metalc ? ? A HIS 46 NE2 ? ? ? 1_555 B NI  . NI  ? ? A HIS 46   A NI  1111 1_555 ? ? ? ? ? ? ? 2.194 ? ? 
metalc2 metalc ? ? A HIS 48 NE2 ? ? ? 1_555 B NI  . NI  ? ? A HIS 48   A NI  1111 1_555 ? ? ? ? ? ? ? 2.141 ? ? 
metalc3 metalc ? ? A GLN 53 OE1 ? ? ? 1_555 B NI  . NI  ? ? A GLN 53   A NI  1111 1_555 ? ? ? ? ? ? ? 2.150 ? ? 
metalc4 metalc ? ? A HIS 87 NE2 ? ? ? 1_555 B NI  . NI  ? ? A HIS 87   A NI  1111 1_555 ? ? ? ? ? ? ? 2.137 ? ? 
metalc5 metalc ? ? B NI  .  NI  ? ? ? 1_555 C MLA . O1A ? ? A NI  1111 A MLA 1112 1_555 ? ? ? ? ? ? ? 2.095 ? ? 
metalc6 metalc ? ? B NI  .  NI  ? ? ? 1_555 C MLA . O3A ? ? A NI  1111 A MLA 1112 1_555 ? ? ? ? ? ? ? 2.053 ? ? 
# 
_struct_conn_type.id          metalc 
_struct_conn_type.criteria    ? 
_struct_conn_type.reference   ? 
# 
loop_
_pdbx_struct_conn_angle.id 
_pdbx_struct_conn_angle.ptnr1_label_atom_id 
_pdbx_struct_conn_angle.ptnr1_label_alt_id 
_pdbx_struct_conn_angle.ptnr1_label_asym_id 
_pdbx_struct_conn_angle.ptnr1_label_comp_id 
_pdbx_struct_conn_angle.ptnr1_label_seq_id 
_pdbx_struct_conn_angle.ptnr1_auth_atom_id 
_pdbx_struct_conn_angle.ptnr1_auth_asym_id 
_pdbx_struct_conn_angle.ptnr1_auth_comp_id 
_pdbx_struct_conn_angle.ptnr1_auth_seq_id 
_pdbx_struct_conn_angle.ptnr1_PDB_ins_code 
_pdbx_struct_conn_angle.ptnr1_symmetry 
_pdbx_struct_conn_angle.ptnr2_label_atom_id 
_pdbx_struct_conn_angle.ptnr2_label_alt_id 
_pdbx_struct_conn_angle.ptnr2_label_asym_id 
_pdbx_struct_conn_angle.ptnr2_label_comp_id 
_pdbx_struct_conn_angle.ptnr2_label_seq_id 
_pdbx_struct_conn_angle.ptnr2_auth_atom_id 
_pdbx_struct_conn_angle.ptnr2_auth_asym_id 
_pdbx_struct_conn_angle.ptnr2_auth_comp_id 
_pdbx_struct_conn_angle.ptnr2_auth_seq_id 
_pdbx_struct_conn_angle.ptnr2_PDB_ins_code 
_pdbx_struct_conn_angle.ptnr2_symmetry 
_pdbx_struct_conn_angle.ptnr3_label_atom_id 
_pdbx_struct_conn_angle.ptnr3_label_alt_id 
_pdbx_struct_conn_angle.ptnr3_label_asym_id 
_pdbx_struct_conn_angle.ptnr3_label_comp_id 
_pdbx_struct_conn_angle.ptnr3_label_seq_id 
_pdbx_struct_conn_angle.ptnr3_auth_atom_id 
_pdbx_struct_conn_angle.ptnr3_auth_asym_id 
_pdbx_struct_conn_angle.ptnr3_auth_comp_id 
_pdbx_struct_conn_angle.ptnr3_auth_seq_id 
_pdbx_struct_conn_angle.ptnr3_PDB_ins_code 
_pdbx_struct_conn_angle.ptnr3_symmetry 
_pdbx_struct_conn_angle.value 
_pdbx_struct_conn_angle.value_esd 
1  NE2 ? A HIS 46 ? A HIS 46   ? 1_555 NI ? B NI . ? A NI 1111 ? 1_555 NE2 ? A HIS 48 ? A HIS 48   ? 1_555 94.0  ? 
2  NE2 ? A HIS 46 ? A HIS 46   ? 1_555 NI ? B NI . ? A NI 1111 ? 1_555 OE1 ? A GLN 53 ? A GLN 53   ? 1_555 176.2 ? 
3  NE2 ? A HIS 48 ? A HIS 48   ? 1_555 NI ? B NI . ? A NI 1111 ? 1_555 OE1 ? A GLN 53 ? A GLN 53   ? 1_555 86.3  ? 
4  NE2 ? A HIS 46 ? A HIS 46   ? 1_555 NI ? B NI . ? A NI 1111 ? 1_555 NE2 ? A HIS 87 ? A HIS 87   ? 1_555 86.7  ? 
5  NE2 ? A HIS 48 ? A HIS 48   ? 1_555 NI ? B NI . ? A NI 1111 ? 1_555 NE2 ? A HIS 87 ? A HIS 87   ? 1_555 99.2  ? 
6  OE1 ? A GLN 53 ? A GLN 53   ? 1_555 NI ? B NI . ? A NI 1111 ? 1_555 NE2 ? A HIS 87 ? A HIS 87   ? 1_555 89.5  ? 
7  NE2 ? A HIS 46 ? A HIS 46   ? 1_555 NI ? B NI . ? A NI 1111 ? 1_555 O1A ? C MLA .  ? A MLA 1112 ? 1_555 90.5  ? 
8  NE2 ? A HIS 48 ? A HIS 48   ? 1_555 NI ? B NI . ? A NI 1111 ? 1_555 O1A ? C MLA .  ? A MLA 1112 ? 1_555 169.9 ? 
9  OE1 ? A GLN 53 ? A GLN 53   ? 1_555 NI ? B NI . ? A NI 1111 ? 1_555 O1A ? C MLA .  ? A MLA 1112 ? 1_555 89.8  ? 
10 NE2 ? A HIS 87 ? A HIS 87   ? 1_555 NI ? B NI . ? A NI 1111 ? 1_555 O1A ? C MLA .  ? A MLA 1112 ? 1_555 90.0  ? 
11 NE2 ? A HIS 46 ? A HIS 46   ? 1_555 NI ? B NI . ? A NI 1111 ? 1_555 O3A ? C MLA .  ? A MLA 1112 ? 1_555 95.9  ? 
12 NE2 ? A HIS 48 ? A HIS 48   ? 1_555 NI ? B NI . ? A NI 1111 ? 1_555 O3A ? C MLA .  ? A MLA 1112 ? 1_555 85.3  ? 
13 OE1 ? A GLN 53 ? A GLN 53   ? 1_555 NI ? B NI . ? A NI 1111 ? 1_555 O3A ? C MLA .  ? A MLA 1112 ? 1_555 87.9  ? 
14 NE2 ? A HIS 87 ? A HIS 87   ? 1_555 NI ? B NI . ? A NI 1111 ? 1_555 O3A ? C MLA .  ? A MLA 1112 ? 1_555 174.7 ? 
15 O1A ? C MLA .  ? A MLA 1112 ? 1_555 NI ? B NI . ? A NI 1111 ? 1_555 O3A ? C MLA .  ? A MLA 1112 ? 1_555 85.3  ? 
# 
_struct_mon_prot_cis.pdbx_id                1 
_struct_mon_prot_cis.label_comp_id          ASN 
_struct_mon_prot_cis.label_seq_id           103 
_struct_mon_prot_cis.label_asym_id          A 
_struct_mon_prot_cis.label_alt_id           . 
_struct_mon_prot_cis.pdbx_PDB_ins_code      ? 
_struct_mon_prot_cis.auth_comp_id           ASN 
_struct_mon_prot_cis.auth_seq_id            103 
_struct_mon_prot_cis.auth_asym_id           A 
_struct_mon_prot_cis.pdbx_label_comp_id_2   PRO 
_struct_mon_prot_cis.pdbx_label_seq_id_2    104 
_struct_mon_prot_cis.pdbx_label_asym_id_2   A 
_struct_mon_prot_cis.pdbx_PDB_ins_code_2    ? 
_struct_mon_prot_cis.pdbx_auth_comp_id_2    PRO 
_struct_mon_prot_cis.pdbx_auth_seq_id_2     104 
_struct_mon_prot_cis.pdbx_auth_asym_id_2    A 
_struct_mon_prot_cis.pdbx_PDB_model_num     1 
_struct_mon_prot_cis.pdbx_omega_angle       -14.13 
# 
loop_
_struct_sheet.id 
_struct_sheet.type 
_struct_sheet.number_strands 
_struct_sheet.details 
AA ? 6 ? 
AB ? 4 ? 
# 
loop_
_struct_sheet_order.sheet_id 
_struct_sheet_order.range_id_1 
_struct_sheet_order.range_id_2 
_struct_sheet_order.offset 
_struct_sheet_order.sense 
AA 1 2 ? anti-parallel 
AA 2 3 ? anti-parallel 
AA 3 4 ? anti-parallel 
AA 4 5 ? anti-parallel 
AA 5 6 ? anti-parallel 
AB 1 2 ? anti-parallel 
AB 2 3 ? anti-parallel 
AB 3 4 ? anti-parallel 
# 
loop_
_struct_sheet_range.sheet_id 
_struct_sheet_range.id 
_struct_sheet_range.beg_label_comp_id 
_struct_sheet_range.beg_label_asym_id 
_struct_sheet_range.beg_label_seq_id 
_struct_sheet_range.pdbx_beg_PDB_ins_code 
_struct_sheet_range.end_label_comp_id 
_struct_sheet_range.end_label_asym_id 
_struct_sheet_range.end_label_seq_id 
_struct_sheet_range.pdbx_end_PDB_ins_code 
_struct_sheet_range.beg_auth_comp_id 
_struct_sheet_range.beg_auth_asym_id 
_struct_sheet_range.beg_auth_seq_id 
_struct_sheet_range.end_auth_comp_id 
_struct_sheet_range.end_auth_asym_id 
_struct_sheet_range.end_auth_seq_id 
AA 1 GLU A 13 ? GLY A 16  ? GLU A 13 GLY A 16  
AA 2 ILE A 19 ? SER A 27  ? ILE A 19 SER A 27  
AA 3 LEU A 30 ? PHE A 37  ? LEU A 30 PHE A 37  
AA 4 SER A 96 ? ASN A 103 ? SER A 96 ASN A 103 
AA 5 ASP A 52 ? ALA A 59  ? ASP A 52 ALA A 59  
AA 6 ALA A 78 ? ALA A 81  ? ALA A 78 ALA A 81  
AB 1 ILE A 42 ? HIS A 46  ? ILE A 42 HIS A 46  
AB 2 HIS A 87 ? SER A 91  ? HIS A 87 SER A 91  
AB 3 SER A 61 ? ILE A 66  ? SER A 61 ILE A 66  
AB 4 GLN A 69 ? LYS A 74  ? GLN A 69 LYS A 74  
# 
loop_
_pdbx_struct_sheet_hbond.sheet_id 
_pdbx_struct_sheet_hbond.range_id_1 
_pdbx_struct_sheet_hbond.range_id_2 
_pdbx_struct_sheet_hbond.range_1_label_atom_id 
_pdbx_struct_sheet_hbond.range_1_label_comp_id 
_pdbx_struct_sheet_hbond.range_1_label_asym_id 
_pdbx_struct_sheet_hbond.range_1_label_seq_id 
_pdbx_struct_sheet_hbond.range_1_PDB_ins_code 
_pdbx_struct_sheet_hbond.range_1_auth_atom_id 
_pdbx_struct_sheet_hbond.range_1_auth_comp_id 
_pdbx_struct_sheet_hbond.range_1_auth_asym_id 
_pdbx_struct_sheet_hbond.range_1_auth_seq_id 
_pdbx_struct_sheet_hbond.range_2_label_atom_id 
_pdbx_struct_sheet_hbond.range_2_label_comp_id 
_pdbx_struct_sheet_hbond.range_2_label_asym_id 
_pdbx_struct_sheet_hbond.range_2_label_seq_id 
_pdbx_struct_sheet_hbond.range_2_PDB_ins_code 
_pdbx_struct_sheet_hbond.range_2_auth_atom_id 
_pdbx_struct_sheet_hbond.range_2_auth_comp_id 
_pdbx_struct_sheet_hbond.range_2_auth_asym_id 
_pdbx_struct_sheet_hbond.range_2_auth_seq_id 
AA 1 2 N LEU A 15  ? N LEU A 15  O ILE A 19 ? O ILE A 19 
AA 2 3 N SER A 27  ? N SER A 27  O LEU A 30 ? O LEU A 30 
AA 3 4 N PHE A 37  ? N PHE A 37  O SER A 96 ? O SER A 96 
AA 4 5 N ASN A 103 ? N ASN A 103 O ASP A 52 ? O ASP A 52 
AA 5 6 N ALA A 55  ? N ALA A 55  O TYR A 79 ? O TYR A 79 
AB 1 2 N HIS A 46  ? N HIS A 46  O HIS A 87 ? O HIS A 87 
AB 2 3 N VAL A 90  ? N VAL A 90  O GLU A 63 ? O GLU A 63 
AB 3 4 N ILE A 66  ? N ILE A 66  O GLN A 69 ? O GLN A 69 
# 
loop_
_struct_site.id 
_struct_site.pdbx_evidence_code 
_struct_site.pdbx_auth_asym_id 
_struct_site.pdbx_auth_comp_id 
_struct_site.pdbx_auth_seq_id 
_struct_site.pdbx_auth_ins_code 
_struct_site.pdbx_num_residues 
_struct_site.details 
AC1 Software A NI  1111 ? 5  'BINDING SITE FOR RESIDUE NI A 1111'  
AC2 Software A MLA 1112 ? 14 'BINDING SITE FOR RESIDUE MLA A 1112' 
# 
loop_
_struct_site_gen.id 
_struct_site_gen.site_id 
_struct_site_gen.pdbx_num_res 
_struct_site_gen.label_comp_id 
_struct_site_gen.label_asym_id 
_struct_site_gen.label_seq_id 
_struct_site_gen.pdbx_auth_ins_code 
_struct_site_gen.auth_comp_id 
_struct_site_gen.auth_asym_id 
_struct_site_gen.auth_seq_id 
_struct_site_gen.label_atom_id 
_struct_site_gen.label_alt_id 
_struct_site_gen.symmetry 
_struct_site_gen.details 
1  AC1 5  HIS A 46  ? HIS A 46   . ? 1_555 ? 
2  AC1 5  HIS A 48  ? HIS A 48   . ? 1_555 ? 
3  AC1 5  GLN A 53  ? GLN A 53   . ? 1_555 ? 
4  AC1 5  HIS A 87  ? HIS A 87   . ? 1_555 ? 
5  AC1 5  MLA C .   ? MLA A 1112 . ? 1_555 ? 
6  AC2 14 HIS A 46  ? HIS A 46   . ? 1_555 ? 
7  AC2 14 HIS A 48  ? HIS A 48   . ? 1_555 ? 
8  AC2 14 GLN A 53  ? GLN A 53   . ? 1_555 ? 
9  AC2 14 HIS A 87  ? HIS A 87   . ? 1_555 ? 
10 AC2 14 ASP A 100 ? ASP A 100  . ? 1_555 ? 
11 AC2 14 PHE A 102 ? PHE A 102  . ? 1_555 ? 
12 AC2 14 ARG A 106 ? ARG A 106  . ? 1_555 ? 
13 AC2 14 PHE A 109 ? PHE A 109  . ? 1_555 ? 
14 AC2 14 NI  B .   ? NI  A 1111 . ? 1_555 ? 
15 AC2 14 HOH D .   ? HOH A 2126 . ? 1_555 ? 
16 AC2 14 HOH D .   ? HOH A 2181 . ? 1_555 ? 
17 AC2 14 HOH D .   ? HOH A 2182 . ? 1_555 ? 
18 AC2 14 HOH D .   ? HOH A 2195 . ? 1_555 ? 
19 AC2 14 HOH D .   ? HOH A 2196 . ? 1_555 ? 
# 
loop_
_pdbx_validate_torsion.id 
_pdbx_validate_torsion.PDB_model_num 
_pdbx_validate_torsion.auth_comp_id 
_pdbx_validate_torsion.auth_asym_id 
_pdbx_validate_torsion.auth_seq_id 
_pdbx_validate_torsion.PDB_ins_code 
_pdbx_validate_torsion.label_alt_id 
_pdbx_validate_torsion.phi 
_pdbx_validate_torsion.psi 
1 1 MET A 24  ? ? -91.76 -63.62  
2 1 PRO A 104 ? ? -72.13 -162.08 
# 
_pdbx_struct_special_symmetry.id              1 
_pdbx_struct_special_symmetry.PDB_model_num   1 
_pdbx_struct_special_symmetry.auth_asym_id    A 
_pdbx_struct_special_symmetry.auth_comp_id    HOH 
_pdbx_struct_special_symmetry.auth_seq_id     2033 
_pdbx_struct_special_symmetry.PDB_ins_code    ? 
_pdbx_struct_special_symmetry.label_asym_id   D 
_pdbx_struct_special_symmetry.label_comp_id   HOH 
_pdbx_struct_special_symmetry.label_seq_id    . 
# 
loop_
_pdbx_distant_solvent_atoms.id 
_pdbx_distant_solvent_atoms.PDB_model_num 
_pdbx_distant_solvent_atoms.auth_atom_id 
_pdbx_distant_solvent_atoms.label_alt_id 
_pdbx_distant_solvent_atoms.auth_asym_id 
_pdbx_distant_solvent_atoms.auth_comp_id 
_pdbx_distant_solvent_atoms.auth_seq_id 
_pdbx_distant_solvent_atoms.PDB_ins_code 
_pdbx_distant_solvent_atoms.neighbor_macromolecule_distance 
_pdbx_distant_solvent_atoms.neighbor_ligand_distance 
1 1 O ? A HOH 2005 ? 6.89 . 
2 1 O ? A HOH 2012 ? 5.93 . 
3 1 O ? A HOH 2082 ? 6.36 . 
# 
loop_
_chem_comp_atom.comp_id 
_chem_comp_atom.atom_id 
_chem_comp_atom.type_symbol 
_chem_comp_atom.pdbx_aromatic_flag 
_chem_comp_atom.pdbx_stereo_config 
_chem_comp_atom.pdbx_ordinal 
ALA N    N  N N 1   
ALA CA   C  N S 2   
ALA C    C  N N 3   
ALA O    O  N N 4   
ALA CB   C  N N 5   
ALA OXT  O  N N 6   
ALA H    H  N N 7   
ALA H2   H  N N 8   
ALA HA   H  N N 9   
ALA HB1  H  N N 10  
ALA HB2  H  N N 11  
ALA HB3  H  N N 12  
ALA HXT  H  N N 13  
ARG N    N  N N 14  
ARG CA   C  N S 15  
ARG C    C  N N 16  
ARG O    O  N N 17  
ARG CB   C  N N 18  
ARG CG   C  N N 19  
ARG CD   C  N N 20  
ARG NE   N  N N 21  
ARG CZ   C  N N 22  
ARG NH1  N  N N 23  
ARG NH2  N  N N 24  
ARG OXT  O  N N 25  
ARG H    H  N N 26  
ARG H2   H  N N 27  
ARG HA   H  N N 28  
ARG HB2  H  N N 29  
ARG HB3  H  N N 30  
ARG HG2  H  N N 31  
ARG HG3  H  N N 32  
ARG HD2  H  N N 33  
ARG HD3  H  N N 34  
ARG HE   H  N N 35  
ARG HH11 H  N N 36  
ARG HH12 H  N N 37  
ARG HH21 H  N N 38  
ARG HH22 H  N N 39  
ARG HXT  H  N N 40  
ASN N    N  N N 41  
ASN CA   C  N S 42  
ASN C    C  N N 43  
ASN O    O  N N 44  
ASN CB   C  N N 45  
ASN CG   C  N N 46  
ASN OD1  O  N N 47  
ASN ND2  N  N N 48  
ASN OXT  O  N N 49  
ASN H    H  N N 50  
ASN H2   H  N N 51  
ASN HA   H  N N 52  
ASN HB2  H  N N 53  
ASN HB3  H  N N 54  
ASN HD21 H  N N 55  
ASN HD22 H  N N 56  
ASN HXT  H  N N 57  
ASP N    N  N N 58  
ASP CA   C  N S 59  
ASP C    C  N N 60  
ASP O    O  N N 61  
ASP CB   C  N N 62  
ASP CG   C  N N 63  
ASP OD1  O  N N 64  
ASP OD2  O  N N 65  
ASP OXT  O  N N 66  
ASP H    H  N N 67  
ASP H2   H  N N 68  
ASP HA   H  N N 69  
ASP HB2  H  N N 70  
ASP HB3  H  N N 71  
ASP HD2  H  N N 72  
ASP HXT  H  N N 73  
CYS N    N  N N 74  
CYS CA   C  N R 75  
CYS C    C  N N 76  
CYS O    O  N N 77  
CYS CB   C  N N 78  
CYS SG   S  N N 79  
CYS OXT  O  N N 80  
CYS H    H  N N 81  
CYS H2   H  N N 82  
CYS HA   H  N N 83  
CYS HB2  H  N N 84  
CYS HB3  H  N N 85  
CYS HG   H  N N 86  
CYS HXT  H  N N 87  
GLN N    N  N N 88  
GLN CA   C  N S 89  
GLN C    C  N N 90  
GLN O    O  N N 91  
GLN CB   C  N N 92  
GLN CG   C  N N 93  
GLN CD   C  N N 94  
GLN OE1  O  N N 95  
GLN NE2  N  N N 96  
GLN OXT  O  N N 97  
GLN H    H  N N 98  
GLN H2   H  N N 99  
GLN HA   H  N N 100 
GLN HB2  H  N N 101 
GLN HB3  H  N N 102 
GLN HG2  H  N N 103 
GLN HG3  H  N N 104 
GLN HE21 H  N N 105 
GLN HE22 H  N N 106 
GLN HXT  H  N N 107 
GLU N    N  N N 108 
GLU CA   C  N S 109 
GLU C    C  N N 110 
GLU O    O  N N 111 
GLU CB   C  N N 112 
GLU CG   C  N N 113 
GLU CD   C  N N 114 
GLU OE1  O  N N 115 
GLU OE2  O  N N 116 
GLU OXT  O  N N 117 
GLU H    H  N N 118 
GLU H2   H  N N 119 
GLU HA   H  N N 120 
GLU HB2  H  N N 121 
GLU HB3  H  N N 122 
GLU HG2  H  N N 123 
GLU HG3  H  N N 124 
GLU HE2  H  N N 125 
GLU HXT  H  N N 126 
GLY N    N  N N 127 
GLY CA   C  N N 128 
GLY C    C  N N 129 
GLY O    O  N N 130 
GLY OXT  O  N N 131 
GLY H    H  N N 132 
GLY H2   H  N N 133 
GLY HA2  H  N N 134 
GLY HA3  H  N N 135 
GLY HXT  H  N N 136 
HIS N    N  N N 137 
HIS CA   C  N S 138 
HIS C    C  N N 139 
HIS O    O  N N 140 
HIS CB   C  N N 141 
HIS CG   C  Y N 142 
HIS ND1  N  Y N 143 
HIS CD2  C  Y N 144 
HIS CE1  C  Y N 145 
HIS NE2  N  Y N 146 
HIS OXT  O  N N 147 
HIS H    H  N N 148 
HIS H2   H  N N 149 
HIS HA   H  N N 150 
HIS HB2  H  N N 151 
HIS HB3  H  N N 152 
HIS HD1  H  N N 153 
HIS HD2  H  N N 154 
HIS HE1  H  N N 155 
HIS HE2  H  N N 156 
HIS HXT  H  N N 157 
HOH O    O  N N 158 
HOH H1   H  N N 159 
HOH H2   H  N N 160 
ILE N    N  N N 161 
ILE CA   C  N S 162 
ILE C    C  N N 163 
ILE O    O  N N 164 
ILE CB   C  N S 165 
ILE CG1  C  N N 166 
ILE CG2  C  N N 167 
ILE CD1  C  N N 168 
ILE OXT  O  N N 169 
ILE H    H  N N 170 
ILE H2   H  N N 171 
ILE HA   H  N N 172 
ILE HB   H  N N 173 
ILE HG12 H  N N 174 
ILE HG13 H  N N 175 
ILE HG21 H  N N 176 
ILE HG22 H  N N 177 
ILE HG23 H  N N 178 
ILE HD11 H  N N 179 
ILE HD12 H  N N 180 
ILE HD13 H  N N 181 
ILE HXT  H  N N 182 
LEU N    N  N N 183 
LEU CA   C  N S 184 
LEU C    C  N N 185 
LEU O    O  N N 186 
LEU CB   C  N N 187 
LEU CG   C  N N 188 
LEU CD1  C  N N 189 
LEU CD2  C  N N 190 
LEU OXT  O  N N 191 
LEU H    H  N N 192 
LEU H2   H  N N 193 
LEU HA   H  N N 194 
LEU HB2  H  N N 195 
LEU HB3  H  N N 196 
LEU HG   H  N N 197 
LEU HD11 H  N N 198 
LEU HD12 H  N N 199 
LEU HD13 H  N N 200 
LEU HD21 H  N N 201 
LEU HD22 H  N N 202 
LEU HD23 H  N N 203 
LEU HXT  H  N N 204 
LYS N    N  N N 205 
LYS CA   C  N S 206 
LYS C    C  N N 207 
LYS O    O  N N 208 
LYS CB   C  N N 209 
LYS CG   C  N N 210 
LYS CD   C  N N 211 
LYS CE   C  N N 212 
LYS NZ   N  N N 213 
LYS OXT  O  N N 214 
LYS H    H  N N 215 
LYS H2   H  N N 216 
LYS HA   H  N N 217 
LYS HB2  H  N N 218 
LYS HB3  H  N N 219 
LYS HG2  H  N N 220 
LYS HG3  H  N N 221 
LYS HD2  H  N N 222 
LYS HD3  H  N N 223 
LYS HE2  H  N N 224 
LYS HE3  H  N N 225 
LYS HZ1  H  N N 226 
LYS HZ2  H  N N 227 
LYS HZ3  H  N N 228 
LYS HXT  H  N N 229 
MET N    N  N N 230 
MET CA   C  N S 231 
MET C    C  N N 232 
MET O    O  N N 233 
MET CB   C  N N 234 
MET CG   C  N N 235 
MET SD   S  N N 236 
MET CE   C  N N 237 
MET OXT  O  N N 238 
MET H    H  N N 239 
MET H2   H  N N 240 
MET HA   H  N N 241 
MET HB2  H  N N 242 
MET HB3  H  N N 243 
MET HG2  H  N N 244 
MET HG3  H  N N 245 
MET HE1  H  N N 246 
MET HE2  H  N N 247 
MET HE3  H  N N 248 
MET HXT  H  N N 249 
MLA C1   C  N N 250 
MLA O1A  O  N N 251 
MLA O1B  O  N N 252 
MLA C2   C  N N 253 
MLA C3   C  N N 254 
MLA O3A  O  N N 255 
MLA O3B  O  N N 256 
MLA H1A  H  N N 257 
MLA HC21 H  N N 258 
MLA HC22 H  N N 259 
MLA H3B  H  N N 260 
NI  NI   NI N N 261 
PHE N    N  N N 262 
PHE CA   C  N S 263 
PHE C    C  N N 264 
PHE O    O  N N 265 
PHE CB   C  N N 266 
PHE CG   C  Y N 267 
PHE CD1  C  Y N 268 
PHE CD2  C  Y N 269 
PHE CE1  C  Y N 270 
PHE CE2  C  Y N 271 
PHE CZ   C  Y N 272 
PHE OXT  O  N N 273 
PHE H    H  N N 274 
PHE H2   H  N N 275 
PHE HA   H  N N 276 
PHE HB2  H  N N 277 
PHE HB3  H  N N 278 
PHE HD1  H  N N 279 
PHE HD2  H  N N 280 
PHE HE1  H  N N 281 
PHE HE2  H  N N 282 
PHE HZ   H  N N 283 
PHE HXT  H  N N 284 
PRO N    N  N N 285 
PRO CA   C  N S 286 
PRO C    C  N N 287 
PRO O    O  N N 288 
PRO CB   C  N N 289 
PRO CG   C  N N 290 
PRO CD   C  N N 291 
PRO OXT  O  N N 292 
PRO H    H  N N 293 
PRO HA   H  N N 294 
PRO HB2  H  N N 295 
PRO HB3  H  N N 296 
PRO HG2  H  N N 297 
PRO HG3  H  N N 298 
PRO HD2  H  N N 299 
PRO HD3  H  N N 300 
PRO HXT  H  N N 301 
SER N    N  N N 302 
SER CA   C  N S 303 
SER C    C  N N 304 
SER O    O  N N 305 
SER CB   C  N N 306 
SER OG   O  N N 307 
SER OXT  O  N N 308 
SER H    H  N N 309 
SER H2   H  N N 310 
SER HA   H  N N 311 
SER HB2  H  N N 312 
SER HB3  H  N N 313 
SER HG   H  N N 314 
SER HXT  H  N N 315 
THR N    N  N N 316 
THR CA   C  N S 317 
THR C    C  N N 318 
THR O    O  N N 319 
THR CB   C  N R 320 
THR OG1  O  N N 321 
THR CG2  C  N N 322 
THR OXT  O  N N 323 
THR H    H  N N 324 
THR H2   H  N N 325 
THR HA   H  N N 326 
THR HB   H  N N 327 
THR HG1  H  N N 328 
THR HG21 H  N N 329 
THR HG22 H  N N 330 
THR HG23 H  N N 331 
THR HXT  H  N N 332 
TRP N    N  N N 333 
TRP CA   C  N S 334 
TRP C    C  N N 335 
TRP O    O  N N 336 
TRP CB   C  N N 337 
TRP CG   C  Y N 338 
TRP CD1  C  Y N 339 
TRP CD2  C  Y N 340 
TRP NE1  N  Y N 341 
TRP CE2  C  Y N 342 
TRP CE3  C  Y N 343 
TRP CZ2  C  Y N 344 
TRP CZ3  C  Y N 345 
TRP CH2  C  Y N 346 
TRP OXT  O  N N 347 
TRP H    H  N N 348 
TRP H2   H  N N 349 
TRP HA   H  N N 350 
TRP HB2  H  N N 351 
TRP HB3  H  N N 352 
TRP HD1  H  N N 353 
TRP HE1  H  N N 354 
TRP HE3  H  N N 355 
TRP HZ2  H  N N 356 
TRP HZ3  H  N N 357 
TRP HH2  H  N N 358 
TRP HXT  H  N N 359 
TYR N    N  N N 360 
TYR CA   C  N S 361 
TYR C    C  N N 362 
TYR O    O  N N 363 
TYR CB   C  N N 364 
TYR CG   C  Y N 365 
TYR CD1  C  Y N 366 
TYR CD2  C  Y N 367 
TYR CE1  C  Y N 368 
TYR CE2  C  Y N 369 
TYR CZ   C  Y N 370 
TYR OH   O  N N 371 
TYR OXT  O  N N 372 
TYR H    H  N N 373 
TYR H2   H  N N 374 
TYR HA   H  N N 375 
TYR HB2  H  N N 376 
TYR HB3  H  N N 377 
TYR HD1  H  N N 378 
TYR HD2  H  N N 379 
TYR HE1  H  N N 380 
TYR HE2  H  N N 381 
TYR HH   H  N N 382 
TYR HXT  H  N N 383 
VAL N    N  N N 384 
VAL CA   C  N S 385 
VAL C    C  N N 386 
VAL O    O  N N 387 
VAL CB   C  N N 388 
VAL CG1  C  N N 389 
VAL CG2  C  N N 390 
VAL OXT  O  N N 391 
VAL H    H  N N 392 
VAL H2   H  N N 393 
VAL HA   H  N N 394 
VAL HB   H  N N 395 
VAL HG11 H  N N 396 
VAL HG12 H  N N 397 
VAL HG13 H  N N 398 
VAL HG21 H  N N 399 
VAL HG22 H  N N 400 
VAL HG23 H  N N 401 
VAL HXT  H  N N 402 
# 
loop_
_chem_comp_bond.comp_id 
_chem_comp_bond.atom_id_1 
_chem_comp_bond.atom_id_2 
_chem_comp_bond.value_order 
_chem_comp_bond.pdbx_aromatic_flag 
_chem_comp_bond.pdbx_stereo_config 
_chem_comp_bond.pdbx_ordinal 
ALA N   CA   sing N N 1   
ALA N   H    sing N N 2   
ALA N   H2   sing N N 3   
ALA CA  C    sing N N 4   
ALA CA  CB   sing N N 5   
ALA CA  HA   sing N N 6   
ALA C   O    doub N N 7   
ALA C   OXT  sing N N 8   
ALA CB  HB1  sing N N 9   
ALA CB  HB2  sing N N 10  
ALA CB  HB3  sing N N 11  
ALA OXT HXT  sing N N 12  
ARG N   CA   sing N N 13  
ARG N   H    sing N N 14  
ARG N   H2   sing N N 15  
ARG CA  C    sing N N 16  
ARG CA  CB   sing N N 17  
ARG CA  HA   sing N N 18  
ARG C   O    doub N N 19  
ARG C   OXT  sing N N 20  
ARG CB  CG   sing N N 21  
ARG CB  HB2  sing N N 22  
ARG CB  HB3  sing N N 23  
ARG CG  CD   sing N N 24  
ARG CG  HG2  sing N N 25  
ARG CG  HG3  sing N N 26  
ARG CD  NE   sing N N 27  
ARG CD  HD2  sing N N 28  
ARG CD  HD3  sing N N 29  
ARG NE  CZ   sing N N 30  
ARG NE  HE   sing N N 31  
ARG CZ  NH1  sing N N 32  
ARG CZ  NH2  doub N N 33  
ARG NH1 HH11 sing N N 34  
ARG NH1 HH12 sing N N 35  
ARG NH2 HH21 sing N N 36  
ARG NH2 HH22 sing N N 37  
ARG OXT HXT  sing N N 38  
ASN N   CA   sing N N 39  
ASN N   H    sing N N 40  
ASN N   H2   sing N N 41  
ASN CA  C    sing N N 42  
ASN CA  CB   sing N N 43  
ASN CA  HA   sing N N 44  
ASN C   O    doub N N 45  
ASN C   OXT  sing N N 46  
ASN CB  CG   sing N N 47  
ASN CB  HB2  sing N N 48  
ASN CB  HB3  sing N N 49  
ASN CG  OD1  doub N N 50  
ASN CG  ND2  sing N N 51  
ASN ND2 HD21 sing N N 52  
ASN ND2 HD22 sing N N 53  
ASN OXT HXT  sing N N 54  
ASP N   CA   sing N N 55  
ASP N   H    sing N N 56  
ASP N   H2   sing N N 57  
ASP CA  C    sing N N 58  
ASP CA  CB   sing N N 59  
ASP CA  HA   sing N N 60  
ASP C   O    doub N N 61  
ASP C   OXT  sing N N 62  
ASP CB  CG   sing N N 63  
ASP CB  HB2  sing N N 64  
ASP CB  HB3  sing N N 65  
ASP CG  OD1  doub N N 66  
ASP CG  OD2  sing N N 67  
ASP OD2 HD2  sing N N 68  
ASP OXT HXT  sing N N 69  
CYS N   CA   sing N N 70  
CYS N   H    sing N N 71  
CYS N   H2   sing N N 72  
CYS CA  C    sing N N 73  
CYS CA  CB   sing N N 74  
CYS CA  HA   sing N N 75  
CYS C   O    doub N N 76  
CYS C   OXT  sing N N 77  
CYS CB  SG   sing N N 78  
CYS CB  HB2  sing N N 79  
CYS CB  HB3  sing N N 80  
CYS SG  HG   sing N N 81  
CYS OXT HXT  sing N N 82  
GLN N   CA   sing N N 83  
GLN N   H    sing N N 84  
GLN N   H2   sing N N 85  
GLN CA  C    sing N N 86  
GLN CA  CB   sing N N 87  
GLN CA  HA   sing N N 88  
GLN C   O    doub N N 89  
GLN C   OXT  sing N N 90  
GLN CB  CG   sing N N 91  
GLN CB  HB2  sing N N 92  
GLN CB  HB3  sing N N 93  
GLN CG  CD   sing N N 94  
GLN CG  HG2  sing N N 95  
GLN CG  HG3  sing N N 96  
GLN CD  OE1  doub N N 97  
GLN CD  NE2  sing N N 98  
GLN NE2 HE21 sing N N 99  
GLN NE2 HE22 sing N N 100 
GLN OXT HXT  sing N N 101 
GLU N   CA   sing N N 102 
GLU N   H    sing N N 103 
GLU N   H2   sing N N 104 
GLU CA  C    sing N N 105 
GLU CA  CB   sing N N 106 
GLU CA  HA   sing N N 107 
GLU C   O    doub N N 108 
GLU C   OXT  sing N N 109 
GLU CB  CG   sing N N 110 
GLU CB  HB2  sing N N 111 
GLU CB  HB3  sing N N 112 
GLU CG  CD   sing N N 113 
GLU CG  HG2  sing N N 114 
GLU CG  HG3  sing N N 115 
GLU CD  OE1  doub N N 116 
GLU CD  OE2  sing N N 117 
GLU OE2 HE2  sing N N 118 
GLU OXT HXT  sing N N 119 
GLY N   CA   sing N N 120 
GLY N   H    sing N N 121 
GLY N   H2   sing N N 122 
GLY CA  C    sing N N 123 
GLY CA  HA2  sing N N 124 
GLY CA  HA3  sing N N 125 
GLY C   O    doub N N 126 
GLY C   OXT  sing N N 127 
GLY OXT HXT  sing N N 128 
HIS N   CA   sing N N 129 
HIS N   H    sing N N 130 
HIS N   H2   sing N N 131 
HIS CA  C    sing N N 132 
HIS CA  CB   sing N N 133 
HIS CA  HA   sing N N 134 
HIS C   O    doub N N 135 
HIS C   OXT  sing N N 136 
HIS CB  CG   sing N N 137 
HIS CB  HB2  sing N N 138 
HIS CB  HB3  sing N N 139 
HIS CG  ND1  sing Y N 140 
HIS CG  CD2  doub Y N 141 
HIS ND1 CE1  doub Y N 142 
HIS ND1 HD1  sing N N 143 
HIS CD2 NE2  sing Y N 144 
HIS CD2 HD2  sing N N 145 
HIS CE1 NE2  sing Y N 146 
HIS CE1 HE1  sing N N 147 
HIS NE2 HE2  sing N N 148 
HIS OXT HXT  sing N N 149 
HOH O   H1   sing N N 150 
HOH O   H2   sing N N 151 
ILE N   CA   sing N N 152 
ILE N   H    sing N N 153 
ILE N   H2   sing N N 154 
ILE CA  C    sing N N 155 
ILE CA  CB   sing N N 156 
ILE CA  HA   sing N N 157 
ILE C   O    doub N N 158 
ILE C   OXT  sing N N 159 
ILE CB  CG1  sing N N 160 
ILE CB  CG2  sing N N 161 
ILE CB  HB   sing N N 162 
ILE CG1 CD1  sing N N 163 
ILE CG1 HG12 sing N N 164 
ILE CG1 HG13 sing N N 165 
ILE CG2 HG21 sing N N 166 
ILE CG2 HG22 sing N N 167 
ILE CG2 HG23 sing N N 168 
ILE CD1 HD11 sing N N 169 
ILE CD1 HD12 sing N N 170 
ILE CD1 HD13 sing N N 171 
ILE OXT HXT  sing N N 172 
LEU N   CA   sing N N 173 
LEU N   H    sing N N 174 
LEU N   H2   sing N N 175 
LEU CA  C    sing N N 176 
LEU CA  CB   sing N N 177 
LEU CA  HA   sing N N 178 
LEU C   O    doub N N 179 
LEU C   OXT  sing N N 180 
LEU CB  CG   sing N N 181 
LEU CB  HB2  sing N N 182 
LEU CB  HB3  sing N N 183 
LEU CG  CD1  sing N N 184 
LEU CG  CD2  sing N N 185 
LEU CG  HG   sing N N 186 
LEU CD1 HD11 sing N N 187 
LEU CD1 HD12 sing N N 188 
LEU CD1 HD13 sing N N 189 
LEU CD2 HD21 sing N N 190 
LEU CD2 HD22 sing N N 191 
LEU CD2 HD23 sing N N 192 
LEU OXT HXT  sing N N 193 
LYS N   CA   sing N N 194 
LYS N   H    sing N N 195 
LYS N   H2   sing N N 196 
LYS CA  C    sing N N 197 
LYS CA  CB   sing N N 198 
LYS CA  HA   sing N N 199 
LYS C   O    doub N N 200 
LYS C   OXT  sing N N 201 
LYS CB  CG   sing N N 202 
LYS CB  HB2  sing N N 203 
LYS CB  HB3  sing N N 204 
LYS CG  CD   sing N N 205 
LYS CG  HG2  sing N N 206 
LYS CG  HG3  sing N N 207 
LYS CD  CE   sing N N 208 
LYS CD  HD2  sing N N 209 
LYS CD  HD3  sing N N 210 
LYS CE  NZ   sing N N 211 
LYS CE  HE2  sing N N 212 
LYS CE  HE3  sing N N 213 
LYS NZ  HZ1  sing N N 214 
LYS NZ  HZ2  sing N N 215 
LYS NZ  HZ3  sing N N 216 
LYS OXT HXT  sing N N 217 
MET N   CA   sing N N 218 
MET N   H    sing N N 219 
MET N   H2   sing N N 220 
MET CA  C    sing N N 221 
MET CA  CB   sing N N 222 
MET CA  HA   sing N N 223 
MET C   O    doub N N 224 
MET C   OXT  sing N N 225 
MET CB  CG   sing N N 226 
MET CB  HB2  sing N N 227 
MET CB  HB3  sing N N 228 
MET CG  SD   sing N N 229 
MET CG  HG2  sing N N 230 
MET CG  HG3  sing N N 231 
MET SD  CE   sing N N 232 
MET CE  HE1  sing N N 233 
MET CE  HE2  sing N N 234 
MET CE  HE3  sing N N 235 
MET OXT HXT  sing N N 236 
MLA C1  O1A  sing N N 237 
MLA C1  O1B  doub N N 238 
MLA C1  C2   sing N N 239 
MLA O1A H1A  sing N N 240 
MLA C2  C3   sing N N 241 
MLA C2  HC21 sing N N 242 
MLA C2  HC22 sing N N 243 
MLA C3  O3A  doub N N 244 
MLA C3  O3B  sing N N 245 
MLA O3B H3B  sing N N 246 
PHE N   CA   sing N N 247 
PHE N   H    sing N N 248 
PHE N   H2   sing N N 249 
PHE CA  C    sing N N 250 
PHE CA  CB   sing N N 251 
PHE CA  HA   sing N N 252 
PHE C   O    doub N N 253 
PHE C   OXT  sing N N 254 
PHE CB  CG   sing N N 255 
PHE CB  HB2  sing N N 256 
PHE CB  HB3  sing N N 257 
PHE CG  CD1  doub Y N 258 
PHE CG  CD2  sing Y N 259 
PHE CD1 CE1  sing Y N 260 
PHE CD1 HD1  sing N N 261 
PHE CD2 CE2  doub Y N 262 
PHE CD2 HD2  sing N N 263 
PHE CE1 CZ   doub Y N 264 
PHE CE1 HE1  sing N N 265 
PHE CE2 CZ   sing Y N 266 
PHE CE2 HE2  sing N N 267 
PHE CZ  HZ   sing N N 268 
PHE OXT HXT  sing N N 269 
PRO N   CA   sing N N 270 
PRO N   CD   sing N N 271 
PRO N   H    sing N N 272 
PRO CA  C    sing N N 273 
PRO CA  CB   sing N N 274 
PRO CA  HA   sing N N 275 
PRO C   O    doub N N 276 
PRO C   OXT  sing N N 277 
PRO CB  CG   sing N N 278 
PRO CB  HB2  sing N N 279 
PRO CB  HB3  sing N N 280 
PRO CG  CD   sing N N 281 
PRO CG  HG2  sing N N 282 
PRO CG  HG3  sing N N 283 
PRO CD  HD2  sing N N 284 
PRO CD  HD3  sing N N 285 
PRO OXT HXT  sing N N 286 
SER N   CA   sing N N 287 
SER N   H    sing N N 288 
SER N   H2   sing N N 289 
SER CA  C    sing N N 290 
SER CA  CB   sing N N 291 
SER CA  HA   sing N N 292 
SER C   O    doub N N 293 
SER C   OXT  sing N N 294 
SER CB  OG   sing N N 295 
SER CB  HB2  sing N N 296 
SER CB  HB3  sing N N 297 
SER OG  HG   sing N N 298 
SER OXT HXT  sing N N 299 
THR N   CA   sing N N 300 
THR N   H    sing N N 301 
THR N   H2   sing N N 302 
THR CA  C    sing N N 303 
THR CA  CB   sing N N 304 
THR CA  HA   sing N N 305 
THR C   O    doub N N 306 
THR C   OXT  sing N N 307 
THR CB  OG1  sing N N 308 
THR CB  CG2  sing N N 309 
THR CB  HB   sing N N 310 
THR OG1 HG1  sing N N 311 
THR CG2 HG21 sing N N 312 
THR CG2 HG22 sing N N 313 
THR CG2 HG23 sing N N 314 
THR OXT HXT  sing N N 315 
TRP N   CA   sing N N 316 
TRP N   H    sing N N 317 
TRP N   H2   sing N N 318 
TRP CA  C    sing N N 319 
TRP CA  CB   sing N N 320 
TRP CA  HA   sing N N 321 
TRP C   O    doub N N 322 
TRP C   OXT  sing N N 323 
TRP CB  CG   sing N N 324 
TRP CB  HB2  sing N N 325 
TRP CB  HB3  sing N N 326 
TRP CG  CD1  doub Y N 327 
TRP CG  CD2  sing Y N 328 
TRP CD1 NE1  sing Y N 329 
TRP CD1 HD1  sing N N 330 
TRP CD2 CE2  doub Y N 331 
TRP CD2 CE3  sing Y N 332 
TRP NE1 CE2  sing Y N 333 
TRP NE1 HE1  sing N N 334 
TRP CE2 CZ2  sing Y N 335 
TRP CE3 CZ3  doub Y N 336 
TRP CE3 HE3  sing N N 337 
TRP CZ2 CH2  doub Y N 338 
TRP CZ2 HZ2  sing N N 339 
TRP CZ3 CH2  sing Y N 340 
TRP CZ3 HZ3  sing N N 341 
TRP CH2 HH2  sing N N 342 
TRP OXT HXT  sing N N 343 
TYR N   CA   sing N N 344 
TYR N   H    sing N N 345 
TYR N   H2   sing N N 346 
TYR CA  C    sing N N 347 
TYR CA  CB   sing N N 348 
TYR CA  HA   sing N N 349 
TYR C   O    doub N N 350 
TYR C   OXT  sing N N 351 
TYR CB  CG   sing N N 352 
TYR CB  HB2  sing N N 353 
TYR CB  HB3  sing N N 354 
TYR CG  CD1  doub Y N 355 
TYR CG  CD2  sing Y N 356 
TYR CD1 CE1  sing Y N 357 
TYR CD1 HD1  sing N N 358 
TYR CD2 CE2  doub Y N 359 
TYR CD2 HD2  sing N N 360 
TYR CE1 CZ   doub Y N 361 
TYR CE1 HE1  sing N N 362 
TYR CE2 CZ   sing Y N 363 
TYR CE2 HE2  sing N N 364 
TYR CZ  OH   sing N N 365 
TYR OH  HH   sing N N 366 
TYR OXT HXT  sing N N 367 
VAL N   CA   sing N N 368 
VAL N   H    sing N N 369 
VAL N   H2   sing N N 370 
VAL CA  C    sing N N 371 
VAL CA  CB   sing N N 372 
VAL CA  HA   sing N N 373 
VAL C   O    doub N N 374 
VAL C   OXT  sing N N 375 
VAL CB  CG1  sing N N 376 
VAL CB  CG2  sing N N 377 
VAL CB  HB   sing N N 378 
VAL CG1 HG11 sing N N 379 
VAL CG1 HG12 sing N N 380 
VAL CG1 HG13 sing N N 381 
VAL CG2 HG21 sing N N 382 
VAL CG2 HG22 sing N N 383 
VAL CG2 HG23 sing N N 384 
VAL OXT HXT  sing N N 385 
# 
_pdbx_initial_refinement_model.id               1 
_pdbx_initial_refinement_model.entity_id_list   ? 
_pdbx_initial_refinement_model.type             'experimental model' 
_pdbx_initial_refinement_model.source_name      PDB 
_pdbx_initial_refinement_model.accession_code   5FPX 
_pdbx_initial_refinement_model.details          'PDB ENTRY 5FPX' 
# 
_atom_sites.entry_id                    5FPZ 
_atom_sites.fract_transf_matrix[1][1]   0.00397654 
_atom_sites.fract_transf_matrix[1][2]   0.00500489 
_atom_sites.fract_transf_matrix[1][3]   -0.01808783 
_atom_sites.fract_transf_matrix[2][1]   0.01731866 
_atom_sites.fract_transf_matrix[2][2]   -0.00368197 
_atom_sites.fract_transf_matrix[2][3]   -0.00738465 
_atom_sites.fract_transf_matrix[3][1]   -0.00479024 
_atom_sites.fract_transf_matrix[3][2]   -0.01313182 
_atom_sites.fract_transf_matrix[3][3]   -0.00468668 
_atom_sites.fract_transf_vector[1]      -0.119666 
_atom_sites.fract_transf_vector[2]      0.401370 
_atom_sites.fract_transf_vector[3]      -0.065873 
# 
loop_
_atom_type.symbol 
C  
N  
NI 
O  
S  
# 
loop_
_atom_site.group_PDB 
_atom_site.id 
_atom_site.type_symbol 
_atom_site.label_atom_id 
_atom_site.label_alt_id 
_atom_site.label_comp_id 
_atom_site.label_asym_id 
_atom_site.label_entity_id 
_atom_site.label_seq_id 
_atom_site.pdbx_PDB_ins_code 
_atom_site.Cartn_x 
_atom_site.Cartn_y 
_atom_site.Cartn_z 
_atom_site.occupancy 
_atom_site.B_iso_or_equiv 
_atom_site.pdbx_formal_charge 
_atom_site.auth_seq_id 
_atom_site.auth_comp_id 
_atom_site.auth_asym_id 
_atom_site.auth_atom_id 
_atom_site.pdbx_PDB_model_num 
ATOM   1    N  N   . SER A 1 1   ? 1.269   18.189  13.320  1.00 44.25 ? 1    SER A N   1 
ATOM   2    C  CA  . SER A 1 1   ? 0.984   18.663  11.939  1.00 41.78 ? 1    SER A CA  1 
ATOM   3    C  C   . SER A 1 1   ? 1.292   17.581  10.914  1.00 38.98 ? 1    SER A C   1 
ATOM   4    O  O   . SER A 1 1   ? 2.251   16.816  11.036  1.00 41.70 ? 1    SER A O   1 
ATOM   5    C  CB  . SER A 1 1   ? 1.798   19.919  11.602  1.00 42.39 ? 1    SER A CB  1 
ATOM   6    O  OG  . SER A 1 1   ? 1.709   20.217  10.216  1.00 40.41 ? 1    SER A OG  1 
ATOM   7    N  N   . LYS A 1 2   ? 0.483   17.548  9.873   1.00 35.03 ? 2    LYS A N   1 
ATOM   8    C  CA  . LYS A 1 2   ? 0.643   16.539  8.856   1.00 30.39 ? 2    LYS A CA  1 
ATOM   9    C  C   . LYS A 1 2   ? 1.235   17.159  7.599   1.00 23.83 ? 2    LYS A C   1 
ATOM   10   O  O   . LYS A 1 2   ? 1.166   16.578  6.527   1.00 21.73 ? 2    LYS A O   1 
ATOM   11   C  CB  . LYS A 1 2   ? -0.710  15.931  8.556   1.00 34.88 ? 2    LYS A CB  1 
ATOM   12   C  CG  . LYS A 1 2   ? -1.563  15.629  9.776   1.00 37.20 ? 2    LYS A CG  1 
ATOM   13   C  CD  . LYS A 1 2   ? -2.934  15.161  9.328   1.00 40.01 ? 2    LYS A CD  1 
ATOM   14   C  CE  . LYS A 1 2   ? -3.853  16.331  9.007   1.00 41.83 ? 2    LYS A CE  1 
ATOM   15   N  NZ  . LYS A 1 2   ? -4.782  16.622  10.140  1.00 45.15 ? 2    LYS A NZ  1 
ATOM   16   N  N   . MET A 1 3   ? 1.831   18.349  7.715   1.00 18.62 ? 3    MET A N   1 
ATOM   17   C  CA  . MET A 1 3   ? 2.475   18.957  6.571   1.00 17.21 ? 3    MET A CA  1 
ATOM   18   C  C   . MET A 1 3   ? 3.736   18.186  6.191   1.00 16.38 ? 3    MET A C   1 
ATOM   19   O  O   . MET A 1 3   ? 4.032   17.996  5.002   1.00 15.81 ? 3    MET A O   1 
ATOM   20   C  CB  . MET A 1 3   ? 2.801   20.433  6.855   1.00 17.58 ? 3    MET A CB  1 
ATOM   21   C  CG  . MET A 1 3   ? 3.567   21.109  5.753   1.00 17.93 ? 3    MET A CG  1 
ATOM   22   S  SD  . MET A 1 3   ? 3.824   22.877  6.046   1.00 20.65 ? 3    MET A SD  1 
ATOM   23   C  CE  . MET A 1 3   ? 2.200   23.522  5.702   1.00 21.55 ? 3    MET A CE  1 
ATOM   24   N  N   . PHE A 1 4   ? 4.491   17.735  7.187   1.00 15.58 ? 4    PHE A N   1 
ATOM   25   C  CA  . PHE A 1 4   ? 5.715   16.998  6.956   1.00 15.77 ? 4    PHE A CA  1 
ATOM   26   C  C   . PHE A 1 4   ? 5.617   15.649  7.617   1.00 16.41 ? 4    PHE A C   1 
ATOM   27   O  O   . PHE A 1 4   ? 5.327   15.563  8.814   1.00 18.17 ? 4    PHE A O   1 
ATOM   28   C  CB  . PHE A 1 4   ? 6.931   17.749  7.480   1.00 16.64 ? 4    PHE A CB  1 
ATOM   29   C  CG  . PHE A 1 4   ? 7.185   19.056  6.793   1.00 16.63 ? 4    PHE A CG  1 
ATOM   30   C  CD1 . PHE A 1 4   ? 7.792   19.085  5.548   1.00 16.93 ? 4    PHE A CD1 1 
ATOM   31   C  CD2 . PHE A 1 4   ? 6.825   20.259  7.390   1.00 17.43 ? 4    PHE A CD2 1 
ATOM   32   C  CE1 . PHE A 1 4   ? 8.066   20.289  4.915   1.00 18.00 ? 4    PHE A CE1 1 
ATOM   33   C  CE2 . PHE A 1 4   ? 7.061   21.455  6.754   1.00 17.76 ? 4    PHE A CE2 1 
ATOM   34   C  CZ  . PHE A 1 4   ? 7.700   21.475  5.525   1.00 18.50 ? 4    PHE A CZ  1 
ATOM   35   N  N   . PHE A 1 5   ? 5.819   14.595  6.843   1.00 13.60 ? 5    PHE A N   1 
ATOM   36   C  CA  . PHE A 1 5   ? 5.911   13.243  7.375   1.00 13.31 ? 5    PHE A CA  1 
ATOM   37   C  C   . PHE A 1 5   ? 7.368   12.843  7.502   1.00 12.86 ? 5    PHE A C   1 
ATOM   38   O  O   . PHE A 1 5   ? 8.097   12.760  6.528   1.00 12.33 ? 5    PHE A O   1 
ATOM   39   C  CB  . PHE A 1 5   ? 5.159   12.241  6.498   1.00 14.15 ? 5    PHE A CB  1 
ATOM   40   C  CG  . PHE A 1 5   ? 5.391   10.812  6.908   1.00 14.19 ? 5    PHE A CG  1 
ATOM   41   C  CD1 . PHE A 1 5   ? 4.767   10.287  8.038   1.00 13.94 ? 5    PHE A CD1 1 
ATOM   42   C  CD2 . PHE A 1 5   ? 6.270   10.006  6.208   1.00 13.91 ? 5    PHE A CD2 1 
ATOM   43   C  CE1 . PHE A 1 5   ? 5.006   8.972   8.421   1.00 13.65 ? 5    PHE A CE1 1 
ATOM   44   C  CE2 . PHE A 1 5   ? 6.536   8.700   6.607   1.00 14.55 ? 5    PHE A CE2 1 
ATOM   45   C  CZ  . PHE A 1 5   ? 5.883   8.179   7.720   1.00 13.98 ? 5    PHE A CZ  1 
ATOM   46   N  N   . ILE A 1 6   ? 7.788   12.564  8.737   1.00 12.37 ? 6    ILE A N   1 
ATOM   47   C  CA  . ILE A 1 6   ? 9.159   12.151  9.019   1.00 12.78 ? 6    ILE A CA  1 
ATOM   48   C  C   . ILE A 1 6   ? 9.105   10.670  9.407   1.00 12.34 ? 6    ILE A C   1 
ATOM   49   O  O   . ILE A 1 6   ? 8.555   10.299  10.455  1.00 12.61 ? 6    ILE A O   1 
ATOM   50   C  CB  . ILE A 1 6   ? 9.798   12.996  10.136  1.00 13.07 ? 6    ILE A CB  1 
ATOM   51   C  CG1 . ILE A 1 6   ? 9.610   14.494  9.854   1.00 13.93 ? 6    ILE A CG1 1 
ATOM   52   C  CG2 . ILE A 1 6   ? 11.257  12.593  10.298  1.00 13.36 ? 6    ILE A CG2 1 
ATOM   53   C  CD1 . ILE A 1 6   ? 10.220  14.969  8.548   1.00 14.40 ? 6    ILE A CD1 1 
ATOM   54   N  N   . ASN A 1 7   ? 9.671   9.834   8.552   1.00 12.43 ? 7    ASN A N   1 
ATOM   55   C  CA  . ASN A 1 7   ? 9.538   8.390   8.676   1.00 12.70 ? 7    ASN A CA  1 
ATOM   56   C  C   . ASN A 1 7   ? 10.117  7.917   10.010  1.00 13.37 ? 7    ASN A C   1 
ATOM   57   O  O   . ASN A 1 7   ? 9.514   7.086   10.677  1.00 13.36 ? 7    ASN A O   1 
ATOM   58   C  CB  . ASN A 1 7   ? 10.212  7.689   7.497   1.00 12.83 ? 7    ASN A CB  1 
ATOM   59   C  CG  . ASN A 1 7   ? 9.860   6.210   7.408   1.00 13.39 ? 7    ASN A CG  1 
ATOM   60   O  OD1 . ASN A 1 7   ? 8.708   5.828   7.608   1.00 13.43 ? 7    ASN A OD1 1 
ATOM   61   N  ND2 . ASN A 1 7   ? 10.850  5.387   7.152   1.00 15.02 ? 7    ASN A ND2 1 
ATOM   62   N  N   . ASP A 1 8   ? 11.275  8.454   10.389  1.00 13.90 ? 8    ASP A N   1 
ATOM   63   C  CA  . ASP A 1 8   ? 11.959  7.984   11.593  1.00 14.08 ? 8    ASP A CA  1 
ATOM   64   C  C   . ASP A 1 8   ? 11.377  8.579   12.860  1.00 14.96 ? 8    ASP A C   1 
ATOM   65   O  O   . ASP A 1 8   ? 11.953  8.337   13.942  1.00 16.37 ? 8    ASP A O   1 
ATOM   66   C  CB  . ASP A 1 8   ? 13.460  8.285   11.503  1.00 14.50 ? 8    ASP A CB  1 
ATOM   67   C  CG  . ASP A 1 8   ? 14.158  7.466   10.452  1.00 14.98 ? 8    ASP A CG  1 
ATOM   68   O  OD1 . ASP A 1 8   ? 13.600  6.455   9.972   1.00 16.37 ? 8    ASP A OD1 1 
ATOM   69   O  OD2 . ASP A 1 8   ? 15.317  7.812   10.078  1.00 17.87 ? 8    ASP A OD2 1 
ATOM   70   N  N   . GLU A 1 9   ? 10.304  9.363   12.750  1.00 14.47 ? 9    GLU A N   1 
ATOM   71   C  CA  . GLU A 1 9   ? 9.545   9.827   13.907  1.00 14.79 ? 9    GLU A CA  1 
ATOM   72   C  C   . GLU A 1 9   ? 8.148   9.199   14.007  1.00 15.18 ? 9    GLU A C   1 
ATOM   73   O  O   . GLU A 1 9   ? 7.299   9.673   14.751  1.00 18.41 ? 9    GLU A O   1 
ATOM   74   C  CB  . GLU A 1 9   ? 9.390   11.339  13.866  1.00 15.09 ? 9    GLU A CB  1 
ATOM   75   C  CG  . GLU A 1 9   ? 10.705  12.090  13.961  1.00 16.21 ? 9    GLU A CG  1 
ATOM   76   C  CD  . GLU A 1 9   ? 10.581  13.590  13.723  1.00 15.93 ? 9    GLU A CD  1 
ATOM   77   O  OE1 . GLU A 1 9   ? 9.495   14.162  13.601  1.00 18.56 ? 9    GLU A OE1 1 
ATOM   78   O  OE2 . GLU A 1 9   ? 11.628  14.203  13.628  1.00 22.36 ? 9    GLU A OE2 1 
ATOM   79   N  N   . THR A 1 10  ? 7.876   8.180   13.204  1.00 13.82 ? 10   THR A N   1 
ATOM   80   C  CA  . THR A 1 10  ? 6.547   7.593   13.156  1.00 13.76 ? 10   THR A CA  1 
ATOM   81   C  C   . THR A 1 10  ? 6.635   6.080   13.343  1.00 13.32 ? 10   THR A C   1 
ATOM   82   O  O   . THR A 1 10  ? 7.345   5.423   12.599  1.00 12.56 ? 10   THR A O   1 
ATOM   83   C  CB  . THR A 1 10  ? 5.890   7.891   11.800  1.00 14.05 ? 10   THR A CB  1 
ATOM   84   O  OG1 . THR A 1 10  ? 5.902   9.314   11.599  1.00 15.50 ? 10   THR A OG1 1 
ATOM   85   C  CG2 . THR A 1 10  ? 4.462   7.358   11.794  1.00 14.33 ? 10   THR A CG2 1 
ATOM   86   N  N   . PRO A 1 11  ? 5.923   5.545   14.351  1.00 13.79 ? 11   PRO A N   1 
ATOM   87   C  CA  . PRO A 1 11  ? 6.023   4.111   14.598  1.00 13.64 ? 11   PRO A CA  1 
ATOM   88   C  C   . PRO A 1 11  ? 5.154   3.304   13.617  1.00 13.48 ? 11   PRO A C   1 
ATOM   89   O  O   . PRO A 1 11  ? 4.211   3.836   13.026  1.00 13.48 ? 11   PRO A O   1 
ATOM   90   C  CB  . PRO A 1 11  ? 5.501   3.990   16.033  1.00 14.03 ? 11   PRO A CB  1 
ATOM   91   C  CG  . PRO A 1 11  ? 4.519   5.070   16.149  1.00 15.19 ? 11   PRO A CG  1 
ATOM   92   C  CD  . PRO A 1 11  ? 5.096   6.213   15.368  1.00 14.52 ? 11   PRO A CD  1 
ATOM   93   N  N   . TRP A 1 12  ? 5.483   2.025   13.497  1.00 14.16 ? 12   TRP A N   1 
ATOM   94   C  CA  . TRP A 1 12  ? 4.688   1.079   12.717  1.00 14.63 ? 12   TRP A CA  1 
ATOM   95   C  C   . TRP A 1 12  ? 3.425   0.651   13.444  1.00 15.44 ? 12   TRP A C   1 
ATOM   96   O  O   . TRP A 1 12  ? 3.436   0.434   14.660  1.00 16.11 ? 12   TRP A O   1 
ATOM   97   C  CB  . TRP A 1 12  ? 5.500   -0.169  12.418  1.00 14.50 ? 12   TRP A CB  1 
ATOM   98   C  CG  . TRP A 1 12  ? 6.690   0.060   11.566  1.00 14.70 ? 12   TRP A CG  1 
ATOM   99   C  CD1 . TRP A 1 12  ? 7.991   0.085   11.971  1.00 15.72 ? 12   TRP A CD1 1 
ATOM   100  C  CD2 . TRP A 1 12  ? 6.706   0.272   10.146  1.00 14.54 ? 12   TRP A CD2 1 
ATOM   101  N  NE1 . TRP A 1 12  ? 8.817   0.306   10.912  1.00 16.28 ? 12   TRP A NE1 1 
ATOM   102  C  CE2 . TRP A 1 12  ? 8.060   0.430   9.773   1.00 14.88 ? 12   TRP A CE2 1 
ATOM   103  C  CE3 . TRP A 1 12  ? 5.705   0.376   9.150   1.00 14.56 ? 12   TRP A CE3 1 
ATOM   104  C  CZ2 . TRP A 1 12  ? 8.445   0.649   8.449   1.00 15.04 ? 12   TRP A CZ2 1 
ATOM   105  C  CZ3 . TRP A 1 12  ? 6.097   0.597   7.835   1.00 14.75 ? 12   TRP A CZ3 1 
ATOM   106  C  CH2 . TRP A 1 12  ? 7.456   0.738   7.508   1.00 15.34 ? 12   TRP A CH2 1 
ATOM   107  N  N   . GLU A 1 13  ? 2.349   0.485   12.671  1.00 15.85 ? 13   GLU A N   1 
ATOM   108  C  CA  . GLU A 1 13  ? 1.196   -0.269  13.106  1.00 18.04 ? 13   GLU A CA  1 
ATOM   109  C  C   . GLU A 1 13  ? 1.323   -1.690  12.576  1.00 17.91 ? 13   GLU A C   1 
ATOM   110  O  O   . GLU A 1 13  ? 1.339   -1.881  11.365  1.00 17.65 ? 13   GLU A O   1 
ATOM   111  C  CB  . GLU A 1 13  ? -0.119  0.337   12.626  1.00 21.48 ? 13   GLU A CB  1 
ATOM   112  C  CG  . GLU A 1 13  ? -1.294  -0.433  13.232  1.00 27.22 ? 13   GLU A CG  1 
ATOM   113  C  CD  . GLU A 1 13  ? -2.670  -0.051  12.726  1.00 33.03 ? 13   GLU A CD  1 
ATOM   114  O  OE1 . GLU A 1 13  ? -2.864  1.091   12.260  1.00 38.25 ? 13   GLU A OE1 1 
ATOM   115  O  OE2 . GLU A 1 13  ? -3.570  -0.929  12.842  1.00 36.07 ? 13   GLU A OE2 1 
ATOM   116  N  N   . GLU A 1 14  ? 1.408   -2.679  13.461  1.00 17.64 ? 14   GLU A N   1 
ATOM   117  C  CA  . GLU A 1 14  ? 1.517   -4.081  13.072  1.00 17.69 ? 14   GLU A CA  1 
ATOM   118  C  C   . GLU A 1 14  ? 0.144   -4.593  12.652  1.00 18.48 ? 14   GLU A C   1 
ATOM   119  O  O   . GLU A 1 14  ? -0.844  -4.453  13.390  1.00 20.63 ? 14   GLU A O   1 
ATOM   120  C  CB  . GLU A 1 14  ? 2.052   -4.939  14.239  1.00 19.82 ? 14   GLU A CB  1 
ATOM   121  C  CG  . GLU A 1 14  ? 3.454   -4.572  14.681  1.00 22.36 ? 14   GLU A CG  1 
ATOM   122  C  CD  . GLU A 1 14  ? 4.576   -5.080  13.789  1.00 24.79 ? 14   GLU A CD  1 
ATOM   123  O  OE1 . GLU A 1 14  ? 4.360   -5.850  12.831  1.00 25.41 ? 14   GLU A OE1 1 
ATOM   124  O  OE2 . GLU A 1 14  ? 5.743   -4.704  14.048  1.00 29.01 ? 14   GLU A OE2 1 
ATOM   125  N  N   . LEU A 1 15  ? 0.066   -5.129  11.444  1.00 16.08 ? 15   LEU A N   1 
ATOM   126  C  CA  . LEU A 1 15  ? -1.189  -5.666  10.923  1.00 16.01 ? 15   LEU A CA  1 
ATOM   127  C  C   . LEU A 1 15  ? -1.312  -7.175  11.072  1.00 15.98 ? 15   LEU A C   1 
ATOM   128  O  O   . LEU A 1 15  ? -2.384  -7.733  10.776  1.00 17.11 ? 15   LEU A O   1 
ATOM   129  C  CB  . LEU A 1 15  ? -1.351  -5.291  9.461   1.00 15.34 ? 15   LEU A CB  1 
ATOM   130  C  CG  . LEU A 1 15  ? -1.245  -3.805  9.124   1.00 15.82 ? 15   LEU A CG  1 
ATOM   131  C  CD1 . LEU A 1 15  ? -1.630  -3.594  7.678   1.00 16.26 ? 15   LEU A CD1 1 
ATOM   132  C  CD2 . LEU A 1 15  ? -2.085  -2.930  10.018  1.00 16.13 ? 15   LEU A CD2 1 
ATOM   133  N  N   . GLY A 1 16  ? -0.245  -7.819  11.493  1.00 16.08 ? 16   GLY A N   1 
ATOM   134  C  CA  . GLY A 1 16  ? -0.140  -9.259  11.506  1.00 16.03 ? 16   GLY A CA  1 
ATOM   135  C  C   . GLY A 1 16  ? 0.271   -9.804  10.165  1.00 16.32 ? 16   GLY A C   1 
ATOM   136  O  O   . GLY A 1 16  ? 0.273   -9.079  9.157   1.00 16.59 ? 16   GLY A O   1 
ATOM   137  N  N   . ASN A 1 17  ? 0.634   -11.080 10.163  1.00 16.57 ? 17   ASN A N   1 
ATOM   138  C  CA  . ASN A 1 17  ? 0.918   -11.806 8.941   1.00 17.35 ? 17   ASN A CA  1 
ATOM   139  C  C   . ASN A 1 17  ? 2.006   -11.154 8.086   1.00 16.75 ? 17   ASN A C   1 
ATOM   140  O  O   . ASN A 1 17  ? 1.943   -11.209 6.851   1.00 17.93 ? 17   ASN A O   1 
ATOM   141  C  CB  . ASN A 1 17  ? -0.365  -12.003 8.155   1.00 18.86 ? 17   ASN A CB  1 
ATOM   142  C  CG  . ASN A 1 17  ? -1.328  -12.947 8.867   1.00 20.62 ? 17   ASN A CG  1 
ATOM   143  O  OD1 . ASN A 1 17  ? -2.381  -12.542 9.359   1.00 23.33 ? 17   ASN A OD1 1 
ATOM   144  N  ND2 . ASN A 1 17  ? -0.930  -14.204 8.968   1.00 20.99 ? 17   ASN A ND2 1 
ATOM   145  N  N   . GLY A 1 18  ? 3.019   -10.589 8.748   1.00 16.07 ? 18   GLY A N   1 
ATOM   146  C  CA  . GLY A 1 18  ? 4.228   -10.127 8.058   1.00 15.64 ? 18   GLY A CA  1 
ATOM   147  C  C   . GLY A 1 18  ? 4.101   -8.736  7.455   1.00 15.02 ? 18   GLY A C   1 
ATOM   148  O  O   . GLY A 1 18  ? 4.988   -8.306  6.718   1.00 15.10 ? 18   GLY A O   1 
ATOM   149  N  N   . ILE A 1 19  ? 3.039   -8.020  7.802   1.00 14.03 ? 19   ILE A N   1 
ATOM   150  C  CA  . ILE A 1 19  ? 2.762   -6.704  7.219   1.00 14.19 ? 19   ILE A CA  1 
ATOM   151  C  C   . ILE A 1 19  ? 2.615   -5.653  8.313   1.00 14.79 ? 19   ILE A C   1 
ATOM   152  O  O   . ILE A 1 19  ? 2.005   -5.888  9.369   1.00 13.98 ? 19   ILE A O   1 
ATOM   153  C  CB  . ILE A 1 19  ? 1.492   -6.732  6.350   1.00 14.64 ? 19   ILE A CB  1 
ATOM   154  C  CG1 . ILE A 1 19  ? 1.588   -7.883  5.338   1.00 15.69 ? 19   ILE A CG1 1 
ATOM   155  C  CG2 . ILE A 1 19  ? 1.268   -5.382  5.660   1.00 14.73 ? 19   ILE A CG2 1 
ATOM   156  C  CD1 . ILE A 1 19  ? 0.419   -8.053  4.407   1.00 17.11 ? 19   ILE A CD1 1 
ATOM   157  N  N   . LYS A 1 20  ? 3.165   -4.458  8.072   1.00 14.45 ? 20   LYS A N   1 
ATOM   158  C  CA  . LYS A 1 20  ? 2.979   -3.344  9.000   1.00 15.16 ? 20   LYS A CA  1 
ATOM   159  C  C   . LYS A 1 20  ? 2.840   -2.053  8.206   1.00 14.75 ? 20   LYS A C   1 
ATOM   160  O  O   . LYS A 1 20  ? 3.232   -2.004  7.038   1.00 14.60 ? 20   LYS A O   1 
ATOM   161  C  CB  . LYS A 1 20  ? 4.123   -3.271  10.003  1.00 16.76 ? 20   LYS A CB  1 
ATOM   162  C  CG  . LYS A 1 20  ? 5.494   -3.245  9.424   1.00 19.10 ? 20   LYS A CG  1 
ATOM   163  C  CD  . LYS A 1 20  ? 6.557   -3.417  10.517  1.00 20.52 ? 20   LYS A CD  1 
ATOM   164  C  CE  . LYS A 1 20  ? 7.945   -3.274  9.956   1.00 22.40 ? 20   LYS A CE  1 
ATOM   165  N  NZ  . LYS A 1 20  ? 8.989   -3.380  11.017  1.00 24.24 ? 20   LYS A NZ  1 
ATOM   166  N  N   . ARG A 1 21  ? 2.246   -1.036  8.814   1.00 13.98 ? 21   ARG A N   1 
ATOM   167  C  CA  . ARG A 1 21  ? 1.833   0.162   8.095   1.00 15.25 ? 21   ARG A CA  1 
ATOM   168  C  C   . ARG A 1 21  ? 2.097   1.427   8.883   1.00 14.03 ? 21   ARG A C   1 
ATOM   169  O  O   . ARG A 1 21  ? 2.100   1.405   10.111  1.00 14.35 ? 21   ARG A O   1 
ATOM   170  C  CB  . ARG A 1 21  ? 0.324   0.075   7.794   1.00 18.29 ? 21   ARG A CB  1 
ATOM   171  C  CG  . ARG A 1 21  ? -0.366  1.356   7.379   1.00 22.08 ? 21   ARG A CG  1 
ATOM   172  C  CD  . ARG A 1 21  ? -1.841  1.146   7.088   1.00 24.04 ? 21   ARG A CD  1 
ATOM   173  N  NE  . ARG A 1 21  ? -2.691  0.926   8.256   1.00 24.19 ? 21   ARG A NE  1 
ATOM   174  C  CZ  . ARG A 1 21  ? -3.671  0.020   8.304   1.00 23.44 ? 21   ARG A CZ  1 
ATOM   175  N  NH1 . ARG A 1 21  ? -3.918  -0.781  7.271   1.00 21.69 ? 21   ARG A NH1 1 
ATOM   176  N  NH2 . ARG A 1 21  ? -4.394  -0.094  9.409   1.00 25.50 ? 21   ARG A NH2 1 
ATOM   177  N  N   . LYS A 1 22  ? 2.270   2.533   8.165   1.00 12.88 ? 22   LYS A N   1 
ATOM   178  C  CA  . LYS A 1 22  ? 2.173   3.868   8.742   1.00 12.37 ? 22   LYS A CA  1 
ATOM   179  C  C   . LYS A 1 22  ? 1.288   4.724   7.864   1.00 13.00 ? 22   LYS A C   1 
ATOM   180  O  O   . LYS A 1 22  ? 1.553   4.868   6.658   1.00 13.36 ? 22   LYS A O   1 
ATOM   181  C  CB  . LYS A 1 22  ? 3.534   4.583   8.822   1.00 12.26 ? 22   LYS A CB  1 
ATOM   182  C  CG  . LYS A 1 22  ? 4.643   3.833   9.518   1.00 12.15 ? 22   LYS A CG  1 
ATOM   183  C  CD  . LYS A 1 22  ? 5.956   4.583   9.495   1.00 12.35 ? 22   LYS A CD  1 
ATOM   184  C  CE  . LYS A 1 22  ? 7.066   3.697   10.000  1.00 12.48 ? 22   LYS A CE  1 
ATOM   185  N  NZ  . LYS A 1 22  ? 8.325   4.498   10.097  1.00 12.59 ? 22   LYS A NZ  1 
ATOM   186  N  N   . VAL A 1 23  ? 0.250   5.315   8.432   1.00 13.47 ? 23   VAL A N   1 
ATOM   187  C  CA  . VAL A 1 23  ? -0.472  6.382   7.744   1.00 14.38 ? 23   VAL A CA  1 
ATOM   188  C  C   . VAL A 1 23  ? 0.458   7.593   7.737   1.00 15.10 ? 23   VAL A C   1 
ATOM   189  O  O   . VAL A 1 23  ? 0.972   8.000   8.797   1.00 16.66 ? 23   VAL A O   1 
ATOM   190  C  CB  . VAL A 1 23  ? -1.796  6.727   8.435   1.00 16.34 ? 23   VAL A CB  1 
ATOM   191  C  CG1 . VAL A 1 23  ? -2.473  7.904   7.743   1.00 17.70 ? 23   VAL A CG1 1 
ATOM   192  C  CG2 . VAL A 1 23  ? -2.687  5.512   8.463   1.00 16.81 ? 23   VAL A CG2 1 
ATOM   193  N  N   . MET A 1 24  ? 0.733   8.137   6.558   1.00 13.64 ? 24   MET A N   1 
ATOM   194  C  CA  . MET A 1 24  ? 1.755   9.171   6.424   1.00 13.42 ? 24   MET A CA  1 
ATOM   195  C  C   . MET A 1 24  ? 1.201   10.591  6.556   1.00 14.47 ? 24   MET A C   1 
ATOM   196  O  O   . MET A 1 24  ? 1.557   11.334  7.480   1.00 15.42 ? 24   MET A O   1 
ATOM   197  C  CB  . MET A 1 24  ? 2.524   8.960   5.109   1.00 12.57 ? 24   MET A CB  1 
ATOM   198  C  CG  . MET A 1 24  ? 3.286   7.642   5.104   1.00 12.80 ? 24   MET A CG  1 
ATOM   199  S  SD  . MET A 1 24  ? 3.807   7.092   3.488   1.00 13.58 ? 24   MET A SD  1 
ATOM   200  C  CE  . MET A 1 24  ? 4.994   8.336   3.028   1.00 15.40 ? 24   MET A CE  1 
ATOM   201  N  N   . THR A 1 25  ? 0.336   10.969  5.629   1.00 14.27 ? 25   THR A N   1 
ATOM   202  C  CA  . THR A 1 25  ? -0.348  12.236  5.697   1.00 14.14 ? 25   THR A CA  1 
ATOM   203  C  C   . THR A 1 25  ? -1.559  12.188  4.774   1.00 13.98 ? 25   THR A C   1 
ATOM   204  O  O   . THR A 1 25  ? -1.711  11.246  3.973   1.00 13.34 ? 25   THR A O   1 
ATOM   205  C  CB  . THR A 1 25  ? 0.585   13.425  5.361   1.00 14.96 ? 25   THR A CB  1 
ATOM   206  O  OG1 . THR A 1 25  ? -0.170  14.626  5.559   1.00 16.97 ? 25   THR A OG1 1 
ATOM   207  C  CG2 . THR A 1 25  ? 1.133   13.342  3.937   1.00 15.62 ? 25   THR A CG2 1 
ATOM   208  N  N   . TRP A 1 26  ? -2.433  13.172  4.907   1.00 13.58 ? 26   TRP A N   1 
ATOM   209  C  CA  . TRP A 1 26  ? -3.674  13.222  4.156   1.00 13.76 ? 26   TRP A CA  1 
ATOM   210  C  C   . TRP A 1 26  ? -4.314  14.596  4.177   1.00 13.58 ? 26   TRP A C   1 
ATOM   211  O  O   . TRP A 1 26  ? -4.044  15.422  5.069   1.00 14.65 ? 26   TRP A O   1 
ATOM   212  C  CB  . TRP A 1 26  ? -4.722  12.192  4.660   1.00 15.08 ? 26   TRP A CB  1 
ATOM   213  C  CG  . TRP A 1 26  ? -5.221  12.483  6.063   1.00 15.86 ? 26   TRP A CG  1 
ATOM   214  C  CD1 . TRP A 1 26  ? -6.356  13.160  6.392   1.00 17.91 ? 26   TRP A CD1 1 
ATOM   215  C  CD2 . TRP A 1 26  ? -4.592  12.127  7.293   1.00 18.20 ? 26   TRP A CD2 1 
ATOM   216  N  NE1 . TRP A 1 26  ? -6.477  13.247  7.748   1.00 19.33 ? 26   TRP A NE1 1 
ATOM   217  C  CE2 . TRP A 1 26  ? -5.413  12.620  8.333   1.00 18.30 ? 26   TRP A CE2 1 
ATOM   218  C  CE3 . TRP A 1 26  ? -3.425  11.440  7.622   1.00 19.49 ? 26   TRP A CE3 1 
ATOM   219  C  CZ2 . TRP A 1 26  ? -5.101  12.439  9.684   1.00 21.12 ? 26   TRP A CZ2 1 
ATOM   220  C  CZ3 . TRP A 1 26  ? -3.106  11.265  8.975   1.00 21.49 ? 26   TRP A CZ3 1 
ATOM   221  C  CH2 . TRP A 1 26  ? -3.938  11.779  9.980   1.00 21.68 ? 26   TRP A CH2 1 
ATOM   222  N  N   . SER A 1 27  ? -5.173  14.785  3.188   1.00 14.38 ? 27   SER A N   1 
ATOM   223  C  CA  . SER A 1 27  ? -6.209  15.799  3.182   1.00 14.98 ? 27   SER A CA  1 
ATOM   224  C  C   . SER A 1 27  ? -7.538  15.040  3.047   1.00 15.25 ? 27   SER A C   1 
ATOM   225  O  O   . SER A 1 27  ? -7.545  13.796  2.962   1.00 15.15 ? 27   SER A O   1 
ATOM   226  C  CB  . SER A 1 27  ? -5.995  16.724  1.999   1.00 15.40 ? 27   SER A CB  1 
ATOM   227  O  OG  . SER A 1 27  ? -6.309  16.083  0.784   1.00 15.53 ? 27   SER A OG  1 
ATOM   228  N  N   . ASP A 1 28  ? -8.659  15.738  2.971   1.00 16.29 ? 28   ASP A N   1 
ATOM   229  C  CA  . ASP A 1 28  ? -9.912  15.034  2.756   1.00 16.97 ? 28   ASP A CA  1 
ATOM   230  C  C   . ASP A 1 28  ? -9.901  14.194  1.477   1.00 16.22 ? 28   ASP A C   1 
ATOM   231  O  O   . ASP A 1 28  ? -10.544 13.141  1.402   1.00 16.69 ? 28   ASP A O   1 
ATOM   232  C  CB  . ASP A 1 28  ? -11.076 16.022  2.681   1.00 18.93 ? 28   ASP A CB  1 
ATOM   233  C  CG  . ASP A 1 28  ? -11.477 16.564  4.055   1.00 21.82 ? 28   ASP A CG  1 
ATOM   234  O  OD1 . ASP A 1 28  ? -11.091 16.000  5.097   1.00 24.78 ? 28   ASP A OD1 1 
ATOM   235  O  OD2 . ASP A 1 28  ? -12.211 17.571  4.059   1.00 27.81 ? 28   ASP A OD2 1 
ATOM   236  N  N   . ASP A 1 29  ? -9.210  14.688  0.451   1.00 15.06 ? 29   ASP A N   1 
ATOM   237  C  CA  . ASP A 1 29  ? -9.303  14.107  -0.859  1.00 16.24 ? 29   ASP A CA  1 
ATOM   238  C  C   . ASP A 1 29  ? -8.100  13.270  -1.271  1.00 14.91 ? 29   ASP A C   1 
ATOM   239  O  O   . ASP A 1 29  ? -8.102  12.732  -2.368  1.00 15.28 ? 29   ASP A O   1 
ATOM   240  C  CB  . ASP A 1 29  ? -9.600  15.223  -1.863  1.00 18.35 ? 29   ASP A CB  1 
ATOM   241  C  CG  . ASP A 1 29  ? -10.919 15.902  -1.570  1.00 20.29 ? 29   ASP A CG  1 
ATOM   242  O  OD1 . ASP A 1 29  ? -11.950 15.210  -1.600  1.00 23.95 ? 29   ASP A OD1 1 
ATOM   243  O  OD2 . ASP A 1 29  ? -10.930 17.111  -1.264  1.00 25.64 ? 29   ASP A OD2 1 
ATOM   244  N  N   . LEU A 1 30  ? -7.100  13.146  -0.404  1.00 13.56 ? 30   LEU A N   1 
ATOM   245  C  CA  . LEU A 1 30  ? -5.862  12.490  -0.798  1.00 13.88 ? 30   LEU A CA  1 
ATOM   246  C  C   . LEU A 1 30  ? -5.161  11.935  0.432   1.00 13.32 ? 30   LEU A C   1 
ATOM   247  O  O   . LEU A 1 30  ? -5.024  12.634  1.425   1.00 14.06 ? 30   LEU A O   1 
ATOM   248  C  CB  . LEU A 1 30  ? -4.982  13.484  -1.546  1.00 14.62 ? 30   LEU A CB  1 
ATOM   249  C  CG  . LEU A 1 30  ? -3.722  12.984  -2.217  1.00 14.99 ? 30   LEU A CG  1 
ATOM   250  C  CD1 . LEU A 1 30  ? -4.038  11.950  -3.287  1.00 14.68 ? 30   LEU A CD1 1 
ATOM   251  C  CD2 . LEU A 1 30  ? -2.954  14.153  -2.833  1.00 14.53 ? 30   LEU A CD2 1 
ATOM   252  N  N   . MET A 1 31  ? -4.749  10.666  0.386   1.00 12.48 ? 31   MET A N   1 
ATOM   253  C  CA  . MET A 1 31  ? -4.059  10.057  1.518   1.00 12.58 ? 31   MET A CA  1 
ATOM   254  C  C   . MET A 1 31  ? -2.918  9.170   1.058   1.00 12.19 ? 31   MET A C   1 
ATOM   255  O  O   . MET A 1 31  ? -3.051  8.478   0.035   1.00 12.12 ? 31   MET A O   1 
ATOM   256  C  CB  . MET A 1 31  ? -5.036  9.243   2.388   1.00 13.02 ? 31   MET A CB  1 
ATOM   257  C  CG  . MET A 1 31  ? -4.379  8.441   3.522   1.00 13.49 ? 31   MET A CG  1 
ATOM   258  S  SD  . MET A 1 31  ? -5.562  7.541   4.555   1.00 14.56 ? 31   MET A SD  1 
ATOM   259  C  CE  . MET A 1 31  ? -5.910  8.762   5.838   1.00 15.37 ? 31   MET A CE  1 
ATOM   260  N  N   . MET A 1 32  ? -1.810  9.193   1.794   1.00 11.34 ? 32   MET A N   1 
ATOM   261  C  CA  . MET A 1 32  ? -0.634  8.367   1.526   1.00 11.67 ? 32   MET A CA  1 
ATOM   262  C  C   . MET A 1 32  ? -0.300  7.507   2.752   1.00 11.71 ? 32   MET A C   1 
ATOM   263  O  O   . MET A 1 32  ? -0.333  8.002   3.878   1.00 12.68 ? 32   MET A O   1 
ATOM   264  C  CB  . MET A 1 32  ? 0.557   9.246   1.160   1.00 12.16 ? 32   MET A CB  1 
ATOM   265  C  CG  . MET A 1 32  ? 1.745   8.474   0.661   1.00 12.53 ? 32   MET A CG  1 
ATOM   266  S  SD  . MET A 1 32  ? 3.111   9.502   0.100   1.00 13.02 ? 32   MET A SD  1 
ATOM   267  C  CE  . MET A 1 32  ? 2.617   9.874   -1.580  1.00 12.84 ? 32   MET A CE  1 
ATOM   268  N  N   . VAL A 1 33  ? 0.027   6.247   2.498   1.00 11.63 ? 33   VAL A N   1 
ATOM   269  C  CA  . VAL A 1 33  ? 0.276   5.217   3.512   1.00 12.56 ? 33   VAL A CA  1 
ATOM   270  C  C   . VAL A 1 33  ? 1.474   4.393   3.089   1.00 12.49 ? 33   VAL A C   1 
ATOM   271  O  O   . VAL A 1 33  ? 1.622   4.069   1.909   1.00 12.37 ? 33   VAL A O   1 
ATOM   272  C  CB  . VAL A 1 33  ? -0.968  4.296   3.646   1.00 13.81 ? 33   VAL A CB  1 
ATOM   273  C  CG1 . VAL A 1 33  ? -0.792  3.194   4.664   1.00 15.21 ? 33   VAL A CG1 1 
ATOM   274  C  CG2 . VAL A 1 33  ? -2.227  5.123   3.955   1.00 14.17 ? 33   VAL A CG2 1 
ATOM   275  N  N   . CYS A 1 34  ? 2.341   4.051   4.031   1.00 12.00 ? 34   CYS A N   1 
ATOM   276  C  CA  A CYS A 1 34  ? 3.486   3.174   3.827   0.78 12.31 ? 34   CYS A CA  1 
ATOM   277  C  CA  B CYS A 1 34  ? 3.429   3.132   3.723   0.22 12.26 ? 34   CYS A CA  1 
ATOM   278  C  C   . CYS A 1 34  ? 3.155   1.774   4.344   1.00 12.64 ? 34   CYS A C   1 
ATOM   279  O  O   . CYS A 1 34  ? 2.773   1.652   5.504   1.00 13.06 ? 34   CYS A O   1 
ATOM   280  C  CB  A CYS A 1 34  ? 4.700   3.702   4.604   0.78 13.42 ? 34   CYS A CB  1 
ATOM   281  C  CB  B CYS A 1 34  ? 4.825   3.663   4.091   0.22 12.30 ? 34   CYS A CB  1 
ATOM   282  S  SG  A CYS A 1 34  ? 6.172   2.657   4.545   0.78 14.44 ? 34   CYS A SG  1 
ATOM   283  S  SG  B CYS A 1 34  ? 5.100   4.201   5.791   0.22 12.18 ? 34   CYS A SG  1 
ATOM   284  N  N   . VAL A 1 35  ? 3.320   0.758   3.510   1.00 12.94 ? 35   VAL A N   1 
ATOM   285  C  CA  . VAL A 1 35  ? 3.060   -0.626  3.885   1.00 12.65 ? 35   VAL A CA  1 
ATOM   286  C  C   . VAL A 1 35  ? 4.320   -1.462  3.646   1.00 12.63 ? 35   VAL A C   1 
ATOM   287  O  O   . VAL A 1 35  ? 4.835   -1.544  2.534   1.00 13.12 ? 35   VAL A O   1 
ATOM   288  C  CB  . VAL A 1 35  ? 1.860   -1.217  3.139   1.00 13.25 ? 35   VAL A CB  1 
ATOM   289  C  CG1 . VAL A 1 35  ? 1.465   -2.581  3.756   1.00 13.83 ? 35   VAL A CG1 1 
ATOM   290  C  CG2 . VAL A 1 35  ? 0.703   -0.212  3.105   1.00 13.52 ? 35   VAL A CG2 1 
ATOM   291  N  N   . HIS A 1 36  ? 4.795   -2.089  4.711   1.00 12.99 ? 36   HIS A N   1 
ATOM   292  C  CA  . HIS A 1 36  ? 6.034   -2.860  4.740   1.00 13.55 ? 36   HIS A CA  1 
ATOM   293  C  C   . HIS A 1 36  ? 5.713   -4.357  4.851   1.00 14.29 ? 36   HIS A C   1 
ATOM   294  O  O   . HIS A 1 36  ? 4.917   -4.756  5.711   1.00 13.99 ? 36   HIS A O   1 
ATOM   295  C  CB  . HIS A 1 36  ? 6.828   -2.413  5.969   1.00 14.16 ? 36   HIS A CB  1 
ATOM   296  C  CG  . HIS A 1 36  ? 8.160   -3.064  6.120   1.00 15.59 ? 36   HIS A CG  1 
ATOM   297  N  ND1 . HIS A 1 36  ? 8.318   -4.352  6.583   1.00 17.91 ? 36   HIS A ND1 1 
ATOM   298  C  CD2 . HIS A 1 36  ? 9.402   -2.597  5.867   1.00 17.79 ? 36   HIS A CD2 1 
ATOM   299  C  CE1 . HIS A 1 36  ? 9.606   -4.651  6.605   1.00 18.02 ? 36   HIS A CE1 1 
ATOM   300  N  NE2 . HIS A 1 36  ? 10.280  -3.601  6.187   1.00 18.71 ? 36   HIS A NE2 1 
ATOM   301  N  N   . PHE A 1 37  ? 6.324   -5.155  3.989   1.00 12.95 ? 37   PHE A N   1 
ATOM   302  C  CA  . PHE A 1 37  ? 6.051   -6.597  3.901   1.00 13.18 ? 37   PHE A CA  1 
ATOM   303  C  C   . PHE A 1 37  ? 7.329   -7.420  4.110   1.00 14.09 ? 37   PHE A C   1 
ATOM   304  O  O   . PHE A 1 37  ? 8.387   -7.119  3.526   1.00 14.27 ? 37   PHE A O   1 
ATOM   305  C  CB  . PHE A 1 37  ? 5.570   -6.969  2.504   1.00 13.00 ? 37   PHE A CB  1 
ATOM   306  C  CG  . PHE A 1 37  ? 4.253   -6.391  2.089   1.00 13.00 ? 37   PHE A CG  1 
ATOM   307  C  CD1 . PHE A 1 37  ? 4.118   -5.047  1.807   1.00 12.99 ? 37   PHE A CD1 1 
ATOM   308  C  CD2 . PHE A 1 37  ? 3.161   -7.230  1.840   1.00 13.81 ? 37   PHE A CD2 1 
ATOM   309  C  CE1 . PHE A 1 37  ? 2.917   -4.539  1.369   1.00 13.56 ? 37   PHE A CE1 1 
ATOM   310  C  CE2 . PHE A 1 37  ? 1.962   -6.734  1.391   1.00 14.50 ? 37   PHE A CE2 1 
ATOM   311  C  CZ  . PHE A 1 37  ? 1.833   -5.378  1.165   1.00 13.82 ? 37   PHE A CZ  1 
ATOM   312  N  N   . ASP A 1 38  ? 7.219   -8.488  4.899   1.00 14.89 ? 38   ASP A N   1 
ATOM   313  C  CA  . ASP A 1 38  ? 8.267   -9.509  4.935   1.00 16.09 ? 38   ASP A CA  1 
ATOM   314  C  C   . ASP A 1 38  ? 8.205   -10.351 3.680   1.00 16.08 ? 38   ASP A C   1 
ATOM   315  O  O   . ASP A 1 38  ? 7.235   -10.330 2.919   1.00 14.74 ? 38   ASP A O   1 
ATOM   316  C  CB  . ASP A 1 38  ? 8.099   -10.427 6.145   1.00 17.78 ? 38   ASP A CB  1 
ATOM   317  C  CG  . ASP A 1 38  ? 8.249   -9.711  7.478   1.00 19.50 ? 38   ASP A CG  1 
ATOM   318  O  OD1 . ASP A 1 38  ? 8.853   -8.619  7.572   1.00 21.22 ? 38   ASP A OD1 1 
ATOM   319  O  OD2 . ASP A 1 38  ? 7.731   -10.271 8.476   1.00 22.82 ? 38   ASP A OD2 1 
ATOM   320  N  N   . LYS A 1 39  ? 9.258   -11.128 3.449   1.00 15.89 ? 39   LYS A N   1 
ATOM   321  C  CA  . LYS A 1 39  ? 9.258   -12.020 2.320   1.00 17.21 ? 39   LYS A CA  1 
ATOM   322  C  C   . LYS A 1 39  ? 8.097   -13.003 2.436   1.00 16.33 ? 39   LYS A C   1 
ATOM   323  O  O   . LYS A 1 39  ? 7.911   -13.611 3.497   1.00 18.28 ? 39   LYS A O   1 
ATOM   324  C  CB  . LYS A 1 39  ? 10.586  -12.804 2.244   1.00 18.88 ? 39   LYS A CB  1 
ATOM   325  C  CG  . LYS A 1 39  ? 10.668  -13.700 1.031   1.00 21.88 ? 39   LYS A CG  1 
ATOM   326  C  CD  . LYS A 1 39  ? 12.022  -14.399 0.931   1.00 25.42 ? 39   LYS A CD  1 
ATOM   327  C  CE  . LYS A 1 39  ? 12.085  -15.253 -0.316  1.00 29.25 ? 39   LYS A CE  1 
ATOM   328  N  NZ  . LYS A 1 39  ? 13.436  -15.866 -0.509  1.00 32.22 ? 39   LYS A NZ  1 
ATOM   329  N  N   . GLY A 1 40  ? 7.336   -13.146 1.362   1.00 15.84 ? 40   GLY A N   1 
ATOM   330  C  CA  . GLY A 1 40  ? 6.215   -14.055 1.300   1.00 15.75 ? 40   GLY A CA  1 
ATOM   331  C  C   . GLY A 1 40  ? 4.939   -13.554 1.947   1.00 16.08 ? 40   GLY A C   1 
ATOM   332  O  O   . GLY A 1 40  ? 3.924   -14.261 1.918   1.00 17.16 ? 40   GLY A O   1 
ATOM   333  N  N   . ALA A 1 41  ? 4.961   -12.363 2.548   1.00 15.39 ? 41   ALA A N   1 
ATOM   334  C  CA  . ALA A 1 41  ? 3.738   -11.825 3.145   1.00 15.02 ? 41   ALA A CA  1 
ATOM   335  C  C   . ALA A 1 41  ? 2.720   -11.526 2.047   1.00 14.95 ? 41   ALA A C   1 
ATOM   336  O  O   . ALA A 1 41  ? 3.067   -11.059 0.961   1.00 15.08 ? 41   ALA A O   1 
ATOM   337  C  CB  . ALA A 1 41  ? 4.034   -10.578 3.962   1.00 14.92 ? 41   ALA A CB  1 
ATOM   338  N  N   . ILE A 1 42  ? 1.454   -11.835 2.338   1.00 14.63 ? 42   ILE A N   1 
ATOM   339  C  CA  . ILE A 1 42  ? 0.374   -11.729 1.369   1.00 14.84 ? 42   ILE A CA  1 
ATOM   340  C  C   . ILE A 1 42  ? -0.560  -10.595 1.729   1.00 14.63 ? 42   ILE A C   1 
ATOM   341  O  O   . ILE A 1 42  ? -1.148  -10.614 2.810   1.00 14.50 ? 42   ILE A O   1 
ATOM   342  C  CB  . ILE A 1 42  ? -0.428  -13.045 1.302   1.00 15.81 ? 42   ILE A CB  1 
ATOM   343  C  CG1 . ILE A 1 42  ? 0.493   -14.211 0.884   1.00 17.10 ? 42   ILE A CG1 1 
ATOM   344  C  CG2 . ILE A 1 42  ? -1.626  -12.923 0.393   1.00 15.72 ? 42   ILE A CG2 1 
ATOM   345  C  CD1 . ILE A 1 42  ? -0.126  -15.583 1.175   1.00 18.33 ? 42   ILE A CD1 1 
ATOM   346  N  N   . GLY A 1 43  ? -0.698  -9.635  0.810   1.00 14.09 ? 43   GLY A N   1 
ATOM   347  C  CA  . GLY A 1 43  ? -1.771  -8.669  0.834   1.00 15.00 ? 43   GLY A CA  1 
ATOM   348  C  C   . GLY A 1 43  ? -2.994  -9.295  0.189   1.00 14.03 ? 43   GLY A C   1 
ATOM   349  O  O   . GLY A 1 43  ? -3.060  -9.467  -1.048  1.00 14.04 ? 43   GLY A O   1 
ATOM   350  N  N   . VAL A 1 44  ? -3.987  -9.642  1.009   1.00 14.00 ? 44   VAL A N   1 
ATOM   351  C  CA  . VAL A 1 44  ? -5.166  -10.343 0.519   1.00 13.48 ? 44   VAL A CA  1 
ATOM   352  C  C   . VAL A 1 44  ? -5.916  -9.562  -0.564  1.00 12.80 ? 44   VAL A C   1 
ATOM   353  O  O   . VAL A 1 44  ? -6.010  -8.332  -0.536  1.00 13.28 ? 44   VAL A O   1 
ATOM   354  C  CB  . VAL A 1 44  ? -6.109  -10.705 1.701   1.00 14.33 ? 44   VAL A CB  1 
ATOM   355  C  CG1 . VAL A 1 44  ? -6.809  -9.472  2.246   1.00 14.82 ? 44   VAL A CG1 1 
ATOM   356  C  CG2 . VAL A 1 44  ? -7.122  -11.783 1.318   1.00 14.62 ? 44   VAL A CG2 1 
ATOM   357  N  N   . ALA A 1 45  ? -6.470  -10.281 -1.530  1.00 13.68 ? 45   ALA A N   1 
ATOM   358  C  CA  . ALA A 1 45  ? -7.245  -9.665  -2.570  1.00 14.17 ? 45   ALA A CA  1 
ATOM   359  C  C   . ALA A 1 45  ? -8.469  -8.988  -1.978  1.00 14.10 ? 45   ALA A C   1 
ATOM   360  O  O   . ALA A 1 45  ? -9.186  -9.571  -1.164  1.00 14.41 ? 45   ALA A O   1 
ATOM   361  C  CB  . ALA A 1 45  ? -7.667  -10.702 -3.606  1.00 15.25 ? 45   ALA A CB  1 
ATOM   362  N  N   . HIS A 1 46  ? -8.702  -7.741  -2.370  1.00 13.78 ? 46   HIS A N   1 
ATOM   363  C  CA  . HIS A 1 46  ? -9.839  -6.958  -1.916  1.00 14.37 ? 46   HIS A CA  1 
ATOM   364  C  C   . HIS A 1 46  ? -10.151 -5.850  -2.932  1.00 15.30 ? 46   HIS A C   1 
ATOM   365  O  O   . HIS A 1 46  ? -9.397  -5.640  -3.892  1.00 14.05 ? 46   HIS A O   1 
ATOM   366  C  CB  . HIS A 1 46  ? -9.473  -6.342  -0.569  1.00 14.11 ? 46   HIS A CB  1 
ATOM   367  C  CG  . HIS A 1 46  ? -8.383  -5.329  -0.669  1.00 13.97 ? 46   HIS A CG  1 
ATOM   368  N  ND1 . HIS A 1 46  ? -7.060  -5.680  -0.808  1.00 14.42 ? 46   HIS A ND1 1 
ATOM   369  C  CD2 . HIS A 1 46  ? -8.425  -3.973  -0.748  1.00 14.00 ? 46   HIS A CD2 1 
ATOM   370  C  CE1 . HIS A 1 46  ? -6.327  -4.592  -0.954  1.00 14.41 ? 46   HIS A CE1 1 
ATOM   371  N  NE2 . HIS A 1 46  ? -7.127  -3.542  -0.889  1.00 13.56 ? 46   HIS A NE2 1 
ATOM   372  N  N   . LYS A 1 47  ? -11.271 -5.168  -2.720  1.00 16.32 ? 47   LYS A N   1 
ATOM   373  C  CA  . LYS A 1 47  ? -11.622 -4.002  -3.512  1.00 17.46 ? 47   LYS A CA  1 
ATOM   374  C  C   . LYS A 1 47  ? -12.163 -2.889  -2.627  1.00 17.35 ? 47   LYS A C   1 
ATOM   375  O  O   . LYS A 1 47  ? -12.580 -3.111  -1.469  1.00 18.65 ? 47   LYS A O   1 
ATOM   376  C  CB  . LYS A 1 47  ? -12.597 -4.371  -4.618  1.00 20.70 ? 47   LYS A CB  1 
ATOM   377  C  CG  . LYS A 1 47  ? -13.874 -5.048  -4.153  1.00 23.28 ? 47   LYS A CG  1 
ATOM   378  C  CD  . LYS A 1 47  ? -14.873 -5.259  -5.296  1.00 26.07 ? 47   LYS A CD  1 
ATOM   379  C  CE  . LYS A 1 47  ? -14.461 -6.242  -6.382  1.00 30.34 ? 47   LYS A CE  1 
ATOM   380  N  NZ  . LYS A 1 47  ? -15.431 -6.334  -7.519  1.00 35.39 ? 47   LYS A NZ  1 
ATOM   381  N  N   . HIS A 1 48  ? -12.128 -1.681  -3.171  1.00 15.34 ? 48   HIS A N   1 
ATOM   382  C  CA  . HIS A 1 48  ? -12.681 -0.516  -2.505  1.00 15.93 ? 48   HIS A CA  1 
ATOM   383  C  C   . HIS A 1 48  ? -13.867 0.000   -3.293  1.00 16.38 ? 48   HIS A C   1 
ATOM   384  O  O   . HIS A 1 48  ? -13.759 0.274   -4.498  1.00 17.27 ? 48   HIS A O   1 
ATOM   385  C  CB  . HIS A 1 48  ? -11.633 0.576   -2.388  1.00 14.96 ? 48   HIS A CB  1 
ATOM   386  C  CG  . HIS A 1 48  ? -10.340 0.082   -1.828  1.00 14.34 ? 48   HIS A CG  1 
ATOM   387  N  ND1 . HIS A 1 48  ? -10.193 -0.299  -0.510  1.00 14.19 ? 48   HIS A ND1 1 
ATOM   388  C  CD2 . HIS A 1 48  ? -9.145  -0.139  -2.427  1.00 14.02 ? 48   HIS A CD2 1 
ATOM   389  C  CE1 . HIS A 1 48  ? -8.958  -0.735  -0.330  1.00 13.82 ? 48   HIS A CE1 1 
ATOM   390  N  NE2 . HIS A 1 48  ? -8.314  -0.662  -1.480  1.00 14.04 ? 48   HIS A NE2 1 
ATOM   391  N  N   . ASP A 1 49  ? -14.998 0.133   -2.610  1.00 18.11 ? 49   ASP A N   1 
ATOM   392  C  CA  . ASP A 1 49  ? -16.219 0.620   -3.234  1.00 20.84 ? 49   ASP A CA  1 
ATOM   393  C  C   . ASP A 1 49  ? -16.117 2.070   -3.705  1.00 18.27 ? 49   ASP A C   1 
ATOM   394  O  O   . ASP A 1 49  ? -16.661 2.420   -4.742  1.00 20.05 ? 49   ASP A O   1 
ATOM   395  C  CB  . ASP A 1 49  ? -17.370 0.504   -2.228  1.00 23.36 ? 49   ASP A CB  1 
ATOM   396  C  CG  . ASP A 1 49  ? -18.730 0.651   -2.873  1.00 29.62 ? 49   ASP A CG  1 
ATOM   397  O  OD1 . ASP A 1 49  ? -18.935 0.153   -4.012  1.00 34.46 ? 49   ASP A OD1 1 
ATOM   398  O  OD2 . ASP A 1 49  ? -19.603 1.280   -2.228  1.00 32.12 ? 49   ASP A OD2 1 
ATOM   399  N  N   . ILE A 1 50  ? -15.463 2.918   -2.919  1.00 17.77 ? 50   ILE A N   1 
ATOM   400  C  CA  . ILE A 1 50  ? -15.450 4.356   -3.232  1.00 19.10 ? 50   ILE A CA  1 
ATOM   401  C  C   . ILE A 1 50  ? -14.071 4.985   -3.391  1.00 17.14 ? 50   ILE A C   1 
ATOM   402  O  O   . ILE A 1 50  ? -13.974 6.174   -3.682  1.00 18.53 ? 50   ILE A O   1 
ATOM   403  C  CB  . ILE A 1 50  ? -16.263 5.180   -2.211  1.00 21.97 ? 50   ILE A CB  1 
ATOM   404  C  CG1 . ILE A 1 50  ? -15.586 5.206   -0.837  1.00 24.57 ? 50   ILE A CG1 1 
ATOM   405  C  CG2 . ILE A 1 50  ? -17.692 4.643   -2.146  1.00 23.76 ? 50   ILE A CG2 1 
ATOM   406  C  CD1 . ILE A 1 50  ? -15.956 6.403   0.016   1.00 27.29 ? 50   ILE A CD1 1 
ATOM   407  N  N   . HIS A 1 51  ? -13.016 4.200   -3.192  1.00 14.96 ? 51   HIS A N   1 
ATOM   408  C  CA  . HIS A 1 51  ? -11.652 4.743   -3.311  1.00 14.39 ? 51   HIS A CA  1 
ATOM   409  C  C   . HIS A 1 51  ? -10.979 4.267   -4.573  1.00 14.08 ? 51   HIS A C   1 
ATOM   410  O  O   . HIS A 1 51  ? -11.029 3.077   -4.892  1.00 14.14 ? 51   HIS A O   1 
ATOM   411  C  CB  . HIS A 1 51  ? -10.771 4.326   -2.131  1.00 14.69 ? 51   HIS A CB  1 
ATOM   412  C  CG  . HIS A 1 51  ? -11.264 4.808   -0.820  1.00 14.71 ? 51   HIS A CG  1 
ATOM   413  N  ND1 . HIS A 1 51  ? -12.196 4.117   -0.075  1.00 16.16 ? 51   HIS A ND1 1 
ATOM   414  C  CD2 . HIS A 1 51  ? -10.999 5.941   -0.139  1.00 14.44 ? 51   HIS A CD2 1 
ATOM   415  C  CE1 . HIS A 1 51  ? -12.449 4.785   1.035   1.00 16.52 ? 51   HIS A CE1 1 
ATOM   416  N  NE2 . HIS A 1 51  ? -11.755 5.909   1.009   1.00 15.59 ? 51   HIS A NE2 1 
ATOM   417  N  N   . ASP A 1 52  ? -10.300 5.193   -5.260  1.00 13.23 ? 52   ASP A N   1 
ATOM   418  C  CA  . ASP A 1 52  ? -9.298  4.849   -6.245  1.00 13.19 ? 52   ASP A CA  1 
ATOM   419  C  C   . ASP A 1 52  ? -7.954  4.732   -5.491  1.00 12.54 ? 52   ASP A C   1 
ATOM   420  O  O   . ASP A 1 52  ? -7.726  5.421   -4.471  1.00 12.39 ? 52   ASP A O   1 
ATOM   421  C  CB  . ASP A 1 52  ? -9.154  5.928   -7.308  1.00 14.09 ? 52   ASP A CB  1 
ATOM   422  C  CG  . ASP A 1 52  ? -10.248 5.906   -8.355  1.00 15.36 ? 52   ASP A CG  1 
ATOM   423  O  OD1 . ASP A 1 52  ? -11.115 4.989   -8.356  1.00 14.67 ? 52   ASP A OD1 1 
ATOM   424  O  OD2 . ASP A 1 52  ? -10.245 6.863   -9.170  1.00 16.83 ? 52   ASP A OD2 1 
ATOM   425  N  N   . GLN A 1 53  ? -7.095  3.847   -5.981  1.00 11.74 ? 53   GLN A N   1 
ATOM   426  C  CA  . GLN A 1 53  ? -5.809  3.571   -5.347  1.00 11.93 ? 53   GLN A CA  1 
ATOM   427  C  C   . GLN A 1 53  ? -4.681  3.503   -6.372  1.00 11.67 ? 53   GLN A C   1 
ATOM   428  O  O   . GLN A 1 53  ? -4.819  2.860   -7.404  1.00 12.79 ? 53   GLN A O   1 
ATOM   429  C  CB  . GLN A 1 53  ? -5.888  2.266   -4.554  1.00 12.59 ? 53   GLN A CB  1 
ATOM   430  C  CG  . GLN A 1 53  ? -4.619  1.889   -3.827  1.00 12.69 ? 53   GLN A CG  1 
ATOM   431  C  CD  . GLN A 1 53  ? -4.726  0.525   -3.187  1.00 13.34 ? 53   GLN A CD  1 
ATOM   432  O  OE1 . GLN A 1 53  ? -5.725  0.220   -2.542  1.00 13.02 ? 53   GLN A OE1 1 
ATOM   433  N  NE2 . GLN A 1 53  ? -3.703  -0.302  -3.372  1.00 15.21 ? 53   GLN A NE2 1 
ATOM   434  N  N   . ILE A 1 54  ? -3.549  4.139   -6.056  1.00 11.12 ? 54   ILE A N   1 
ATOM   435  C  CA  . ILE A 1 54  ? -2.320  3.972   -6.837  1.00 12.07 ? 54   ILE A CA  1 
ATOM   436  C  C   . ILE A 1 54  ? -1.225  3.626   -5.845  1.00 12.36 ? 54   ILE A C   1 
ATOM   437  O  O   . ILE A 1 54  ? -1.021  4.337   -4.855  1.00 12.28 ? 54   ILE A O   1 
ATOM   438  C  CB  . ILE A 1 54  ? -1.931  5.218   -7.680  1.00 12.68 ? 54   ILE A CB  1 
ATOM   439  C  CG1 . ILE A 1 54  ? -3.023  5.518   -8.695  1.00 13.58 ? 54   ILE A CG1 1 
ATOM   440  C  CG2 . ILE A 1 54  ? -0.585  4.962   -8.371  1.00 12.92 ? 54   ILE A CG2 1 
ATOM   441  C  CD1 . ILE A 1 54  ? -2.817  6.799   -9.462  1.00 13.86 ? 54   ILE A CD1 1 
ATOM   442  N  N   . ALA A 1 55  ? -0.538  2.521   -6.091  1.00 11.69 ? 55   ALA A N   1 
ATOM   443  C  CA  . ALA A 1 55  ? 0.529   2.029   -5.254  1.00 12.15 ? 55   ALA A CA  1 
ATOM   444  C  C   . ALA A 1 55  ? 1.883   2.145   -5.937  1.00 11.47 ? 55   ALA A C   1 
ATOM   445  O  O   . ALA A 1 55  ? 2.048   1.642   -7.040  1.00 12.72 ? 55   ALA A O   1 
ATOM   446  C  CB  . ALA A 1 55  ? 0.281   0.578   -4.895  1.00 12.41 ? 55   ALA A CB  1 
ATOM   447  N  N   . TYR A 1 56  ? 2.832   2.793   -5.276  1.00 11.21 ? 56   TYR A N   1 
ATOM   448  C  CA  . TYR A 1 56  ? 4.222   2.833   -5.718  1.00 11.03 ? 56   TYR A CA  1 
ATOM   449  C  C   . TYR A 1 56  ? 5.042   1.743   -5.016  1.00 11.37 ? 56   TYR A C   1 
ATOM   450  O  O   . TYR A 1 56  ? 4.967   1.603   -3.793  1.00 11.26 ? 56   TYR A O   1 
ATOM   451  C  CB  . TYR A 1 56  ? 4.804   4.197   -5.403  1.00 11.10 ? 56   TYR A CB  1 
ATOM   452  C  CG  . TYR A 1 56  ? 6.271   4.370   -5.672  1.00 11.14 ? 56   TYR A CG  1 
ATOM   453  C  CD1 . TYR A 1 56  ? 6.758   4.338   -6.965  1.00 11.42 ? 56   TYR A CD1 1 
ATOM   454  C  CD2 . TYR A 1 56  ? 7.184   4.530   -4.646  1.00 11.43 ? 56   TYR A CD2 1 
ATOM   455  C  CE1 . TYR A 1 56  ? 8.112   4.466   -7.219  1.00 12.19 ? 56   TYR A CE1 1 
ATOM   456  C  CE2 . TYR A 1 56  ? 8.530   4.693   -4.895  1.00 11.55 ? 56   TYR A CE2 1 
ATOM   457  C  CZ  . TYR A 1 56  ? 8.990   4.665   -6.194  1.00 11.91 ? 56   TYR A CZ  1 
ATOM   458  O  OH  . TYR A 1 56  ? 10.328  4.807   -6.426  1.00 13.23 ? 56   TYR A OH  1 
ATOM   459  N  N   . VAL A 1 57  ? 5.858   1.014   -5.773  1.00 10.96 ? 57   VAL A N   1 
ATOM   460  C  CA  . VAL A 1 57  ? 6.759   0.042   -5.187  1.00 11.92 ? 57   VAL A CA  1 
ATOM   461  C  C   . VAL A 1 57  ? 8.027   0.758   -4.798  1.00 12.28 ? 57   VAL A C   1 
ATOM   462  O  O   . VAL A 1 57  ? 8.864   1.081   -5.655  1.00 12.88 ? 57   VAL A O   1 
ATOM   463  C  CB  . VAL A 1 57  ? 7.076   -1.143  -6.131  1.00 12.82 ? 57   VAL A CB  1 
ATOM   464  C  CG1 . VAL A 1 57  ? 7.929   -2.174  -5.393  1.00 12.92 ? 57   VAL A CG1 1 
ATOM   465  C  CG2 . VAL A 1 57  ? 5.808   -1.768  -6.680  1.00 13.79 ? 57   VAL A CG2 1 
ATOM   466  N  N   . ALA A 1 58  ? 8.170   1.046   -3.518  1.00 11.89 ? 58   ALA A N   1 
ATOM   467  C  CA  . ALA A 1 58  ? 9.332   1.816   -3.042  1.00 12.14 ? 58   ALA A CA  1 
ATOM   468  C  C   . ALA A 1 58  ? 10.577  0.969   -2.843  1.00 12.37 ? 58   ALA A C   1 
ATOM   469  O  O   . ALA A 1 58  ? 11.696  1.480   -2.974  1.00 13.60 ? 58   ALA A O   1 
ATOM   470  C  CB  . ALA A 1 58  ? 9.008   2.568   -1.769  1.00 13.40 ? 58   ALA A CB  1 
ATOM   471  N  N   . ALA A 1 59  ? 10.395  -0.304  -2.495  1.00 12.82 ? 59   ALA A N   1 
ATOM   472  C  CA  . ALA A 1 59  ? 11.500  -1.203  -2.187  1.00 13.32 ? 59   ALA A CA  1 
ATOM   473  C  C   . ALA A 1 59  ? 11.077  -2.636  -2.406  1.00 13.04 ? 59   ALA A C   1 
ATOM   474  O  O   . ALA A 1 59  ? 9.894   -2.985  -2.263  1.00 13.10 ? 59   ALA A O   1 
ATOM   475  C  CB  . ALA A 1 59  ? 12.000  -1.014  -0.769  1.00 13.74 ? 59   ALA A CB  1 
ATOM   476  N  N   . GLY A 1 60  ? 12.048  -3.468  -2.754  1.00 13.86 ? 60   GLY A N   1 
ATOM   477  C  CA  . GLY A 1 60  ? 11.813  -4.889  -2.934  1.00 14.15 ? 60   GLY A CA  1 
ATOM   478  C  C   . GLY A 1 60  ? 11.011  -5.189  -4.177  1.00 13.66 ? 60   GLY A C   1 
ATOM   479  O  O   . GLY A 1 60  ? 11.148  -4.530  -5.206  1.00 14.28 ? 60   GLY A O   1 
ATOM   480  N  N   . SER A 1 61  ? 10.140  -6.195  -4.108  1.00 13.51 ? 61   SER A N   1 
ATOM   481  C  CA  . SER A 1 61  ? 9.389   -6.605  -5.273  1.00 13.74 ? 61   SER A CA  1 
ATOM   482  C  C   . SER A 1 61  ? 8.190   -7.437  -4.854  1.00 13.62 ? 61   SER A C   1 
ATOM   483  O  O   . SER A 1 61  ? 8.151   -7.993  -3.747  1.00 13.60 ? 61   SER A O   1 
ATOM   484  C  CB  . SER A 1 61  ? 10.269  -7.395  -6.272  1.00 14.24 ? 61   SER A CB  1 
ATOM   485  O  OG  . SER A 1 61  ? 10.871  -8.541  -5.680  1.00 15.53 ? 61   SER A OG  1 
ATOM   486  N  N   . PHE A 1 62  ? 7.226   -7.483  -5.753  1.00 12.59 ? 62   PHE A N   1 
ATOM   487  C  CA  . PHE A 1 62  ? 5.918   -8.078  -5.499  1.00 12.29 ? 62   PHE A CA  1 
ATOM   488  C  C   . PHE A 1 62  ? 5.408   -8.770  -6.730  1.00 13.39 ? 62   PHE A C   1 
ATOM   489  O  O   . PHE A 1 62  ? 5.647   -8.339  -7.865  1.00 14.50 ? 62   PHE A O   1 
ATOM   490  C  CB  . PHE A 1 62  ? 4.901   -6.977  -5.160  1.00 12.78 ? 62   PHE A CB  1 
ATOM   491  C  CG  . PHE A 1 62  ? 5.157   -6.269  -3.856  1.00 12.81 ? 62   PHE A CG  1 
ATOM   492  C  CD1 . PHE A 1 62  ? 5.997   -5.165  -3.792  1.00 12.56 ? 62   PHE A CD1 1 
ATOM   493  C  CD2 . PHE A 1 62  ? 4.516   -6.683  -2.697  1.00 12.96 ? 62   PHE A CD2 1 
ATOM   494  C  CE1 . PHE A 1 62  ? 6.216   -4.519  -2.591  1.00 13.03 ? 62   PHE A CE1 1 
ATOM   495  C  CE2 . PHE A 1 62  ? 4.752   -6.053  -1.507  1.00 12.65 ? 62   PHE A CE2 1 
ATOM   496  C  CZ  . PHE A 1 62  ? 5.588   -4.957  -1.450  1.00 13.14 ? 62   PHE A CZ  1 
ATOM   497  N  N   . GLU A 1 63  ? 4.613   -9.812  -6.522  1.00 14.27 ? 63   GLU A N   1 
ATOM   498  C  CA  . GLU A 1 63  ? 3.724   -10.278 -7.566  1.00 16.18 ? 63   GLU A CA  1 
ATOM   499  C  C   . GLU A 1 63  ? 2.355   -9.701  -7.237  1.00 15.29 ? 63   GLU A C   1 
ATOM   500  O  O   . GLU A 1 63  ? 1.789   -10.022 -6.184  1.00 15.67 ? 63   GLU A O   1 
ATOM   501  C  CB  . GLU A 1 63  ? 3.640   -11.805 -7.638  1.00 18.97 ? 63   GLU A CB  1 
ATOM   502  C  CG  . GLU A 1 63  ? 2.801   -12.268 -8.816  1.00 22.58 ? 63   GLU A CG  1 
ATOM   503  C  CD  . GLU A 1 63  ? 3.000   -13.731 -9.135  1.00 26.76 ? 63   GLU A CD  1 
ATOM   504  O  OE1 . GLU A 1 63  ? 2.638   -14.557 -8.273  1.00 29.42 ? 63   GLU A OE1 1 
ATOM   505  O  OE2 . GLU A 1 63  ? 3.500   -14.039 -10.247 1.00 30.36 ? 63   GLU A OE2 1 
ATOM   506  N  N   . VAL A 1 64  ? 1.862   -8.844  -8.108  1.00 15.08 ? 64   VAL A N   1 
ATOM   507  C  CA  . VAL A 1 64  ? 0.600   -8.130  -7.918  1.00 15.66 ? 64   VAL A CA  1 
ATOM   508  C  C   . VAL A 1 64  ? -0.462  -8.692  -8.849  1.00 15.73 ? 64   VAL A C   1 
ATOM   509  O  O   . VAL A 1 64  ? -0.188  -8.932  -10.022 1.00 16.88 ? 64   VAL A O   1 
ATOM   510  C  CB  . VAL A 1 64  ? 0.831   -6.620  -8.180  1.00 16.08 ? 64   VAL A CB  1 
ATOM   511  C  CG1 . VAL A 1 64  ? -0.468  -5.829  -8.151  1.00 16.59 ? 64   VAL A CG1 1 
ATOM   512  C  CG2 . VAL A 1 64  ? 1.866   -6.057  -7.206  1.00 16.57 ? 64   VAL A CG2 1 
ATOM   513  N  N   . GLU A 1 65  ? -1.685  -8.904  -8.347  1.00 15.34 ? 65   GLU A N   1 
ATOM   514  C  CA  . GLU A 1 65  ? -2.785  -9.359  -9.187  1.00 18.00 ? 65   GLU A CA  1 
ATOM   515  C  C   . GLU A 1 65  ? -3.915  -8.362  -9.119  1.00 16.80 ? 65   GLU A C   1 
ATOM   516  O  O   . GLU A 1 65  ? -4.384  -8.034  -8.022  1.00 16.09 ? 65   GLU A O   1 
ATOM   517  C  CB  . GLU A 1 65  ? -3.300  -10.742 -8.784  1.00 20.24 ? 65   GLU A CB  1 
ATOM   518  C  CG  . GLU A 1 65  ? -4.324  -11.270 -9.788  1.00 23.46 ? 65   GLU A CG  1 
ATOM   519  C  CD  . GLU A 1 65  ? -4.714  -12.725 -9.551  1.00 27.94 ? 65   GLU A CD  1 
ATOM   520  O  OE1 . GLU A 1 65  ? -4.479  -13.235 -8.441  1.00 31.04 ? 65   GLU A OE1 1 
ATOM   521  O  OE2 . GLU A 1 65  ? -5.229  -13.353 -10.497 1.00 32.99 ? 65   GLU A OE2 1 
ATOM   522  N  N   . ILE A 1 66  ? -4.355  -7.879  -10.267 1.00 15.66 ? 66   ILE A N   1 
ATOM   523  C  CA  . ILE A 1 66  ? -5.455  -6.937  -10.367 1.00 15.50 ? 66   ILE A CA  1 
ATOM   524  C  C   . ILE A 1 66  ? -6.431  -7.474  -11.417 1.00 17.50 ? 66   ILE A C   1 
ATOM   525  O  O   . ILE A 1 66  ? -6.056  -7.639  -12.585 1.00 17.43 ? 66   ILE A O   1 
ATOM   526  C  CB  . ILE A 1 66  ? -4.976  -5.540  -10.797 1.00 15.87 ? 66   ILE A CB  1 
ATOM   527  C  CG1 . ILE A 1 66  ? -3.830  -5.044  -9.908  1.00 16.43 ? 66   ILE A CG1 1 
ATOM   528  C  CG2 . ILE A 1 66  ? -6.153  -4.560  -10.840 1.00 15.94 ? 66   ILE A CG2 1 
ATOM   529  C  CD1 . ILE A 1 66  ? -3.278  -3.717  -10.381 1.00 16.80 ? 66   ILE A CD1 1 
ATOM   530  N  N   . GLU A 1 67  ? -7.659  -7.750  -10.990 1.00 17.64 ? 67   GLU A N   1 
ATOM   531  C  CA  . GLU A 1 67  ? -8.712  -8.247  -11.889 1.00 20.56 ? 67   GLU A CA  1 
ATOM   532  C  C   . GLU A 1 67  ? -8.196  -9.389  -12.753 1.00 20.49 ? 67   GLU A C   1 
ATOM   533  O  O   . GLU A 1 67  ? -8.396  -9.390  -13.966 1.00 22.60 ? 67   GLU A O   1 
ATOM   534  C  CB  . GLU A 1 67  ? -9.261  -7.102  -12.730 1.00 21.29 ? 67   GLU A CB  1 
ATOM   535  C  CG  . GLU A 1 67  ? -10.147 -6.147  -11.938 1.00 23.66 ? 67   GLU A CG  1 
ATOM   536  C  CD  . GLU A 1 67  ? -11.440 -6.813  -11.469 1.00 24.65 ? 67   GLU A CD  1 
ATOM   537  O  OE1 . GLU A 1 67  ? -12.080 -7.530  -12.286 1.00 29.03 ? 67   GLU A OE1 1 
ATOM   538  O  OE2 . GLU A 1 67  ? -11.834 -6.684  -10.306 1.00 21.72 ? 67   GLU A OE2 1 
ATOM   539  N  N   . GLY A 1 68  ? -7.525  -10.332 -12.117 1.00 21.96 ? 68   GLY A N   1 
ATOM   540  C  CA  . GLY A 1 68  ? -7.038  -11.529 -12.795 1.00 23.26 ? 68   GLY A CA  1 
ATOM   541  C  C   . GLY A 1 68  ? -5.736  -11.385 -13.579 1.00 24.18 ? 68   GLY A C   1 
ATOM   542  O  O   . GLY A 1 68  ? -5.268  -12.369 -14.157 1.00 27.14 ? 68   GLY A O   1 
ATOM   543  N  N   . GLN A 1 69  ? -5.133  -10.196 -13.596 1.00 23.08 ? 69   GLN A N   1 
ATOM   544  C  CA  . GLN A 1 69  ? -3.861  -9.996  -14.292 1.00 23.96 ? 69   GLN A CA  1 
ATOM   545  C  C   . GLN A 1 69  ? -2.743  -9.983  -13.257 1.00 22.86 ? 69   GLN A C   1 
ATOM   546  O  O   . GLN A 1 69  ? -2.733  -9.112  -12.391 1.00 21.00 ? 69   GLN A O   1 
ATOM   547  C  CB  . GLN A 1 69  ? -3.858  -8.672  -15.047 1.00 26.52 ? 69   GLN A CB  1 
ATOM   548  C  CG  . GLN A 1 69  ? -4.943  -8.522  -16.103 1.00 32.25 ? 69   GLN A CG  1 
ATOM   549  C  CD  . GLN A 1 69  ? -4.826  -7.210  -16.864 1.00 36.67 ? 69   GLN A CD  1 
ATOM   550  O  OE1 . GLN A 1 69  ? -3.716  -6.749  -17.178 1.00 42.79 ? 69   GLN A OE1 1 
ATOM   551  N  NE2 . GLN A 1 69  ? -5.966  -6.592  -17.159 1.00 37.76 ? 69   GLN A NE2 1 
ATOM   552  N  N   . LYS A 1 70  ? -1.816  -10.929 -13.351 1.00 22.05 ? 70   LYS A N   1 
ATOM   553  C  CA  . LYS A 1 70  ? -0.663  -11.023 -12.452 1.00 23.19 ? 70   LYS A CA  1 
ATOM   554  C  C   . LYS A 1 70  ? 0.578   -10.429 -13.107 1.00 21.35 ? 70   LYS A C   1 
ATOM   555  O  O   . LYS A 1 70  ? 0.852   -10.696 -14.292 1.00 22.20 ? 70   LYS A O   1 
ATOM   556  C  CB  . LYS A 1 70  ? -0.329  -12.469 -12.091 1.00 27.40 ? 70   LYS A CB  1 
ATOM   557  C  CG  . LYS A 1 70  ? -1.261  -13.118 -11.083 1.00 32.19 ? 70   LYS A CG  1 
ATOM   558  C  CD  . LYS A 1 70  ? -0.766  -14.502 -10.695 1.00 36.42 ? 70   LYS A CD  1 
ATOM   559  C  CE  . LYS A 1 70  ? -1.590  -15.069 -9.545  1.00 40.37 ? 70   LYS A CE  1 
ATOM   560  N  NZ  . LYS A 1 70  ? -1.457  -16.550 -9.458  1.00 43.94 ? 70   LYS A NZ  1 
ATOM   561  N  N   . ARG A 1 71  ? 1.333   -9.644  -12.343 1.00 17.26 ? 71   ARG A N   1 
ATOM   562  C  CA  . ARG A 1 71  ? 2.578   -9.050  -12.827 1.00 17.55 ? 71   ARG A CA  1 
ATOM   563  C  C   . ARG A 1 71  ? 3.592   -8.983  -11.717 1.00 16.80 ? 71   ARG A C   1 
ATOM   564  O  O   . ARG A 1 71  ? 3.251   -8.655  -10.580 1.00 16.98 ? 71   ARG A O   1 
ATOM   565  C  CB  . ARG A 1 71  ? 2.330   -7.634  -13.337 1.00 18.41 ? 71   ARG A CB  1 
ATOM   566  C  CG  . ARG A 1 71  ? 1.391   -7.544  -14.525 1.00 20.75 ? 71   ARG A CG  1 
ATOM   567  C  CD  . ARG A 1 71  ? 2.043   -8.095  -15.770 1.00 22.22 ? 71   ARG A CD  1 
ATOM   568  N  NE  . ARG A 1 71  ? 3.143   -7.217  -16.151 1.00 23.95 ? 71   ARG A NE  1 
ATOM   569  C  CZ  . ARG A 1 71  ? 3.002   -6.125  -16.901 1.00 26.79 ? 71   ARG A CZ  1 
ATOM   570  N  NH1 . ARG A 1 71  ? 1.805   -5.778  -17.380 1.00 27.64 ? 71   ARG A NH1 1 
ATOM   571  N  NH2 . ARG A 1 71  ? 4.072   -5.394  -17.192 1.00 27.58 ? 71   ARG A NH2 1 
ATOM   572  N  N   . ILE A 1 72  ? 4.851   -9.252  -12.032 1.00 15.68 ? 72   ILE A N   1 
ATOM   573  C  CA  . ILE A 1 72  ? 5.936   -9.003  -11.098 1.00 15.92 ? 72   ILE A CA  1 
ATOM   574  C  C   . ILE A 1 72  ? 6.382   -7.539  -11.249 1.00 15.14 ? 72   ILE A C   1 
ATOM   575  O  O   . ILE A 1 72  ? 6.740   -7.088  -12.352 1.00 15.52 ? 72   ILE A O   1 
ATOM   576  C  CB  . ILE A 1 72  ? 7.137   -9.944  -11.327 1.00 16.65 ? 72   ILE A CB  1 
ATOM   577  C  CG1 . ILE A 1 72  ? 6.727   -11.401 -11.076 1.00 18.10 ? 72   ILE A CG1 1 
ATOM   578  C  CG2 . ILE A 1 72  ? 8.305   -9.550  -10.453 1.00 17.40 ? 72   ILE A CG2 1 
ATOM   579  C  CD1 . ILE A 1 72  ? 7.759   -12.407 -11.521 1.00 19.48 ? 72   ILE A CD1 1 
ATOM   580  N  N   . LEU A 1 73  ? 6.354   -6.808  -10.140 1.00 13.25 ? 73   LEU A N   1 
ATOM   581  C  CA  . LEU A 1 73  ? 6.760   -5.395  -10.059 1.00 14.08 ? 73   LEU A CA  1 
ATOM   582  C  C   . LEU A 1 73  ? 7.913   -5.230  -9.074  1.00 14.24 ? 73   LEU A C   1 
ATOM   583  O  O   . LEU A 1 73  ? 7.977   -5.913  -8.040  1.00 15.04 ? 73   LEU A O   1 
ATOM   584  C  CB  . LEU A 1 73  ? 5.578   -4.534  -9.588  1.00 14.68 ? 73   LEU A CB  1 
ATOM   585  C  CG  . LEU A 1 73  ? 4.301   -4.634  -10.404 1.00 15.34 ? 73   LEU A CG  1 
ATOM   586  C  CD1 . LEU A 1 73  ? 3.252   -3.690  -9.825  1.00 16.60 ? 73   LEU A CD1 1 
ATOM   587  C  CD2 . LEU A 1 73  ? 4.544   -4.325  -11.876 1.00 16.06 ? 73   LEU A CD2 1 
ATOM   588  N  N   . LYS A 1 74  ? 8.861   -4.346  -9.409  1.00 13.61 ? 74   LYS A N   1 
ATOM   589  C  CA  . LYS A 1 74  ? 10.017  -4.076  -8.572  1.00 13.49 ? 74   LYS A CA  1 
ATOM   590  C  C   . LYS A 1 74  ? 10.091  -2.596  -8.234  1.00 12.79 ? 74   LYS A C   1 
ATOM   591  O  O   . LYS A 1 74  ? 9.301   -1.799  -8.771  1.00 12.35 ? 74   LYS A O   1 
ATOM   592  C  CB  . LYS A 1 74  ? 11.325  -4.570  -9.232  1.00 14.17 ? 74   LYS A CB  1 
ATOM   593  C  CG  . LYS A 1 74  ? 11.691  -3.846  -10.530 1.00 15.64 ? 74   LYS A CG  1 
ATOM   594  C  CD  . LYS A 1 74  ? 12.959  -4.404  -11.154 1.00 16.45 ? 74   LYS A CD  1 
ATOM   595  C  CE  . LYS A 1 74  ? 13.175  -3.851  -12.560 1.00 18.21 ? 74   LYS A CE  1 
ATOM   596  N  NZ  . LYS A 1 74  ? 13.376  -2.394  -12.595 1.00 19.61 ? 74   LYS A NZ  1 
ATOM   597  N  N   . ALA A 1 75  ? 11.036  -2.228  -7.363  1.00 13.16 ? 75   ALA A N   1 
ATOM   598  C  CA  . ALA A 1 75  ? 11.161  -0.851  -6.879  1.00 13.25 ? 75   ALA A CA  1 
ATOM   599  C  C   . ALA A 1 75  ? 11.216  0.098   -8.081  1.00 13.57 ? 75   ALA A C   1 
ATOM   600  O  O   . ALA A 1 75  ? 12.007  -0.107  -9.013  1.00 15.39 ? 75   ALA A O   1 
ATOM   601  C  CB  . ALA A 1 75  ? 12.400  -0.687  -6.033  1.00 14.22 ? 75   ALA A CB  1 
ATOM   602  N  N   . GLY A 1 76  ? 10.364  1.116   -8.042  1.00 12.53 ? 76   GLY A N   1 
ATOM   603  C  CA  . GLY A 1 76  ? 10.222  2.111   -9.086  1.00 12.36 ? 76   GLY A CA  1 
ATOM   604  C  C   . GLY A 1 76  ? 8.977   1.927   -9.943  1.00 11.81 ? 76   GLY A C   1 
ATOM   605  O  O   . GLY A 1 76  ? 8.521   2.876   -10.608 1.00 12.14 ? 76   GLY A O   1 
ATOM   606  N  N   . ASP A 1 77  ? 8.428   0.711   -9.961  1.00 11.92 ? 77   ASP A N   1 
ATOM   607  C  CA  . ASP A 1 77  ? 7.187   0.428   -10.656 1.00 11.79 ? 77   ASP A CA  1 
ATOM   608  C  C   . ASP A 1 77  ? 5.983   0.877   -9.806  1.00 11.94 ? 77   ASP A C   1 
ATOM   609  O  O   . ASP A 1 77  ? 6.125   1.276   -8.639  1.00 12.29 ? 77   ASP A O   1 
ATOM   610  C  CB  . ASP A 1 77  ? 7.063   -1.088  -10.921 1.00 12.09 ? 77   ASP A CB  1 
ATOM   611  C  CG  . ASP A 1 77  ? 8.126   -1.632  -11.871 1.00 13.10 ? 77   ASP A CG  1 
ATOM   612  O  OD1 . ASP A 1 77  ? 8.783   -0.849  -12.606 1.00 12.84 ? 77   ASP A OD1 1 
ATOM   613  O  OD2 . ASP A 1 77  ? 8.318   -2.874  -11.857 1.00 12.77 ? 77   ASP A OD2 1 
ATOM   614  N  N   . ALA A 1 78  ? 4.803   0.812   -10.385 1.00 11.99 ? 78   ALA A N   1 
ATOM   615  C  CA  . ALA A 1 78  ? 3.583   1.209   -9.669  1.00 12.03 ? 78   ALA A CA  1 
ATOM   616  C  C   . ALA A 1 78  ? 2.382   0.526   -10.299 1.00 12.51 ? 78   ALA A C   1 
ATOM   617  O  O   . ALA A 1 78  ? 2.476   -0.049  -11.404 1.00 12.61 ? 78   ALA A O   1 
ATOM   618  C  CB  . ALA A 1 78  ? 3.442   2.724   -9.669  1.00 12.58 ? 78   ALA A CB  1 
ATOM   619  N  N   . TYR A 1 79  ? 1.244   0.577   -9.626  1.00 11.94 ? 79   TYR A N   1 
ATOM   620  C  CA  . TYR A 1 79  ? 0.021   0.046   -10.176 1.00 12.13 ? 79   TYR A CA  1 
ATOM   621  C  C   . TYR A 1 79  ? -1.190  0.811   -9.709  1.00 12.28 ? 79   TYR A C   1 
ATOM   622  O  O   . TYR A 1 79  ? -1.169  1.462   -8.651  1.00 12.14 ? 79   TYR A O   1 
ATOM   623  C  CB  . TYR A 1 79  ? -0.129  -1.430  -9.886  1.00 13.41 ? 79   TYR A CB  1 
ATOM   624  C  CG  . TYR A 1 79  ? -0.256  -1.854  -8.450  1.00 13.81 ? 79   TYR A CG  1 
ATOM   625  C  CD1 . TYR A 1 79  ? 0.879   -2.187  -7.736  1.00 15.31 ? 79   TYR A CD1 1 
ATOM   626  C  CD2 . TYR A 1 79  ? -1.488  -2.011  -7.841  1.00 15.16 ? 79   TYR A CD2 1 
ATOM   627  C  CE1 . TYR A 1 79  ? 0.811   -2.638  -6.450  1.00 16.30 ? 79   TYR A CE1 1 
ATOM   628  C  CE2 . TYR A 1 79  ? -1.566  -2.463  -6.518  1.00 15.73 ? 79   TYR A CE2 1 
ATOM   629  C  CZ  . TYR A 1 79  ? -0.414  -2.790  -5.863  1.00 15.67 ? 79   TYR A CZ  1 
ATOM   630  O  OH  . TYR A 1 79  ? -0.409  -3.288  -4.565  1.00 19.29 ? 79   TYR A OH  1 
ATOM   631  N  N   . ARG A 1 80  ? -2.239  0.734   -10.509 1.00 12.49 ? 80   ARG A N   1 
ATOM   632  C  CA  . ARG A 1 80  ? -3.488  1.401   -10.227 1.00 12.79 ? 80   ARG A CA  1 
ATOM   633  C  C   . ARG A 1 80  ? -4.594  0.364   -10.057 1.00 12.91 ? 80   ARG A C   1 
ATOM   634  O  O   . ARG A 1 80  ? -4.711  -0.572  -10.853 1.00 13.16 ? 80   ARG A O   1 
ATOM   635  C  CB  . ARG A 1 80  ? -3.855  2.316   -11.396 1.00 13.41 ? 80   ARG A CB  1 
ATOM   636  C  CG  . ARG A 1 80  ? -5.162  3.067   -11.229 1.00 14.34 ? 80   ARG A CG  1 
ATOM   637  C  CD  . ARG A 1 80  ? -5.575  3.767   -12.510 1.00 15.57 ? 80   ARG A CD  1 
ATOM   638  N  NE  . ARG A 1 80  ? -6.007  2.734   -13.452 1.00 17.42 ? 80   ARG A NE  1 
ATOM   639  C  CZ  . ARG A 1 80  ? -6.093  2.873   -14.762 1.00 23.53 ? 80   ARG A CZ  1 
ATOM   640  N  NH1 . ARG A 1 80  ? -5.823  4.043   -15.348 1.00 24.92 ? 80   ARG A NH1 1 
ATOM   641  N  NH2 . ARG A 1 80  ? -6.472  1.826   -15.494 1.00 25.57 ? 80   ARG A NH2 1 
ATOM   642  N  N   . ALA A 1 81  ? -5.435  0.555   -9.037  1.00 12.48 ? 81   ALA A N   1 
ATOM   643  C  CA  . ALA A 1 81  ? -6.692  -0.171  -8.919  1.00 12.84 ? 81   ALA A CA  1 
ATOM   644  C  C   . ALA A 1 81  ? -7.760  0.886   -8.694  1.00 13.69 ? 81   ALA A C   1 
ATOM   645  O  O   . ALA A 1 81  ? -7.773  1.558   -7.666  1.00 13.56 ? 81   ALA A O   1 
ATOM   646  C  CB  . ALA A 1 81  ? -6.643  -1.162  -7.762  1.00 13.79 ? 81   ALA A CB  1 
ATOM   647  N  N   . VAL A 1 82  ? -8.618  1.099   -9.684  1.00 14.46 ? 82   VAL A N   1 
ATOM   648  C  CA  . VAL A 1 82  ? -9.726  2.019   -9.497  1.00 15.22 ? 82   VAL A CA  1 
ATOM   649  C  C   . VAL A 1 82  ? -10.844 1.343   -8.703  1.00 15.33 ? 82   VAL A C   1 
ATOM   650  O  O   . VAL A 1 82  ? -10.826 0.112   -8.510  1.00 15.19 ? 82   VAL A O   1 
ATOM   651  C  CB  . VAL A 1 82  ? -10.227 2.612   -10.820 1.00 16.01 ? 82   VAL A CB  1 
ATOM   652  C  CG1 . VAL A 1 82  ? -9.088  3.414   -11.477 1.00 16.36 ? 82   VAL A CG1 1 
ATOM   653  C  CG2 . VAL A 1 82  ? -10.726 1.535   -11.754 1.00 16.25 ? 82   VAL A CG2 1 
ATOM   654  N  N   . LYS A 1 83  ? -11.815 2.150   -8.259  1.00 17.28 ? 83   LYS A N   1 
ATOM   655  C  CA  . LYS A 1 83  ? -12.951 1.659   -7.487  1.00 18.44 ? 83   LYS A CA  1 
ATOM   656  C  C   . LYS A 1 83  ? -13.480 0.356   -8.065  1.00 17.74 ? 83   LYS A C   1 
ATOM   657  O  O   . LYS A 1 83  ? -13.698 0.250   -9.274  1.00 17.48 ? 83   LYS A O   1 
ATOM   658  C  CB  . LYS A 1 83  ? -14.093 2.676   -7.503  1.00 20.56 ? 83   LYS A CB  1 
ATOM   659  C  CG  . LYS A 1 83  ? -13.869 3.915   -6.698  1.00 24.05 ? 83   LYS A CG  1 
ATOM   660  C  CD  . LYS A 1 83  ? -15.028 4.886   -6.938  1.00 24.99 ? 83   LYS A CD  1 
ATOM   661  C  CE  . LYS A 1 83  ? -14.925 5.627   -8.256  1.00 27.46 ? 83   LYS A CE  1 
ATOM   662  N  NZ  . LYS A 1 83  ? -13.677 6.446   -8.343  1.00 26.16 ? 83   LYS A NZ  1 
ATOM   663  N  N   . ASN A 1 84  ? -13.658 -0.613  -7.171  1.00 18.24 ? 84   ASN A N   1 
ATOM   664  C  CA  . ASN A 1 84  ? -14.237 -1.926  -7.453  1.00 20.23 ? 84   ASN A CA  1 
ATOM   665  C  C   . ASN A 1 84  ? -13.408 -2.897  -8.258  1.00 19.05 ? 84   ASN A C   1 
ATOM   666  O  O   . ASN A 1 84  ? -13.858 -3.997  -8.557  1.00 20.29 ? 84   ASN A O   1 
ATOM   667  C  CB  . ASN A 1 84  ? -15.683 -1.789  -7.942  1.00 23.13 ? 84   ASN A CB  1 
ATOM   668  C  CG  . ASN A 1 84  ? -16.611 -1.405  -6.794  1.00 25.72 ? 84   ASN A CG  1 
ATOM   669  O  OD1 . ASN A 1 84  ? -16.568 -2.023  -5.724  1.00 30.00 ? 84   ASN A OD1 1 
ATOM   670  N  ND2 . ASN A 1 84  ? -17.372 -0.352  -6.973  1.00 28.69 ? 84   ASN A ND2 1 
ATOM   671  N  N   . GLU A 1 85  ? -12.142 -2.549  -8.507  1.00 16.27 ? 85   GLU A N   1 
ATOM   672  C  CA  . GLU A 1 85  ? -11.196 -3.511  -9.047  1.00 15.85 ? 85   GLU A CA  1 
ATOM   673  C  C   . GLU A 1 85  ? -10.522 -4.310  -7.925  1.00 15.56 ? 85   GLU A C   1 
ATOM   674  O  O   . GLU A 1 85  ? -9.953  -3.747  -6.992  1.00 15.21 ? 85   GLU A O   1 
ATOM   675  C  CB  . GLU A 1 85  ? -10.121 -2.820  -9.884  1.00 16.04 ? 85   GLU A CB  1 
ATOM   676  C  CG  . GLU A 1 85  ? -10.682 -2.241  -11.176 1.00 16.52 ? 85   GLU A CG  1 
ATOM   677  C  CD  . GLU A 1 85  ? -9.643  -1.631  -12.085 1.00 17.25 ? 85   GLU A CD  1 
ATOM   678  O  OE1 . GLU A 1 85  ? -8.638  -1.087  -11.595 1.00 16.48 ? 85   GLU A OE1 1 
ATOM   679  O  OE2 . GLU A 1 85  ? -9.873  -1.659  -13.314 1.00 19.94 ? 85   GLU A OE2 1 
ATOM   680  N  N   . MET A 1 86  ? -10.609 -5.628  -8.029  1.00 15.66 ? 86   MET A N   1 
ATOM   681  C  CA  . MET A 1 86  ? -9.984  -6.527  -7.086  1.00 16.60 ? 86   MET A CA  1 
ATOM   682  C  C   . MET A 1 86  ? -8.467  -6.480  -7.232  1.00 15.23 ? 86   MET A C   1 
ATOM   683  O  O   . MET A 1 86  ? -7.965  -6.567  -8.355  1.00 15.69 ? 86   MET A O   1 
ATOM   684  C  CB  . MET A 1 86  ? -10.488 -7.946  -7.383  1.00 18.85 ? 86   MET A CB  1 
ATOM   685  C  CG  . MET A 1 86  ? -10.185 -8.971  -6.324  1.00 21.82 ? 86   MET A CG  1 
ATOM   686  S  SD  . MET A 1 86  ? -11.059 -8.801  -4.753  1.00 27.80 ? 86   MET A SD  1 
ATOM   687  C  CE  . MET A 1 86  ? -12.497 -7.967  -5.120  1.00 24.44 ? 86   MET A CE  1 
ATOM   688  N  N   . HIS A 1 87  ? -7.754  -6.347  -6.117  1.00 13.72 ? 87   HIS A N   1 
ATOM   689  C  CA  . HIS A 1 87  ? -6.302  -6.256  -6.144  1.00 13.64 ? 87   HIS A CA  1 
ATOM   690  C  C   . HIS A 1 87  ? -5.709  -6.897  -4.898  1.00 13.68 ? 87   HIS A C   1 
ATOM   691  O  O   . HIS A 1 87  ? -6.278  -6.825  -3.787  1.00 14.04 ? 87   HIS A O   1 
ATOM   692  C  CB  . HIS A 1 87  ? -5.835  -4.795  -6.333  1.00 13.69 ? 87   HIS A CB  1 
ATOM   693  C  CG  . HIS A 1 87  ? -6.335  -3.850  -5.285  1.00 13.47 ? 87   HIS A CG  1 
ATOM   694  N  ND1 . HIS A 1 87  ? -7.644  -3.400  -5.239  1.00 13.62 ? 87   HIS A ND1 1 
ATOM   695  C  CD2 . HIS A 1 87  ? -5.692  -3.232  -4.269  1.00 12.95 ? 87   HIS A CD2 1 
ATOM   696  C  CE1 . HIS A 1 87  ? -7.793  -2.583  -4.209  1.00 13.53 ? 87   HIS A CE1 1 
ATOM   697  N  NE2 . HIS A 1 87  ? -6.622  -2.455  -3.611  1.00 14.12 ? 87   HIS A NE2 1 
ATOM   698  N  N   . GLY A 1 88  ? -4.566  -7.550  -5.088  1.00 13.79 ? 88   GLY A N   1 
ATOM   699  C  CA  . GLY A 1 88  ? -3.818  -8.196  -4.000  1.00 14.02 ? 88   GLY A CA  1 
ATOM   700  C  C   . GLY A 1 88  ? -2.357  -8.208  -4.382  1.00 14.39 ? 88   GLY A C   1 
ATOM   701  O  O   . GLY A 1 88  ? -2.017  -7.841  -5.520  1.00 14.46 ? 88   GLY A O   1 
ATOM   702  N  N   . ALA A 1 89  ? -1.508  -8.667  -3.478  1.00 15.00 ? 89   ALA A N   1 
ATOM   703  C  CA  . ALA A 1 89  ? -0.067  -8.613  -3.710  1.00 15.39 ? 89   ALA A CA  1 
ATOM   704  C  C   . ALA A 1 89  ? 0.606   -9.648  -2.848  1.00 16.93 ? 89   ALA A C   1 
ATOM   705  O  O   . ALA A 1 89  ? 0.147   -9.965  -1.743  1.00 20.20 ? 89   ALA A O   1 
ATOM   706  C  CB  . ALA A 1 89  ? 0.463   -7.231  -3.387  1.00 16.66 ? 89   ALA A CB  1 
ATOM   707  N  N   . VAL A 1 90  ? 1.707   -10.182 -3.341  1.00 15.09 ? 90   VAL A N   1 
ATOM   708  C  CA  . VAL A 1 90  ? 2.532   -11.073 -2.544  1.00 15.65 ? 90   VAL A CA  1 
ATOM   709  C  C   . VAL A 1 90  ? 3.952   -10.540 -2.585  1.00 14.14 ? 90   VAL A C   1 
ATOM   710  O  O   . VAL A 1 90  ? 4.502   -10.320 -3.670  1.00 14.38 ? 90   VAL A O   1 
ATOM   711  C  CB  . VAL A 1 90  ? 2.538   -12.514 -3.075  1.00 16.92 ? 90   VAL A CB  1 
ATOM   712  C  CG1 . VAL A 1 90  ? 3.434   -13.372 -2.199  1.00 17.83 ? 90   VAL A CG1 1 
ATOM   713  C  CG2 . VAL A 1 90  ? 1.120   -13.071 -3.136  1.00 18.16 ? 90   VAL A CG2 1 
ATOM   714  N  N   . SER A 1 91  ? 4.534   -10.318 -1.430  1.00 13.22 ? 91   SER A N   1 
ATOM   715  C  CA  . SER A 1 91  ? 5.911   -9.836  -1.355  1.00 13.61 ? 91   SER A CA  1 
ATOM   716  C  C   . SER A 1 91  ? 6.904   -10.932 -1.717  1.00 15.19 ? 91   SER A C   1 
ATOM   717  O  O   . SER A 1 91  ? 6.825   -12.058 -1.205  1.00 16.19 ? 91   SER A O   1 
ATOM   718  C  CB  . SER A 1 91  ? 6.217   -9.335  0.058   1.00 13.60 ? 91   SER A CB  1 
ATOM   719  O  OG  . SER A 1 91  ? 7.574   -9.033  0.213   1.00 14.83 ? 91   SER A OG  1 
ATOM   720  N  N   . LEU A 1 92  ? 7.863   -10.598 -2.583  1.00 14.67 ? 92   LEU A N   1 
ATOM   721  C  CA  . LEU A 1 92  ? 8.860   -11.565 -3.031  1.00 15.28 ? 92   LEU A CA  1 
ATOM   722  C  C   . LEU A 1 92  ? 10.176  -11.473 -2.302  1.00 16.20 ? 92   LEU A C   1 
ATOM   723  O  O   . LEU A 1 92  ? 11.073  -12.306 -2.551  1.00 18.07 ? 92   LEU A O   1 
ATOM   724  C  CB  . LEU A 1 92  ? 9.106   -11.376 -4.536  1.00 15.88 ? 92   LEU A CB  1 
ATOM   725  C  CG  . LEU A 1 92  ? 7.848   -11.445 -5.397  1.00 16.28 ? 92   LEU A CG  1 
ATOM   726  C  CD1 . LEU A 1 92  ? 8.149   -11.205 -6.867  1.00 16.99 ? 92   LEU A CD1 1 
ATOM   727  C  CD2 . LEU A 1 92  ? 7.133   -12.779 -5.225  1.00 17.74 ? 92   LEU A CD2 1 
ATOM   728  N  N   . GLU A 1 93  ? 10.341  -10.477 -1.444  1.00 16.46 ? 93   GLU A N   1 
ATOM   729  C  CA  . GLU A 1 93  ? 11.577  -10.339 -0.701  1.00 18.94 ? 93   GLU A CA  1 
ATOM   730  C  C   . GLU A 1 93  ? 11.388  -9.566  0.589   1.00 18.51 ? 93   GLU A C   1 
ATOM   731  O  O   . GLU A 1 93  ? 10.386  -8.868  0.783   1.00 16.55 ? 93   GLU A O   1 
ATOM   732  C  CB  . GLU A 1 93  ? 12.680  -9.743  -1.554  1.00 21.32 ? 93   GLU A CB  1 
ATOM   733  C  CG  . GLU A 1 93  ? 12.360  -8.423  -2.184  1.00 21.72 ? 93   GLU A CG  1 
ATOM   734  C  CD  . GLU A 1 93  ? 13.415  -7.985  -3.200  1.00 21.23 ? 93   GLU A CD  1 
ATOM   735  O  OE1 . GLU A 1 93  ? 14.541  -7.692  -2.754  1.00 23.89 ? 93   GLU A OE1 1 
ATOM   736  O  OE2 . GLU A 1 93  ? 13.127  -7.907  -4.410  1.00 20.81 ? 93   GLU A OE2 1 
ATOM   737  N  N   . ASP A 1 94  ? 12.322  -9.728  1.511   1.00 19.49 ? 94   ASP A N   1 
ATOM   738  C  CA  . ASP A 1 94  ? 12.206  -9.012  2.753   1.00 19.37 ? 94   ASP A CA  1 
ATOM   739  C  C   . ASP A 1 94  ? 12.284  -7.498  2.524   1.00 17.84 ? 94   ASP A C   1 
ATOM   740  O  O   . ASP A 1 94  ? 12.892  -7.018  1.564   1.00 17.02 ? 94   ASP A O   1 
ATOM   741  C  CB  . ASP A 1 94  ? 13.254  -9.440  3.775   1.00 23.27 ? 94   ASP A CB  1 
ATOM   742  C  CG  . ASP A 1 94  ? 12.917  -10.783 4.454   1.00 26.86 ? 94   ASP A CG  1 
ATOM   743  O  OD1 . ASP A 1 94  ? 11.723  -11.103 4.758   1.00 24.21 ? 94   ASP A OD1 1 
ATOM   744  O  OD2 . ASP A 1 94  ? 13.887  -11.517 4.717   1.00 30.79 ? 94   ASP A OD2 1 
ATOM   745  N  N   . ASN A 1 95  ? 11.676  -6.770  3.447   1.00 17.59 ? 95   ASN A N   1 
ATOM   746  C  CA  . ASN A 1 95  ? 11.689  -5.317  3.422   1.00 17.22 ? 95   ASN A CA  1 
ATOM   747  C  C   . ASN A 1 95  ? 11.144  -4.719  2.141   1.00 16.67 ? 95   ASN A C   1 
ATOM   748  O  O   . ASN A 1 95  ? 11.647  -3.693  1.650   1.00 17.04 ? 95   ASN A O   1 
ATOM   749  C  CB  . ASN A 1 95  ? 13.113  -4.814  3.742   1.00 18.54 ? 95   ASN A CB  1 
ATOM   750  C  CG  . ASN A 1 95  ? 13.593  -5.292  5.107   1.00 20.64 ? 95   ASN A CG  1 
ATOM   751  O  OD1 . ASN A 1 95  ? 14.651  -5.944  5.240   1.00 24.67 ? 95   ASN A OD1 1 
ATOM   752  N  ND2 . ASN A 1 95  ? 12.803  -5.030  6.113   1.00 20.26 ? 95   ASN A ND2 1 
ATOM   753  N  N   . SER A 1 96  ? 10.117  -5.363  1.574   1.00 14.53 ? 96   SER A N   1 
ATOM   754  C  CA  . SER A 1 96  ? 9.448   -4.811  0.408   1.00 13.83 ? 96   SER A CA  1 
ATOM   755  C  C   . SER A 1 96  ? 8.424   -3.785  0.882   1.00 13.99 ? 96   SER A C   1 
ATOM   756  O  O   . SER A 1 96  ? 7.731   -3.990  1.900   1.00 13.85 ? 96   SER A O   1 
ATOM   757  C  CB  . SER A 1 96  ? 8.792   -5.892  -0.450  1.00 14.20 ? 96   SER A CB  1 
ATOM   758  O  OG  . SER A 1 96  ? 9.758   -6.789  -1.006  1.00 14.32 ? 96   SER A OG  1 
ATOM   759  N  N   . ILE A 1 97  ? 8.321   -2.668  0.169   1.00 13.00 ? 97   ILE A N   1 
ATOM   760  C  CA  . ILE A 1 97  ? 7.463   -1.567  0.604   1.00 13.41 ? 97   ILE A CA  1 
ATOM   761  C  C   . ILE A 1 97  ? 6.577   -1.047  -0.529  1.00 12.34 ? 97   ILE A C   1 
ATOM   762  O  O   . ILE A 1 97  ? 7.057   -0.816  -1.646  1.00 12.51 ? 97   ILE A O   1 
ATOM   763  C  CB  . ILE A 1 97  ? 8.295   -0.384  1.149   1.00 14.08 ? 97   ILE A CB  1 
ATOM   764  C  CG1 . ILE A 1 97  ? 9.009   -0.791  2.444   1.00 16.01 ? 97   ILE A CG1 1 
ATOM   765  C  CG2 . ILE A 1 97  ? 7.414   0.853   1.395   1.00 14.65 ? 97   ILE A CG2 1 
ATOM   766  C  CD1 . ILE A 1 97  ? 9.908   0.281   3.017   1.00 18.07 ? 97   ILE A CD1 1 
ATOM   767  N  N   . LEU A 1 98  ? 5.288   -0.891  -0.229  1.00 12.22 ? 98   LEU A N   1 
ATOM   768  C  CA  . LEU A 1 98  ? 4.341   -0.184  -1.083  1.00 12.32 ? 98   LEU A CA  1 
ATOM   769  C  C   . LEU A 1 98  ? 3.980   1.149   -0.454  1.00 12.28 ? 98   LEU A C   1 
ATOM   770  O  O   . LEU A 1 98  ? 3.732   1.245   0.756   1.00 12.69 ? 98   LEU A O   1 
ATOM   771  C  CB  . LEU A 1 98  ? 3.041   -0.984  -1.280  1.00 13.22 ? 98   LEU A CB  1 
ATOM   772  C  CG  . LEU A 1 98  ? 3.171   -2.317  -2.018  1.00 14.16 ? 98   LEU A CG  1 
ATOM   773  C  CD1 . LEU A 1 98  ? 1.862   -3.117  -2.013  1.00 15.26 ? 98   LEU A CD1 1 
ATOM   774  C  CD2 . LEU A 1 98  ? 3.686   -2.121  -3.438  1.00 14.87 ? 98   LEU A CD2 1 
ATOM   775  N  N   . ILE A 1 99  ? 3.972   2.200   -1.260  1.00 10.98 ? 99   ILE A N   1 
ATOM   776  C  CA  . ILE A 1 99  ? 3.426   3.483   -0.844  1.00 11.39 ? 99   ILE A CA  1 
ATOM   777  C  C   . ILE A 1 99  ? 2.063   3.576   -1.527  1.00 11.27 ? 99   ILE A C   1 
ATOM   778  O  O   . ILE A 1 99  ? 1.970   3.770   -2.753  1.00 11.60 ? 99   ILE A O   1 
ATOM   779  C  CB  . ILE A 1 99  ? 4.336   4.676   -1.221  1.00 11.96 ? 99   ILE A CB  1 
ATOM   780  C  CG1 . ILE A 1 99  ? 5.768   4.500   -0.680  1.00 12.08 ? 99   ILE A CG1 1 
ATOM   781  C  CG2 . ILE A 1 99  ? 3.715   6.002   -0.797  1.00 12.21 ? 99   ILE A CG2 1 
ATOM   782  C  CD1 . ILE A 1 99  ? 5.887   4.356   0.824   1.00 12.33 ? 99   ILE A CD1 1 
ATOM   783  N  N   . ASP A 1 100 ? 1.013   3.389   -0.743  1.00 11.25 ? 100  ASP A N   1 
ATOM   784  C  CA  . ASP A 1 100 ? -0.347  3.407   -1.232  1.00 11.90 ? 100  ASP A CA  1 
ATOM   785  C  C   . ASP A 1 100 ? -0.925  4.796   -1.154  1.00 11.49 ? 100  ASP A C   1 
ATOM   786  O  O   . ASP A 1 100 ? -0.812  5.465   -0.119  1.00 12.05 ? 100  ASP A O   1 
ATOM   787  C  CB  . ASP A 1 100 ? -1.252  2.486   -0.395  1.00 12.51 ? 100  ASP A CB  1 
ATOM   788  C  CG  . ASP A 1 100 ? -1.031  1.019   -0.658  1.00 14.37 ? 100  ASP A CG  1 
ATOM   789  O  OD1 . ASP A 1 100 ? -0.588  0.656   -1.773  1.00 13.93 ? 100  ASP A OD1 1 
ATOM   790  O  OD2 . ASP A 1 100 ? -1.346  0.193   0.226   1.00 15.29 ? 100  ASP A OD2 1 
ATOM   791  N  N   . THR A 1 101 ? -1.551  5.227   -2.236  1.00 11.67 ? 101  THR A N   1 
ATOM   792  C  CA  . THR A 1 101 ? -2.224  6.502   -2.280  1.00 12.32 ? 101  THR A CA  1 
ATOM   793  C  C   . THR A 1 101 ? -3.683  6.285   -2.635  1.00 12.22 ? 101  THR A C   1 
ATOM   794  O  O   . THR A 1 101 ? -4.016  5.423   -3.447  1.00 12.15 ? 101  THR A O   1 
ATOM   795  C  CB  . THR A 1 101 ? -1.528  7.477   -3.242  1.00 12.74 ? 101  THR A CB  1 
ATOM   796  O  OG1 . THR A 1 101 ? -1.727  7.089   -4.599  1.00 15.15 ? 101  THR A OG1 1 
ATOM   797  C  CG2 . THR A 1 101 ? -0.062  7.517   -2.934  1.00 12.45 ? 101  THR A CG2 1 
ATOM   798  N  N   . PHE A 1 102 ? -4.550  7.082   -2.017  1.00 11.83 ? 102  PHE A N   1 
ATOM   799  C  CA  . PHE A 1 102 ? -5.983  6.953   -2.146  1.00 11.88 ? 102  PHE A CA  1 
ATOM   800  C  C   . PHE A 1 102 ? -6.666  8.285   -2.403  1.00 12.61 ? 102  PHE A C   1 
ATOM   801  O  O   . PHE A 1 102 ? -6.254  9.334   -1.853  1.00 12.71 ? 102  PHE A O   1 
ATOM   802  C  CB  . PHE A 1 102 ? -6.593  6.420   -0.845  1.00 12.43 ? 102  PHE A CB  1 
ATOM   803  C  CG  . PHE A 1 102 ? -6.055  5.079   -0.433  1.00 11.79 ? 102  PHE A CG  1 
ATOM   804  C  CD1 . PHE A 1 102 ? -6.617  3.907   -0.949  1.00 11.96 ? 102  PHE A CD1 1 
ATOM   805  C  CD2 . PHE A 1 102 ? -4.983  4.980   0.439   1.00 11.88 ? 102  PHE A CD2 1 
ATOM   806  C  CE1 . PHE A 1 102 ? -6.110  2.663   -0.603  1.00 11.82 ? 102  PHE A CE1 1 
ATOM   807  C  CE2 . PHE A 1 102 ? -4.497  3.729   0.816   1.00 12.11 ? 102  PHE A CE2 1 
ATOM   808  C  CZ  . PHE A 1 102 ? -5.063  2.575   0.283   1.00 12.22 ? 102  PHE A CZ  1 
ATOM   809  N  N   . ASN A 1 103 ? -7.738  8.217   -3.180  1.00 12.68 ? 103  ASN A N   1 
ATOM   810  C  CA  . ASN A 1 103 ? -8.748  9.280   -3.216  1.00 13.43 ? 103  ASN A CA  1 
ATOM   811  C  C   . ASN A 1 103 ? -10.101 8.641   -2.932  1.00 13.50 ? 103  ASN A C   1 
ATOM   812  O  O   . ASN A 1 103 ? -10.410 7.625   -3.530  1.00 14.26 ? 103  ASN A O   1 
ATOM   813  C  CB  . ASN A 1 103 ? -8.856  9.954   -4.587  1.00 14.59 ? 103  ASN A CB  1 
ATOM   814  C  CG  . ASN A 1 103 ? -10.150 10.736  -4.747  1.00 15.45 ? 103  ASN A CG  1 
ATOM   815  O  OD1 . ASN A 1 103 ? -11.088 10.259  -5.396  1.00 17.18 ? 103  ASN A OD1 1 
ATOM   816  N  ND2 . ASN A 1 103 ? -10.230 11.905  -4.112  1.00 16.11 ? 103  ASN A ND2 1 
ATOM   817  N  N   . PRO A 1 104 ? -10.904 9.225   -2.040  1.00 13.77 ? 104  PRO A N   1 
ATOM   818  C  CA  . PRO A 1 104 ? -10.569 10.256  -1.071  1.00 13.81 ? 104  PRO A CA  1 
ATOM   819  C  C   . PRO A 1 104 ? -9.710  9.628   0.043   1.00 13.35 ? 104  PRO A C   1 
ATOM   820  O  O   . PRO A 1 104 ? -9.168  8.526   -0.152  1.00 13.52 ? 104  PRO A O   1 
ATOM   821  C  CB  . PRO A 1 104 ? -11.946 10.684  -0.554  1.00 14.23 ? 104  PRO A CB  1 
ATOM   822  C  CG  . PRO A 1 104 ? -12.757 9.430   -0.632  1.00 14.79 ? 104  PRO A CG  1 
ATOM   823  C  CD  . PRO A 1 104 ? -12.297 8.752   -1.885  1.00 14.04 ? 104  PRO A CD  1 
ATOM   824  N  N   . LYS A 1 105 ? -9.589  10.272  1.197   1.00 13.46 ? 105  LYS A N   1 
ATOM   825  C  CA  . LYS A 1 105 ? -8.869  9.647   2.307   1.00 14.90 ? 105  LYS A CA  1 
ATOM   826  C  C   . LYS A 1 105 ? -9.587  8.357   2.749   1.00 14.71 ? 105  LYS A C   1 
ATOM   827  O  O   . LYS A 1 105 ? -10.792 8.195   2.525   1.00 15.16 ? 105  LYS A O   1 
ATOM   828  C  CB  . LYS A 1 105 ? -8.672  10.603  3.484   1.00 16.53 ? 105  LYS A CB  1 
ATOM   829  C  CG  . LYS A 1 105 ? -9.942  10.954  4.257   1.00 18.36 ? 105  LYS A CG  1 
ATOM   830  C  CD  . LYS A 1 105 ? -9.630  11.880  5.430   1.00 19.81 ? 105  LYS A CD  1 
ATOM   831  C  CE  . LYS A 1 105 ? -10.861 12.186  6.272   1.00 24.34 ? 105  LYS A CE  1 
ATOM   832  N  NZ  . LYS A 1 105 ? -11.923 12.851  5.506   1.00 27.29 ? 105  LYS A NZ  1 
ATOM   833  N  N   . ARG A 1 106 ? -8.833  7.475   3.387   1.00 14.60 ? 106  ARG A N   1 
ATOM   834  C  CA  . ARG A 1 106 ? -9.403  6.293   4.043   1.00 14.28 ? 106  ARG A CA  1 
ATOM   835  C  C   . ARG A 1 106 ? -9.788  6.669   5.479   1.00 14.91 ? 106  ARG A C   1 
ATOM   836  O  O   . ARG A 1 106 ? -8.933  6.726   6.348   1.00 14.84 ? 106  ARG A O   1 
ATOM   837  C  CB  . ARG A 1 106 ? -8.386  5.170   4.044   1.00 14.17 ? 106  ARG A CB  1 
ATOM   838  C  CG  . ARG A 1 106 ? -8.147  4.579   2.662   1.00 14.25 ? 106  ARG A CG  1 
ATOM   839  C  CD  . ARG A 1 106 ? -9.196  3.585   2.250   1.00 15.04 ? 106  ARG A CD  1 
ATOM   840  N  NE  . ARG A 1 106 ? -9.276  2.431   3.132   1.00 14.41 ? 106  ARG A NE  1 
ATOM   841  C  CZ  . ARG A 1 106 ? -8.563  1.313   3.030   1.00 15.54 ? 106  ARG A CZ  1 
ATOM   842  N  NH1 . ARG A 1 106 ? -7.650  1.158   2.058   1.00 15.57 ? 106  ARG A NH1 1 
ATOM   843  N  NH2 . ARG A 1 106 ? -8.765  0.340   3.897   1.00 16.15 ? 106  ARG A NH2 1 
ATOM   844  N  N   . ASP A 1 107 ? -11.084 6.885   5.714   1.00 15.88 ? 107  ASP A N   1 
ATOM   845  C  CA  . ASP A 1 107 ? -11.557 7.227   7.060   1.00 16.80 ? 107  ASP A CA  1 
ATOM   846  C  C   . ASP A 1 107 ? -11.217 6.127   8.054   1.00 16.32 ? 107  ASP A C   1 
ATOM   847  O  O   . ASP A 1 107 ? -10.983 6.377   9.230   1.00 17.21 ? 107  ASP A O   1 
ATOM   848  C  CB  . ASP A 1 107 ? -13.081 7.447   7.079   1.00 19.05 ? 107  ASP A CB  1 
ATOM   849  C  CG  . ASP A 1 107 ? -13.530 8.669   6.291   1.00 21.75 ? 107  ASP A CG  1 
ATOM   850  O  OD1 . ASP A 1 107 ? -12.694 9.482   5.891   1.00 25.26 ? 107  ASP A OD1 1 
ATOM   851  O  OD2 . ASP A 1 107 ? -14.752 8.823   6.093   1.00 28.62 ? 107  ASP A OD2 1 
ATOM   852  N  N   . ASP A 1 108 ? -11.191 4.889   7.560   1.00 14.91 ? 108  ASP A N   1 
ATOM   853  C  CA  . ASP A 1 108 ? -10.933 3.726   8.407   1.00 15.54 ? 108  ASP A CA  1 
ATOM   854  C  C   . ASP A 1 108 ? -9.479  3.590   8.846   1.00 16.15 ? 108  ASP A C   1 
ATOM   855  O  O   . ASP A 1 108 ? -9.154  2.721   9.668   1.00 16.73 ? 108  ASP A O   1 
ATOM   856  C  CB  . ASP A 1 108 ? -11.443 2.449   7.754   1.00 15.74 ? 108  ASP A CB  1 
ATOM   857  C  CG  . ASP A 1 108 ? -10.809 2.155   6.392   1.00 16.76 ? 108  ASP A CG  1 
ATOM   858  O  OD1 . ASP A 1 108 ? -10.767 3.072   5.549   1.00 17.12 ? 108  ASP A OD1 1 
ATOM   859  O  OD2 . ASP A 1 108 ? -10.405 0.986   6.166   1.00 18.48 ? 108  ASP A OD2 1 
ATOM   860  N  N   . PHE A 1 109 ? -8.602  4.467   8.348   1.00 16.25 ? 109  PHE A N   1 
ATOM   861  C  CA  . PHE A 1 109 ? -7.210  4.437   8.772   1.00 16.74 ? 109  PHE A CA  1 
ATOM   862  C  C   . PHE A 1 109 ? -6.934  5.459   9.871   1.00 19.01 ? 109  PHE A C   1 
ATOM   863  O  O   . PHE A 1 109 ? -5.829  5.508   10.399  1.00 21.88 ? 109  PHE A O   1 
ATOM   864  C  CB  . PHE A 1 109 ? -6.286  4.671   7.573   1.00 16.24 ? 109  PHE A CB  1 
ATOM   865  C  CG  . PHE A 1 109 ? -6.117  3.475   6.669   1.00 15.52 ? 109  PHE A CG  1 
ATOM   866  C  CD1 . PHE A 1 109 ? -6.626  2.228   6.992   1.00 15.81 ? 109  PHE A CD1 1 
ATOM   867  C  CD2 . PHE A 1 109 ? -5.402  3.607   5.487   1.00 15.26 ? 109  PHE A CD2 1 
ATOM   868  C  CE1 . PHE A 1 109 ? -6.440  1.151   6.159   1.00 15.40 ? 109  PHE A CE1 1 
ATOM   869  C  CE2 . PHE A 1 109 ? -5.180  2.512   4.658   1.00 15.14 ? 109  PHE A CE2 1 
ATOM   870  C  CZ  . PHE A 1 109 ? -5.724  1.285   4.995   1.00 15.42 ? 109  PHE A CZ  1 
ATOM   871  N  N   . LEU A 1 110 ? -7.934  6.263   10.211  1.00 20.53 ? 110  LEU A N   1 
ATOM   872  C  CA  . LEU A 1 110 ? -7.752  7.315   11.206  1.00 23.46 ? 110  LEU A CA  1 
ATOM   873  C  C   . LEU A 1 110 ? -8.313  6.883   12.552  1.00 27.43 ? 110  LEU A C   1 
ATOM   874  O  O   . LEU A 1 110 ? -8.994  5.860   12.680  1.00 28.86 ? 110  LEU A O   1 
ATOM   875  C  CB  . LEU A 1 110 ? -8.402  8.589   10.692  1.00 23.47 ? 110  LEU A CB  1 
ATOM   876  C  CG  . LEU A 1 110 ? -7.743  9.003   9.359   1.00 24.65 ? 110  LEU A CG  1 
ATOM   877  C  CD1 . LEU A 1 110 ? -8.340  10.283  8.846   1.00 25.52 ? 110  LEU A CD1 1 
ATOM   878  C  CD2 . LEU A 1 110 ? -6.233  9.141   9.528   1.00 25.21 ? 110  LEU A CD2 1 
ATOM   879  O  OXT . LEU A 1 110 ? -8.071  7.567   13.550  1.00 34.81 ? 110  LEU A OXT 1 
HETATM 880  NI NI  . NI  B 2 .   ? -6.406  -1.617  -1.657  0.88 11.89 ? 1111 NI  A NI  1 
HETATM 881  C  C1  . MLA C 3 .   ? -3.721  -2.454  -0.585  1.00 15.76 ? 1112 MLA A C1  1 
HETATM 882  O  O1A . MLA C 3 .   ? -4.429  -2.305  -1.579  1.00 15.02 ? 1112 MLA A O1A 1 
HETATM 883  O  O1B . MLA C 3 .   ? -2.526  -2.857  -0.657  1.00 17.86 ? 1112 MLA A O1B 1 
HETATM 884  C  C2  . MLA C 3 .   ? -4.264  -2.290  0.824   1.00 16.13 ? 1112 MLA A C2  1 
HETATM 885  C  C3  . MLA C 3 .   ? -5.238  -1.149  1.073   1.00 15.18 ? 1112 MLA A C3  1 
HETATM 886  O  O3A . MLA C 3 .   ? -6.013  -0.789  0.181   1.00 14.41 ? 1112 MLA A O3A 1 
HETATM 887  O  O3B . MLA C 3 .   ? -5.219  -0.649  2.232   1.00 16.05 ? 1112 MLA A O3B 1 
HETATM 888  O  O   . HOH D 4 .   ? 4.226   18.747  9.976   1.00 23.69 ? 2001 HOH A O   1 
HETATM 889  O  O   . HOH D 4 .   ? 3.286   14.042  10.626  1.00 37.36 ? 2002 HOH A O   1 
HETATM 890  O  O   . HOH D 4 .   ? 4.501   21.679  10.203  1.00 48.23 ? 2003 HOH A O   1 
HETATM 891  O  O   . HOH D 4 .   ? 0.632   14.711  14.389  1.00 43.65 ? 2004 HOH A O   1 
HETATM 892  O  O   . HOH D 4 .   ? 6.647   -1.782  20.338  1.00 46.01 ? 2005 HOH A O   1 
HETATM 893  O  O   . HOH D 4 .   ? 14.567  11.736  10.561  1.00 17.29 ? 2006 HOH A O   1 
HETATM 894  O  O   . HOH D 4 .   ? 15.210  4.822   6.213   1.00 30.10 ? 2007 HOH A O   1 
HETATM 895  O  O   . HOH D 4 .   ? 11.604  -0.104  7.135   1.00 33.61 ? 2008 HOH A O   1 
HETATM 896  O  O   . HOH D 4 .   ? 11.699  3.252   3.848   1.00 22.19 ? 2009 HOH A O   1 
HETATM 897  O  O   . HOH D 4 .   ? 5.850   16.026  11.684  1.00 31.37 ? 2010 HOH A O   1 
HETATM 898  O  O   . HOH D 4 .   ? 4.435   -2.190  18.406  1.00 43.05 ? 2011 HOH A O   1 
HETATM 899  O  O   . HOH D 4 .   ? 2.224   4.357   18.944  1.00 49.53 ? 2012 HOH A O   1 
HETATM 900  O  O   . HOH D 4 .   ? 6.080   12.542  11.029  1.00 24.17 ? 2013 HOH A O   1 
HETATM 901  O  O   . HOH D 4 .   ? 13.037  10.038  8.720   1.00 15.99 ? 2014 HOH A O   1 
HETATM 902  O  O   . HOH D 4 .   ? 7.994   5.780   4.548   1.00 16.98 ? 2015 HOH A O   1 
HETATM 903  O  O   . HOH D 4 .   ? 10.677  2.962   9.778   1.00 15.82 ? 2016 HOH A O   1 
HETATM 904  O  O   . HOH D 4 .   ? 13.587  6.316   7.328   1.00 22.01 ? 2017 HOH A O   1 
HETATM 905  O  O   . HOH D 4 .   ? 11.400  2.398   6.821   1.00 23.91 ? 2018 HOH A O   1 
HETATM 906  O  O   . HOH D 4 .   ? -2.317  -12.015 13.320  1.00 44.65 ? 2019 HOH A O   1 
HETATM 907  O  O   . HOH D 4 .   ? -3.664  -17.755 11.345  1.00 39.34 ? 2020 HOH A O   1 
HETATM 908  O  O   . HOH D 4 .   ? 16.672  9.942   11.307  1.00 23.31 ? 2021 HOH A O   1 
HETATM 909  O  O   . HOH D 4 .   ? 11.405  8.623   16.935  1.00 37.70 ? 2022 HOH A O   1 
HETATM 910  O  O   . HOH D 4 .   ? 12.409  -3.119  15.476  1.00 41.97 ? 2023 HOH A O   1 
HETATM 911  O  O   . HOH D 4 .   ? 13.240  -0.524  9.579   1.00 49.05 ? 2024 HOH A O   1 
HETATM 912  O  O   . HOH D 4 .   ? -2.217  -3.788  3.754   1.00 24.86 ? 2025 HOH A O   1 
HETATM 913  O  O   . HOH D 4 .   ? -0.633  11.380  11.634  1.00 41.90 ? 2026 HOH A O   1 
HETATM 914  O  O   . HOH D 4 .   ? 6.909   13.870  13.167  1.00 20.32 ? 2027 HOH A O   1 
HETATM 915  O  O   . HOH D 4 .   ? 13.966  12.683  13.114  1.00 25.24 ? 2028 HOH A O   1 
HETATM 916  O  O   . HOH D 4 .   ? 9.628   10.219  17.284  1.00 29.36 ? 2029 HOH A O   1 
HETATM 917  O  O   . HOH D 4 .   ? -9.767  19.771  1.816   1.00 35.62 ? 2030 HOH A O   1 
HETATM 918  O  O   . HOH D 4 .   ? 3.883   11.212  11.715  1.00 26.32 ? 2031 HOH A O   1 
HETATM 919  O  O   . HOH D 4 .   ? -14.823 12.424  -2.123  1.00 39.88 ? 2032 HOH A O   1 
HETATM 920  O  O   . HOH D 4 .   ? -13.604 14.623  -5.561  0.50 38.92 ? 2033 HOH A O   1 
HETATM 921  O  O   . HOH D 4 .   ? -16.149 14.296  -4.094  1.00 53.09 ? 2034 HOH A O   1 
HETATM 922  O  O   . HOH D 4 .   ? 1.637   4.922   12.906  1.00 24.79 ? 2035 HOH A O   1 
HETATM 923  O  O   . HOH D 4 .   ? 1.753   2.130   16.585  1.00 34.79 ? 2036 HOH A O   1 
HETATM 924  O  O   . HOH D 4 .   ? 5.363   -0.706  16.373  1.00 27.09 ? 2037 HOH A O   1 
HETATM 925  O  O   . HOH D 4 .   ? 7.330   0.928   15.417  1.00 17.50 ? 2038 HOH A O   1 
HETATM 926  O  O   . HOH D 4 .   ? -5.772  1.748   13.067  1.00 42.68 ? 2039 HOH A O   1 
HETATM 927  O  O   . HOH D 4 .   ? -4.314  3.132   10.566  1.00 31.58 ? 2040 HOH A O   1 
HETATM 928  O  O   . HOH D 4 .   ? -5.395  -2.782  11.553  1.00 28.09 ? 2041 HOH A O   1 
HETATM 929  O  O   . HOH D 4 .   ? 1.092   -2.088  16.306  1.00 28.03 ? 2042 HOH A O   1 
HETATM 930  O  O   . HOH D 4 .   ? -2.760  -6.417  14.652  1.00 39.29 ? 2043 HOH A O   1 
HETATM 931  O  O   . HOH D 4 .   ? 2.577   -7.321  11.675  1.00 20.41 ? 2044 HOH A O   1 
HETATM 932  O  O   . HOH D 4 .   ? 5.914   -6.924  10.482  1.00 37.10 ? 2045 HOH A O   1 
HETATM 933  O  O   . HOH D 4 .   ? 6.863   -2.707  15.062  1.00 35.00 ? 2046 HOH A O   1 
HETATM 934  O  O   . HOH D 4 .   ? 8.824   -2.872  13.633  1.00 37.23 ? 2047 HOH A O   1 
HETATM 935  O  O   . HOH D 4 .   ? 1.990   -16.804 -2.114  1.00 45.91 ? 2048 HOH A O   1 
HETATM 936  O  O   . HOH D 4 .   ? -2.247  -14.487 -3.100  1.00 32.79 ? 2049 HOH A O   1 
HETATM 937  O  O   . HOH D 4 .   ? -3.335  -9.912  9.422   1.00 24.49 ? 2050 HOH A O   1 
HETATM 938  O  O   . HOH D 4 .   ? -1.680  -8.075  7.166   1.00 27.30 ? 2051 HOH A O   1 
HETATM 939  O  O   . HOH D 4 .   ? 3.660   -10.030 11.455  1.00 24.06 ? 2052 HOH A O   1 
HETATM 940  O  O   . HOH D 4 .   ? 0.380   -12.644 12.597  1.00 30.19 ? 2053 HOH A O   1 
HETATM 941  O  O   . HOH D 4 .   ? 0.854   -12.782 4.895   1.00 23.90 ? 2054 HOH A O   1 
HETATM 942  O  O   . HOH D 4 .   ? -4.242  -14.615 10.404  1.00 37.11 ? 2055 HOH A O   1 
HETATM 943  O  O   . HOH D 4 .   ? -1.413  -16.437 10.695  1.00 47.17 ? 2056 HOH A O   1 
HETATM 944  O  O   . HOH D 4 .   ? -16.887 -0.432  1.860   1.00 40.77 ? 2057 HOH A O   1 
HETATM 945  O  O   . HOH D 4 .   ? -15.703 2.987   1.949   1.00 42.88 ? 2058 HOH A O   1 
HETATM 946  O  O   . HOH D 4 .   ? -16.170 10.004  -2.333  1.00 47.44 ? 2059 HOH A O   1 
HETATM 947  O  O   . HOH D 4 .   ? 6.654   -6.216  7.795   1.00 22.74 ? 2060 HOH A O   1 
HETATM 948  O  O   . HOH D 4 .   ? 10.925  -1.679  13.336  1.00 36.49 ? 2061 HOH A O   1 
HETATM 949  O  O   . HOH D 4 .   ? 8.691   -5.878  11.849  1.00 46.11 ? 2062 HOH A O   1 
HETATM 950  O  O   . HOH D 4 .   ? 11.013  -2.522  9.298   1.00 34.79 ? 2063 HOH A O   1 
HETATM 951  O  O   . HOH D 4 .   ? -2.317  -0.942  4.918   1.00 28.86 ? 2064 HOH A O   1 
HETATM 952  O  O   . HOH D 4 .   ? -7.542  -0.958  9.379   1.00 24.06 ? 2065 HOH A O   1 
HETATM 953  O  O   . HOH D 4 .   ? -6.869  1.368   10.811  1.00 33.42 ? 2066 HOH A O   1 
HETATM 954  O  O   . HOH D 4 .   ? 15.320  -2.060  1.354   1.00 42.27 ? 2067 HOH A O   1 
HETATM 955  O  O   . HOH D 4 .   ? 14.165  -6.664  -8.262  1.00 36.78 ? 2068 HOH A O   1 
HETATM 956  O  O   . HOH D 4 .   ? 12.563  -8.225  -9.256  1.00 40.84 ? 2069 HOH A O   1 
HETATM 957  O  O   . HOH D 4 .   ? 9.007   -14.429 -8.874  1.00 43.15 ? 2070 HOH A O   1 
HETATM 958  O  O   . HOH D 4 .   ? -0.403  4.479   11.152  1.00 20.03 ? 2071 HOH A O   1 
HETATM 959  O  O   . HOH D 4 .   ? 1.844   9.920   10.509  1.00 27.79 ? 2072 HOH A O   1 
HETATM 960  O  O   . HOH D 4 .   ? -10.755 -10.868 -9.460  1.00 35.89 ? 2073 HOH A O   1 
HETATM 961  O  O   . HOH D 4 .   ? 0.039   12.899  9.336   1.00 30.39 ? 2074 HOH A O   1 
HETATM 962  O  O   . HOH D 4 .   ? 0.283   -15.547 -14.401 1.00 46.41 ? 2075 HOH A O   1 
HETATM 963  O  O   . HOH D 4 .   ? 11.751  -8.198  -11.656 1.00 35.70 ? 2076 HOH A O   1 
HETATM 964  O  O   . HOH D 4 .   ? 17.631  0.448   -9.571  1.00 50.40 ? 2077 HOH A O   1 
HETATM 965  O  O   . HOH D 4 .   ? -6.290  16.986  6.689   1.00 33.70 ? 2078 HOH A O   1 
HETATM 966  O  O   . HOH D 4 .   ? -8.717  15.378  6.393   1.00 31.10 ? 2079 HOH A O   1 
HETATM 967  O  O   . HOH D 4 .   ? -8.537  14.340  9.300   1.00 41.13 ? 2080 HOH A O   1 
HETATM 968  O  O   . HOH D 4 .   ? 15.752  1.139   -6.702  1.00 41.45 ? 2081 HOH A O   1 
HETATM 969  O  O   . HOH D 4 .   ? 17.413  3.221   -8.688  1.00 41.12 ? 2082 HOH A O   1 
HETATM 970  O  O   . HOH D 4 .   ? -9.068  18.013  0.244   1.00 25.99 ? 2083 HOH A O   1 
HETATM 971  O  O   . HOH D 4 .   ? -8.723  18.584  3.558   1.00 27.16 ? 2084 HOH A O   1 
HETATM 972  O  O   . HOH D 4 .   ? -12.940 12.582  2.811   1.00 26.88 ? 2085 HOH A O   1 
HETATM 973  O  O   . HOH D 4 .   ? -13.777 14.069  0.406   1.00 43.37 ? 2086 HOH A O   1 
HETATM 974  O  O   . HOH D 4 .   ? -12.152 19.495  2.268   1.00 46.79 ? 2087 HOH A O   1 
HETATM 975  O  O   . HOH D 4 .   ? -13.871 1.843   -13.862 1.00 41.83 ? 2088 HOH A O   1 
HETATM 976  O  O   . HOH D 4 .   ? -14.032 4.480   -11.776 1.00 45.02 ? 2089 HOH A O   1 
HETATM 977  O  O   . HOH D 4 .   ? -17.082 -1.592  -11.728 1.00 44.60 ? 2090 HOH A O   1 
HETATM 978  O  O   . HOH D 4 .   ? -12.551 13.481  -3.455  1.00 24.90 ? 2091 HOH A O   1 
HETATM 979  O  O   . HOH D 4 .   ? -13.115 18.331  -0.017  1.00 38.17 ? 2092 HOH A O   1 
HETATM 980  O  O   . HOH D 4 .   ? 8.579   -16.645 0.206   1.00 43.43 ? 2093 HOH A O   1 
HETATM 981  O  O   . HOH D 4 .   ? 10.251  -15.072 -6.043  1.00 55.25 ? 2094 HOH A O   1 
HETATM 982  O  O   . HOH D 4 .   ? 13.163  1.312   2.287   1.00 26.39 ? 2095 HOH A O   1 
HETATM 983  O  O   . HOH D 4 .   ? 12.668  -1.663  5.351   1.00 27.32 ? 2096 HOH A O   1 
HETATM 984  O  O   . HOH D 4 .   ? -15.635 9.776   1.633   1.00 38.57 ? 2097 HOH A O   1 
HETATM 985  O  O   . HOH D 4 .   ? -16.727 11.926  3.566   1.00 49.97 ? 2098 HOH A O   1 
HETATM 986  O  O   . HOH D 4 .   ? -14.632 3.998   6.400   1.00 32.25 ? 2099 HOH A O   1 
HETATM 987  O  O   . HOH D 4 .   ? -4.914  9.441   13.306  1.00 50.12 ? 2100 HOH A O   1 
HETATM 988  O  O   . HOH D 4 .   ? 11.099  -7.841  6.026   1.00 26.26 ? 2101 HOH A O   1 
HETATM 989  O  O   . HOH D 4 .   ? 6.705   -9.499  10.738  1.00 33.66 ? 2102 HOH A O   1 
HETATM 990  O  O   . HOH D 4 .   ? 6.793   -12.822 8.347   1.00 32.42 ? 2103 HOH A O   1 
HETATM 991  O  O   . HOH D 4 .   ? 9.296   -14.320 5.839   1.00 37.11 ? 2104 HOH A O   1 
HETATM 992  O  O   . HOH D 4 .   ? 12.845  -16.833 -3.331  1.00 56.72 ? 2105 HOH A O   1 
HETATM 993  O  O   . HOH D 4 .   ? 3.656   -16.465 0.215   1.00 30.32 ? 2106 HOH A O   1 
HETATM 994  O  O   . HOH D 4 .   ? -3.373  -9.140  3.838   1.00 19.71 ? 2107 HOH A O   1 
HETATM 995  O  O   . HOH D 4 .   ? -4.123  -6.450  0.380   1.00 18.61 ? 2108 HOH A O   1 
HETATM 996  O  O   . HOH D 4 .   ? -3.242  -11.831 -2.623  1.00 21.25 ? 2109 HOH A O   1 
HETATM 997  O  O   . HOH D 4 .   ? -5.652  -13.130 -1.699  1.00 19.12 ? 2110 HOH A O   1 
HETATM 998  O  O   . HOH D 4 .   ? -10.972 -9.266  0.878   1.00 17.76 ? 2111 HOH A O   1 
HETATM 999  O  O   . HOH D 4 .   ? -9.962  -12.348 -1.164  1.00 20.99 ? 2112 HOH A O   1 
HETATM 1000 O  O   . HOH D 4 .   ? -6.062  -4.509  2.307   1.00 36.63 ? 2113 HOH A O   1 
HETATM 1001 O  O   . HOH D 4 .   ? -12.785 -5.940  -0.174  1.00 28.25 ? 2114 HOH A O   1 
HETATM 1002 O  O   . HOH D 4 .   ? -10.776 -1.469  -5.610  1.00 13.85 ? 2115 HOH A O   1 
HETATM 1003 O  O   . HOH D 4 .   ? -12.147 -0.398  1.563   1.00 22.38 ? 2116 HOH A O   1 
HETATM 1004 O  O   . HOH D 4 .   ? -14.813 -0.856  0.386   1.00 30.66 ? 2117 HOH A O   1 
HETATM 1005 O  O   . HOH D 4 .   ? -14.161 2.123   -0.408  1.00 19.48 ? 2118 HOH A O   1 
HETATM 1006 O  O   . HOH D 4 .   ? -18.725 2.812   -6.295  1.00 47.10 ? 2119 HOH A O   1 
HETATM 1007 O  O   . HOH D 4 .   ? -19.493 2.133   0.310   1.00 44.41 ? 2120 HOH A O   1 
HETATM 1008 O  O   . HOH D 4 .   ? -12.440 7.791   -5.859  1.00 23.95 ? 2121 HOH A O   1 
HETATM 1009 O  O   . HOH D 4 .   ? -15.509 8.269   -4.143  1.00 30.63 ? 2122 HOH A O   1 
HETATM 1010 O  O   . HOH D 4 .   ? -9.421  0.937   -5.522  1.00 13.60 ? 2123 HOH A O   1 
HETATM 1011 O  O   . HOH D 4 .   ? -13.097 6.303   3.784   1.00 20.84 ? 2124 HOH A O   1 
HETATM 1012 O  O   . HOH D 4 .   ? -11.842 5.669   -11.263 1.00 45.82 ? 2125 HOH A O   1 
HETATM 1013 O  O   . HOH D 4 .   ? -1.132  -1.726  -2.509  1.00 20.72 ? 2126 HOH A O   1 
HETATM 1014 O  O   . HOH D 4 .   ? 12.111  3.612   -4.843  1.00 21.02 ? 2127 HOH A O   1 
HETATM 1015 O  O   . HOH D 4 .   ? 11.275  5.841   -8.774  1.00 16.61 ? 2128 HOH A O   1 
HETATM 1016 O  O   . HOH D 4 .   ? 14.394  1.484   -2.527  1.00 41.79 ? 2129 HOH A O   1 
HETATM 1017 O  O   . HOH D 4 .   ? 13.315  2.530   -0.363  1.00 34.34 ? 2130 HOH A O   1 
HETATM 1018 O  O   . HOH D 4 .   ? 14.694  -2.480  -3.248  1.00 26.37 ? 2131 HOH A O   1 
HETATM 1019 O  O   . HOH D 4 .   ? 14.114  -4.503  -0.062  1.00 38.23 ? 2132 HOH A O   1 
HETATM 1020 O  O   . HOH D 4 .   ? 13.673  -4.120  -6.431  1.00 29.73 ? 2133 HOH A O   1 
HETATM 1021 O  O   . HOH D 4 .   ? 11.846  -10.375 -7.404  1.00 29.61 ? 2134 HOH A O   1 
HETATM 1022 O  O   . HOH D 4 .   ? -0.354  -11.871 -6.402  1.00 26.78 ? 2135 HOH A O   1 
HETATM 1023 O  O   . HOH D 4 .   ? 4.883   -15.363 -6.614  1.00 54.00 ? 2136 HOH A O   1 
HETATM 1024 O  O   . HOH D 4 .   ? 3.772   -12.970 -12.840 1.00 33.05 ? 2137 HOH A O   1 
HETATM 1025 O  O   . HOH D 4 .   ? 6.328   -14.382 -8.590  1.00 42.87 ? 2138 HOH A O   1 
HETATM 1026 O  O   . HOH D 4 .   ? -6.644  -9.620  -7.055  1.00 22.48 ? 2139 HOH A O   1 
HETATM 1027 O  O   . HOH D 4 .   ? -5.348  -11.903 -6.171  1.00 30.55 ? 2140 HOH A O   1 
HETATM 1028 O  O   . HOH D 4 .   ? -7.944  -10.542 -9.242  1.00 23.63 ? 2141 HOH A O   1 
HETATM 1029 O  O   . HOH D 4 .   ? -14.195 -4.471  -11.603 1.00 34.03 ? 2142 HOH A O   1 
HETATM 1030 O  O   . HOH D 4 .   ? -10.674 -11.932 -12.612 1.00 51.49 ? 2143 HOH A O   1 
HETATM 1031 O  O   . HOH D 4 .   ? -1.998  -12.721 -15.564 1.00 39.14 ? 2144 HOH A O   1 
HETATM 1032 O  O   . HOH D 4 .   ? -0.946  -7.280  -17.585 1.00 32.22 ? 2145 HOH A O   1 
HETATM 1033 O  O   . HOH D 4 .   ? -9.049  -5.666  -16.222 1.00 47.04 ? 2146 HOH A O   1 
HETATM 1034 O  O   . HOH D 4 .   ? 1.956   -13.256 -14.942 1.00 36.87 ? 2147 HOH A O   1 
HETATM 1035 O  O   . HOH D 4 .   ? 5.847   -7.459  -14.950 1.00 18.83 ? 2148 HOH A O   1 
HETATM 1036 O  O   . HOH D 4 .   ? 0.637   -3.700  -18.715 1.00 42.18 ? 2149 HOH A O   1 
HETATM 1037 O  O   . HOH D 4 .   ? 5.214   -10.593 -14.519 1.00 30.30 ? 2150 HOH A O   1 
HETATM 1038 O  O   . HOH D 4 .   ? 8.776   -4.955  -13.544 1.00 25.39 ? 2151 HOH A O   1 
HETATM 1039 O  O   . HOH D 4 .   ? 9.699   -6.726  -12.131 1.00 25.77 ? 2152 HOH A O   1 
HETATM 1040 O  O   . HOH D 4 .   ? 14.362  -1.389  -9.507  1.00 33.00 ? 2153 HOH A O   1 
HETATM 1041 O  O   . HOH D 4 .   ? 11.538  -0.494  -11.610 1.00 18.22 ? 2154 HOH A O   1 
HETATM 1042 O  O   . HOH D 4 .   ? 13.438  2.343   -7.017  1.00 43.71 ? 2155 HOH A O   1 
HETATM 1043 O  O   . HOH D 4 .   ? 14.105  2.009   -9.311  1.00 26.80 ? 2156 HOH A O   1 
HETATM 1044 O  O   . HOH D 4 .   ? -2.624  -5.052  -4.521  1.00 20.35 ? 2157 HOH A O   1 
HETATM 1045 O  O   . HOH D 4 .   ? -6.501  -0.045  -12.901 1.00 15.38 ? 2158 HOH A O   1 
HETATM 1046 O  O   . HOH D 4 .   ? -8.629  -0.346  -15.243 1.00 23.82 ? 2159 HOH A O   1 
HETATM 1047 O  O   . HOH D 4 .   ? -6.135  1.602   -18.624 1.00 39.43 ? 2160 HOH A O   1 
HETATM 1048 O  O   . HOH D 4 .   ? -14.309 2.079   -11.150 1.00 31.50 ? 2161 HOH A O   1 
HETATM 1049 O  O   . HOH D 4 .   ? -14.271 -1.552  -11.486 1.00 33.78 ? 2162 HOH A O   1 
HETATM 1050 O  O   . HOH D 4 .   ? -14.268 9.046   -7.822  1.00 42.15 ? 2163 HOH A O   1 
HETATM 1051 O  O   . HOH D 4 .   ? -14.805 7.358   -10.581 1.00 44.71 ? 2164 HOH A O   1 
HETATM 1052 O  O   . HOH D 4 .   ? -12.646 -0.984  -13.802 1.00 31.84 ? 2165 HOH A O   1 
HETATM 1053 O  O   . HOH D 4 .   ? -10.634 -3.769  -14.786 1.00 32.04 ? 2166 HOH A O   1 
HETATM 1054 O  O   . HOH D 4 .   ? -13.646 -9.482  -1.948  1.00 48.06 ? 2167 HOH A O   1 
HETATM 1055 O  O   . HOH D 4 .   ? -2.969  -11.373 -5.162  1.00 28.92 ? 2168 HOH A O   1 
HETATM 1056 O  O   . HOH D 4 .   ? 7.228   -14.791 -1.969  1.00 27.13 ? 2169 HOH A O   1 
HETATM 1057 O  O   . HOH D 4 .   ? 10.409  -14.997 -3.217  1.00 41.22 ? 2170 HOH A O   1 
HETATM 1058 O  O   . HOH D 4 .   ? 15.121  -7.476  0.140   1.00 42.70 ? 2171 HOH A O   1 
HETATM 1059 O  O   . HOH D 4 .   ? 15.780  -5.324  -3.794  1.00 44.67 ? 2172 HOH A O   1 
HETATM 1060 O  O   . HOH D 4 .   ? 14.650  -6.797  -6.017  1.00 48.29 ? 2173 HOH A O   1 
HETATM 1061 O  O   . HOH D 4 .   ? 14.605  -11.440 0.665   1.00 32.72 ? 2174 HOH A O   1 
HETATM 1062 O  O   . HOH D 4 .   ? 11.139  -12.588 7.104   1.00 46.79 ? 2175 HOH A O   1 
HETATM 1063 O  O   . HOH D 4 .   ? 13.079  -1.449  2.624   1.00 21.82 ? 2176 HOH A O   1 
HETATM 1064 O  O   . HOH D 4 .   ? 13.479  -8.393  7.443   1.00 36.41 ? 2177 HOH A O   1 
HETATM 1065 O  O   . HOH D 4 .   ? 16.459  -6.684  3.035   1.00 42.59 ? 2178 HOH A O   1 
HETATM 1066 O  O   . HOH D 4 .   ? 12.393  -5.459  8.853   1.00 44.37 ? 2179 HOH A O   1 
HETATM 1067 O  O   . HOH D 4 .   ? 15.249  -2.390  5.993   1.00 42.83 ? 2180 HOH A O   1 
HETATM 1068 O  O   . HOH D 4 .   ? -2.788  0.683   2.707   1.00 16.83 ? 2181 HOH A O   1 
HETATM 1069 O  O   . HOH D 4 .   ? -0.923  -2.987  1.307   1.00 29.54 ? 2182 HOH A O   1 
HETATM 1070 O  O   . HOH D 4 .   ? -13.871 10.682  -5.225  1.00 30.78 ? 2183 HOH A O   1 
HETATM 1071 O  O   . HOH D 4 .   ? -13.099 9.765   2.963   1.00 22.35 ? 2184 HOH A O   1 
HETATM 1072 O  O   . HOH D 4 .   ? -15.121 11.724  6.081   1.00 47.15 ? 2185 HOH A O   1 
HETATM 1073 O  O   . HOH D 4 .   ? -8.001  -2.414  2.487   1.00 27.94 ? 2186 HOH A O   1 
HETATM 1074 O  O   . HOH D 4 .   ? -12.285 8.006   10.980  1.00 32.89 ? 2187 HOH A O   1 
HETATM 1075 O  O   . HOH D 4 .   ? -15.598 7.336   3.286   1.00 47.28 ? 2188 HOH A O   1 
HETATM 1076 O  O   . HOH D 4 .   ? -16.803 6.738   5.676   1.00 49.91 ? 2189 HOH A O   1 
HETATM 1077 O  O   . HOH D 4 .   ? -7.796  3.287   12.432  1.00 34.29 ? 2190 HOH A O   1 
HETATM 1078 O  O   . HOH D 4 .   ? -12.845 1.228   3.689   1.00 36.65 ? 2191 HOH A O   1 
HETATM 1079 O  O   . HOH D 4 .   ? -13.237 3.731   4.217   1.00 35.54 ? 2192 HOH A O   1 
HETATM 1080 O  O   . HOH D 4 .   ? -9.933  -0.910  8.036   1.00 22.93 ? 2193 HOH A O   1 
HETATM 1081 O  O   . HOH D 4 .   ? -3.820  7.870   11.324  1.00 43.77 ? 2194 HOH A O   1 
HETATM 1082 O  O   . HOH D 4 .   ? -2.576  -5.512  -1.787  1.00 24.28 ? 2195 HOH A O   1 
HETATM 1083 O  O   . HOH D 4 .   ? -4.960  -2.709  4.074   1.00 25.26 ? 2196 HOH A O   1 
# 
